data_3AZQ
#
_entry.id   3AZQ
#
_cell.length_a   84.430
_cell.length_b   142.680
_cell.length_c   156.310
_cell.angle_alpha   90.00
_cell.angle_beta   90.00
_cell.angle_gamma   90.00
#
_symmetry.space_group_name_H-M   'P 21 21 21'
#
loop_
_entity.id
_entity.type
_entity.pdbx_description
1 polymer Aminopeptidase
2 polymer 'tripeptide PGG'
3 non-polymer 'SULFATE ION'
4 water water
#
loop_
_entity_poly.entity_id
_entity_poly.type
_entity_poly.pdbx_seq_one_letter_code
_entity_poly.pdbx_strand_id
1 'polypeptide(L)'
;MVSTAPYGAWQSPIDAALVASRSGRPACVGAVGDEVWWVAPRPAEAGRATLVRRRADGAEESALPAPWNVRNRVFEYSGF
PWAGVPRPAGGPLLVFTHFGDQRLYAFEPDAPGGAVPRPLTPVSAVGGGLRWADPVLLPERGEVWCMAEEFTGEGPSDVR
RFLAAVPLDGSAAADRSAVRELSDDAHRFVTGPRLSPDGRQAVWLAWDHPRMPWEGTELKTARVTEDGRFADTRTLLGGP
EEAIAQAEWAPDGSLIVATDRTGWWNLHRVDPATGAATQLCRREEEFAGPLWTPGMRWFAPLANGLIAVVHGKGAAVLGI
LDPESGELVDAAGPWTEWAATLTVSGTRAVGVAASPRTAYEVVELDTVTGRARTIGARHTDPVDPAYYPEPQIRTFTAPD
GREIHAHIYPPHSPDFTGPADELPPYVVMAHGGPTSRVPAVLDLDVAYFTSRGIGVADVNYGGSTGYGRAYRERLRGRWG
VVDVEDCAAVATALAEEGTADRARLAVRGGAAGGWTAASSLVSTDVYACGTVLYPVLDLLGWADGGTHDFESRYLDFLIG
SFEEFPERYRDRAPLTRADRVRVPFLLLQGLEDPVCPPEQCDRFLEAVAGCGVPHAYLSFEGEGHGFRRKETMVRALEAE
LSLYAQVFGVEVAGVPLLKLGE
;
A,B
2 'polypeptide(L)' PGG C,D
#
loop_
_chem_comp.id
_chem_comp.type
_chem_comp.name
_chem_comp.formula
SO4 non-polymer 'SULFATE ION' 'O4 S -2'
#
# COMPACT_ATOMS: atom_id res chain seq x y z
N VAL A 2 -55.61 12.80 7.39
CA VAL A 2 -55.57 12.11 6.07
C VAL A 2 -56.90 12.22 5.36
N SER A 3 -56.89 12.66 4.11
CA SER A 3 -58.13 12.80 3.35
C SER A 3 -58.01 12.24 1.94
N THR A 4 -59.16 11.95 1.33
CA THR A 4 -59.19 11.39 -0.01
C THR A 4 -59.20 12.44 -1.09
N ALA A 5 -58.49 12.17 -2.19
CA ALA A 5 -58.43 13.10 -3.31
C ALA A 5 -58.05 12.31 -4.56
N PRO A 6 -58.42 12.83 -5.74
CA PRO A 6 -58.09 12.14 -7.00
C PRO A 6 -56.59 12.01 -7.12
N TYR A 7 -56.12 10.93 -7.73
CA TYR A 7 -54.69 10.74 -7.90
C TYR A 7 -54.11 11.85 -8.75
N GLY A 8 -52.95 12.37 -8.35
CA GLY A 8 -52.30 13.44 -9.09
C GLY A 8 -52.68 14.82 -8.58
N ALA A 9 -53.73 14.88 -7.77
CA ALA A 9 -54.19 16.16 -7.25
C ALA A 9 -53.78 16.44 -5.80
N TRP A 10 -53.02 15.53 -5.20
CA TRP A 10 -52.61 15.69 -3.81
C TRP A 10 -51.66 16.86 -3.61
N GLN A 11 -51.83 17.54 -2.50
CA GLN A 11 -50.98 18.67 -2.14
C GLN A 11 -49.64 18.12 -1.64
N SER A 12 -48.55 18.56 -2.26
CA SER A 12 -47.22 18.12 -1.87
C SER A 12 -46.27 19.27 -1.59
N PRO A 13 -45.45 19.15 -0.54
CA PRO A 13 -44.49 20.17 -0.14
C PRO A 13 -43.24 20.15 -1.03
N ILE A 14 -43.20 19.23 -1.99
CA ILE A 14 -42.05 19.12 -2.87
C ILE A 14 -42.30 19.83 -4.20
N ASP A 15 -41.82 21.06 -4.31
CA ASP A 15 -42.00 21.84 -5.52
C ASP A 15 -40.78 21.72 -6.44
N ALA A 16 -40.98 21.98 -7.73
CA ALA A 16 -39.92 21.89 -8.72
C ALA A 16 -38.66 22.60 -8.25
N ALA A 17 -38.83 23.75 -7.64
CA ALA A 17 -37.68 24.52 -7.14
C ALA A 17 -36.84 23.66 -6.21
N LEU A 18 -37.50 22.94 -5.30
CA LEU A 18 -36.78 22.08 -4.37
C LEU A 18 -36.05 20.99 -5.16
N VAL A 19 -36.76 20.35 -6.07
CA VAL A 19 -36.18 19.28 -6.88
C VAL A 19 -34.86 19.72 -7.51
N ALA A 20 -34.91 20.81 -8.27
CA ALA A 20 -33.74 21.33 -8.94
C ALA A 20 -32.63 21.60 -7.94
N SER A 21 -32.97 22.36 -6.91
CA SER A 21 -32.04 22.73 -5.86
C SER A 21 -31.22 21.56 -5.35
N ARG A 22 -31.87 20.40 -5.20
CA ARG A 22 -31.20 19.22 -4.67
C ARG A 22 -30.77 18.20 -5.73
N SER A 23 -30.81 18.58 -7.00
CA SER A 23 -30.42 17.63 -8.04
C SER A 23 -28.92 17.42 -8.07
N GLY A 24 -28.50 16.32 -8.69
CA GLY A 24 -27.08 16.03 -8.78
C GLY A 24 -26.55 15.31 -7.55
N ARG A 25 -25.25 15.09 -7.50
CA ARG A 25 -24.63 14.40 -6.37
C ARG A 25 -23.14 14.66 -6.33
N PRO A 26 -22.48 14.29 -5.21
CA PRO A 26 -21.04 14.51 -5.13
C PRO A 26 -20.48 13.63 -6.23
N ALA A 27 -19.35 14.00 -6.80
CA ALA A 27 -18.77 13.21 -7.87
C ALA A 27 -17.26 13.32 -7.97
N CYS A 28 -16.65 12.36 -8.66
CA CYS A 28 -15.21 12.36 -8.85
C CYS A 28 -14.46 12.64 -7.55
N VAL A 29 -14.79 11.86 -6.51
CA VAL A 29 -14.18 12.00 -5.20
C VAL A 29 -12.71 11.63 -5.26
N GLY A 30 -11.90 12.21 -4.36
CA GLY A 30 -10.48 11.90 -4.33
C GLY A 30 -9.80 12.39 -3.08
N ALA A 31 -8.85 11.62 -2.57
CA ALA A 31 -8.13 11.99 -1.36
C ALA A 31 -6.84 12.72 -1.68
N VAL A 32 -6.53 13.76 -0.91
CA VAL A 32 -5.32 14.55 -1.09
C VAL A 32 -4.73 14.74 0.31
N GLY A 33 -3.74 13.93 0.65
CA GLY A 33 -3.18 14.05 1.99
C GLY A 33 -4.22 13.58 2.98
N ASP A 34 -4.56 14.41 3.96
CA ASP A 34 -5.57 14.05 4.96
C ASP A 34 -6.87 14.75 4.61
N GLU A 35 -6.97 15.18 3.36
CA GLU A 35 -8.14 15.88 2.87
C GLU A 35 -8.93 15.00 1.90
N VAL A 36 -10.18 15.38 1.66
CA VAL A 36 -11.01 14.65 0.71
C VAL A 36 -11.77 15.69 -0.11
N TRP A 37 -11.55 15.65 -1.43
CA TRP A 37 -12.21 16.56 -2.35
C TRP A 37 -13.17 15.80 -3.25
N TRP A 38 -14.09 16.53 -3.87
CA TRP A 38 -15.03 15.94 -4.81
C TRP A 38 -15.74 17.05 -5.55
N VAL A 39 -16.33 16.72 -6.70
CA VAL A 39 -17.04 17.72 -7.49
C VAL A 39 -18.51 17.75 -7.09
N ALA A 40 -19.03 18.94 -6.81
CA ALA A 40 -20.43 19.08 -6.41
C ALA A 40 -21.13 20.07 -7.33
N PRO A 41 -22.42 19.83 -7.61
CA PRO A 41 -23.18 20.73 -8.48
C PRO A 41 -23.62 22.00 -7.75
N ARG A 42 -23.92 23.02 -8.54
CA ARG A 42 -24.36 24.31 -8.01
C ARG A 42 -25.37 24.84 -9.03
N PRO A 43 -26.54 24.19 -9.10
CA PRO A 43 -27.57 24.60 -10.04
C PRO A 43 -28.01 26.07 -10.02
N ALA A 44 -27.98 26.71 -8.86
CA ALA A 44 -28.40 28.12 -8.79
C ALA A 44 -27.27 29.05 -9.22
N GLU A 45 -26.10 28.49 -9.46
CA GLU A 45 -24.95 29.28 -9.89
C GLU A 45 -24.64 29.00 -11.38
N ALA A 46 -25.61 29.29 -12.24
CA ALA A 46 -25.45 29.09 -13.68
C ALA A 46 -25.15 27.63 -14.03
N GLY A 47 -25.60 26.71 -13.18
CA GLY A 47 -25.39 25.30 -13.42
C GLY A 47 -23.95 24.83 -13.42
N ARG A 48 -23.05 25.63 -12.84
CA ARG A 48 -21.64 25.27 -12.79
C ARG A 48 -21.46 24.14 -11.81
N ALA A 49 -20.26 23.57 -11.80
CA ALA A 49 -19.92 22.51 -10.85
C ALA A 49 -18.67 23.05 -10.15
N THR A 50 -18.57 22.87 -8.84
CA THR A 50 -17.40 23.37 -8.14
C THR A 50 -16.67 22.25 -7.43
N LEU A 51 -15.55 22.57 -6.82
CA LEU A 51 -14.79 21.59 -6.07
C LEU A 51 -15.07 21.83 -4.60
N VAL A 52 -15.32 20.75 -3.86
CA VAL A 52 -15.58 20.86 -2.43
C VAL A 52 -14.36 20.30 -1.72
N ARG A 53 -13.94 20.98 -0.65
CA ARG A 53 -12.77 20.55 0.12
C ARG A 53 -13.15 20.20 1.55
N ARG A 54 -12.98 18.93 1.89
CA ARG A 54 -13.29 18.41 3.22
C ARG A 54 -12.01 18.19 4.01
N ARG A 55 -11.80 19.02 5.04
CA ARG A 55 -10.61 18.92 5.86
C ARG A 55 -10.74 17.85 6.94
N ALA A 56 -9.60 17.40 7.46
CA ALA A 56 -9.57 16.36 8.49
C ALA A 56 -10.47 16.68 9.68
N ASP A 57 -10.47 17.92 10.13
CA ASP A 57 -11.29 18.28 11.28
C ASP A 57 -12.77 18.31 10.93
N GLY A 58 -13.10 18.06 9.67
CA GLY A 58 -14.50 18.08 9.27
C GLY A 58 -14.92 19.28 8.44
N ALA A 59 -14.13 20.34 8.45
CA ALA A 59 -14.43 21.54 7.67
C ALA A 59 -14.78 21.10 6.25
N GLU A 60 -15.90 21.60 5.73
CA GLU A 60 -16.35 21.23 4.39
C GLU A 60 -16.85 22.50 3.70
N GLU A 61 -16.15 22.91 2.63
CA GLU A 61 -16.52 24.13 1.90
C GLU A 61 -16.14 24.07 0.42
N SER A 62 -16.81 24.90 -0.38
CA SER A 62 -16.51 24.99 -1.80
C SER A 62 -15.14 25.65 -1.88
N ALA A 63 -14.29 25.17 -2.77
CA ALA A 63 -12.94 25.73 -2.88
C ALA A 63 -12.80 26.75 -4.01
N LEU A 64 -13.74 26.74 -4.94
CA LEU A 64 -13.71 27.66 -6.07
C LEU A 64 -15.04 28.39 -6.22
N PRO A 65 -15.00 29.73 -6.27
CA PRO A 65 -16.23 30.52 -6.41
C PRO A 65 -16.66 30.61 -7.87
N ALA A 66 -17.91 30.98 -8.11
CA ALA A 66 -18.38 31.14 -9.46
C ALA A 66 -17.50 32.26 -10.04
N PRO A 67 -17.35 32.34 -11.38
CA PRO A 67 -17.95 31.43 -12.36
C PRO A 67 -17.05 30.26 -12.79
N TRP A 68 -16.11 29.83 -11.95
CA TRP A 68 -15.27 28.69 -12.33
C TRP A 68 -16.19 27.48 -12.43
N ASN A 69 -16.03 26.70 -13.48
CA ASN A 69 -16.88 25.54 -13.69
C ASN A 69 -16.05 24.27 -13.88
N VAL A 70 -16.04 23.40 -12.87
CA VAL A 70 -15.24 22.19 -12.98
C VAL A 70 -15.95 21.09 -13.77
N ARG A 71 -15.68 21.07 -15.08
CA ARG A 71 -16.26 20.10 -15.99
C ARG A 71 -15.60 20.31 -17.35
N ASN A 72 -15.32 19.23 -18.08
CA ASN A 72 -14.71 19.36 -19.41
C ASN A 72 -15.59 18.65 -20.43
N ARG A 73 -15.24 18.79 -21.71
CA ARG A 73 -16.01 18.17 -22.79
C ARG A 73 -15.37 16.93 -23.43
N VAL A 74 -14.48 16.26 -22.70
CA VAL A 74 -13.86 15.05 -23.22
C VAL A 74 -14.98 14.01 -23.36
N PHE A 75 -15.11 13.44 -24.57
CA PHE A 75 -16.16 12.45 -24.82
C PHE A 75 -17.52 13.15 -24.66
N GLU A 76 -17.49 14.48 -24.60
CA GLU A 76 -18.68 15.32 -24.42
C GLU A 76 -19.40 15.03 -23.11
N TYR A 77 -18.94 14.04 -22.36
CA TYR A 77 -19.56 13.71 -21.09
C TYR A 77 -18.70 14.11 -19.89
N SER A 78 -17.47 14.57 -20.16
CA SER A 78 -16.52 15.01 -19.11
C SER A 78 -15.75 13.92 -18.35
N GLY A 79 -14.46 13.81 -18.63
CA GLY A 79 -13.63 12.83 -17.95
C GLY A 79 -13.22 13.40 -16.60
N PHE A 80 -12.59 12.62 -15.73
CA PHE A 80 -12.20 13.12 -14.41
C PHE A 80 -11.60 14.52 -14.57
N PRO A 81 -12.29 15.55 -14.03
CA PRO A 81 -11.88 16.96 -14.11
C PRO A 81 -10.79 17.53 -13.22
N TRP A 82 -10.23 16.76 -12.30
CA TRP A 82 -9.21 17.35 -11.43
C TRP A 82 -8.22 16.36 -10.84
N ALA A 83 -7.27 16.91 -10.10
CA ALA A 83 -6.23 16.13 -9.43
C ALA A 83 -5.56 17.02 -8.39
N GLY A 84 -5.16 16.43 -7.27
CA GLY A 84 -4.52 17.21 -6.23
C GLY A 84 -3.48 16.43 -5.47
N VAL A 85 -2.46 17.13 -4.99
CA VAL A 85 -1.39 16.50 -4.22
C VAL A 85 -1.04 17.32 -3.00
N PRO A 86 -0.77 16.63 -1.88
CA PRO A 86 -0.40 17.31 -0.65
C PRO A 86 1.07 17.72 -0.80
N ARG A 87 1.48 18.72 -0.04
CA ARG A 87 2.87 19.17 -0.10
C ARG A 87 3.37 19.46 1.30
N PRO A 88 4.69 19.46 1.47
CA PRO A 88 5.29 19.73 2.79
C PRO A 88 4.95 21.12 3.32
N ALA A 89 4.70 22.05 2.41
CA ALA A 89 4.34 23.43 2.79
C ALA A 89 3.53 24.15 1.72
N GLY A 90 2.77 25.16 2.14
CA GLY A 90 1.97 25.95 1.21
C GLY A 90 0.62 25.38 0.82
N GLY A 91 0.21 24.32 1.50
CA GLY A 91 -1.07 23.71 1.18
C GLY A 91 -0.94 22.76 0.00
N PRO A 92 -2.03 22.10 -0.37
CA PRO A 92 -1.93 21.19 -1.51
C PRO A 92 -1.91 21.93 -2.85
N LEU A 93 -1.55 21.22 -3.90
CA LEU A 93 -1.52 21.78 -5.24
C LEU A 93 -2.68 21.14 -6.01
N LEU A 94 -3.44 21.94 -6.73
CA LEU A 94 -4.56 21.38 -7.46
C LEU A 94 -4.68 21.85 -8.89
N VAL A 95 -5.22 20.99 -9.74
CA VAL A 95 -5.44 21.32 -11.14
C VAL A 95 -6.85 20.86 -11.50
N PHE A 96 -7.54 21.65 -12.30
CA PHE A 96 -8.90 21.31 -12.71
C PHE A 96 -9.15 21.87 -14.09
N THR A 97 -10.21 21.40 -14.72
CA THR A 97 -10.58 21.89 -16.03
C THR A 97 -11.75 22.85 -15.86
N HIS A 98 -11.66 24.01 -16.50
CA HIS A 98 -12.73 25.00 -16.45
C HIS A 98 -13.56 24.80 -17.71
N PHE A 99 -14.86 24.60 -17.53
CA PHE A 99 -15.73 24.37 -18.67
C PHE A 99 -15.76 25.49 -19.70
N GLY A 100 -15.74 26.73 -19.22
CA GLY A 100 -15.80 27.90 -20.09
C GLY A 100 -14.83 27.93 -21.25
N ASP A 101 -13.56 27.64 -20.99
CA ASP A 101 -12.54 27.66 -22.03
C ASP A 101 -11.89 26.31 -22.24
N GLN A 102 -12.33 25.31 -21.48
CA GLN A 102 -11.80 23.95 -21.56
C GLN A 102 -10.33 23.83 -21.18
N ARG A 103 -9.77 24.90 -20.62
CA ARG A 103 -8.37 24.88 -20.22
C ARG A 103 -8.14 24.18 -18.89
N LEU A 104 -6.92 23.72 -18.69
CA LEU A 104 -6.53 23.06 -17.46
C LEU A 104 -5.94 24.15 -16.57
N TYR A 105 -6.46 24.28 -15.35
CA TYR A 105 -5.97 25.28 -14.43
C TYR A 105 -5.30 24.69 -13.19
N ALA A 106 -4.42 25.48 -12.60
CA ALA A 106 -3.71 25.08 -11.38
C ALA A 106 -3.97 26.15 -10.34
N PHE A 107 -4.20 25.74 -9.10
CA PHE A 107 -4.42 26.71 -8.03
C PHE A 107 -4.04 26.15 -6.68
N GLU A 108 -3.71 27.04 -5.74
CA GLU A 108 -3.31 26.63 -4.40
C GLU A 108 -4.26 27.31 -3.42
N PRO A 109 -5.23 26.55 -2.89
CA PRO A 109 -6.23 27.04 -1.93
C PRO A 109 -5.64 27.73 -0.72
N ASP A 110 -4.52 27.21 -0.23
CA ASP A 110 -3.89 27.76 0.96
C ASP A 110 -2.83 28.81 0.69
N ALA A 111 -2.77 29.33 -0.53
CA ALA A 111 -1.77 30.34 -0.84
C ALA A 111 -2.31 31.69 -0.38
N PRO A 112 -1.41 32.58 0.05
CA PRO A 112 -1.89 33.89 0.50
C PRO A 112 -2.59 34.55 -0.68
N GLY A 113 -3.72 35.18 -0.41
CA GLY A 113 -4.47 35.79 -1.48
C GLY A 113 -5.55 34.83 -1.91
N GLY A 114 -5.57 33.66 -1.29
CA GLY A 114 -6.58 32.65 -1.63
C GLY A 114 -6.36 31.95 -2.96
N ALA A 115 -7.31 31.09 -3.33
CA ALA A 115 -7.20 30.36 -4.60
C ALA A 115 -7.32 31.33 -5.77
N VAL A 116 -6.31 31.30 -6.64
CA VAL A 116 -6.26 32.14 -7.82
C VAL A 116 -5.83 31.23 -8.96
N PRO A 117 -6.80 30.63 -9.65
CA PRO A 117 -6.51 29.73 -10.77
C PRO A 117 -5.61 30.35 -11.85
N ARG A 118 -4.65 29.55 -12.32
CA ARG A 118 -3.74 30.00 -13.37
C ARG A 118 -3.72 28.95 -14.47
N PRO A 119 -3.91 29.38 -15.73
CA PRO A 119 -3.94 28.50 -16.91
C PRO A 119 -2.63 27.79 -17.20
N LEU A 120 -2.74 26.53 -17.61
CA LEU A 120 -1.57 25.71 -17.93
C LEU A 120 -1.58 25.25 -19.40
N THR A 121 -2.75 25.30 -20.02
CA THR A 121 -2.89 24.83 -21.40
C THR A 121 -3.23 25.91 -22.42
N PRO A 122 -2.85 25.69 -23.69
CA PRO A 122 -3.12 26.62 -24.79
C PRO A 122 -4.47 26.34 -25.44
N VAL A 123 -4.97 27.27 -26.23
CA VAL A 123 -6.25 27.06 -26.88
C VAL A 123 -6.13 26.89 -28.39
N SER A 124 -7.24 26.55 -29.04
CA SER A 124 -7.26 26.33 -30.47
C SER A 124 -8.59 26.72 -31.11
N ALA A 125 -8.52 27.36 -32.26
CA ALA A 125 -9.73 27.78 -32.98
C ALA A 125 -10.12 26.75 -34.05
N VAL A 126 -9.52 25.57 -33.98
CA VAL A 126 -9.80 24.51 -34.92
C VAL A 126 -10.80 23.52 -34.31
N GLY A 127 -11.94 23.37 -34.95
CA GLY A 127 -12.95 22.46 -34.45
C GLY A 127 -13.25 22.70 -32.98
N GLY A 128 -13.34 21.61 -32.22
CA GLY A 128 -13.62 21.70 -30.80
C GLY A 128 -12.42 22.13 -29.99
N GLY A 129 -11.32 22.46 -30.67
CA GLY A 129 -10.12 22.90 -29.99
C GLY A 129 -9.42 21.83 -29.17
N LEU A 130 -8.94 22.23 -28.00
CA LEU A 130 -8.22 21.33 -27.09
C LEU A 130 -9.05 21.04 -25.85
N ARG A 131 -9.03 19.78 -25.42
CA ARG A 131 -9.74 19.36 -24.21
C ARG A 131 -8.77 18.49 -23.41
N TRP A 132 -8.94 18.47 -22.09
CA TRP A 132 -8.07 17.66 -21.25
C TRP A 132 -8.88 16.93 -20.18
N ALA A 133 -8.33 15.85 -19.64
CA ALA A 133 -9.02 15.10 -18.59
C ALA A 133 -8.20 13.92 -18.05
N ASP A 134 -8.62 13.45 -16.88
CA ASP A 134 -8.00 12.33 -16.18
C ASP A 134 -6.54 12.64 -15.84
N PRO A 135 -6.29 13.76 -15.15
CA PRO A 135 -4.92 14.14 -14.79
C PRO A 135 -4.31 13.41 -13.61
N VAL A 136 -2.97 13.44 -13.57
CA VAL A 136 -2.18 12.83 -12.53
C VAL A 136 -1.04 13.82 -12.26
N LEU A 137 -0.99 14.34 -11.04
CA LEU A 137 0.04 15.31 -10.68
C LEU A 137 1.39 14.69 -10.32
N LEU A 138 2.43 15.14 -11.02
CA LEU A 138 3.77 14.67 -10.77
C LEU A 138 4.66 15.87 -10.47
N PRO A 139 4.53 16.45 -9.27
CA PRO A 139 5.32 17.62 -8.87
C PRO A 139 6.82 17.41 -9.00
N GLU A 140 7.29 16.18 -8.79
CA GLU A 140 8.71 15.86 -8.90
C GLU A 140 9.25 16.19 -10.28
N ARG A 141 8.42 16.02 -11.31
CA ARG A 141 8.83 16.31 -12.68
C ARG A 141 8.21 17.64 -13.12
N GLY A 142 7.57 18.35 -12.19
CA GLY A 142 6.94 19.61 -12.52
C GLY A 142 5.93 19.53 -13.65
N GLU A 143 5.21 18.42 -13.73
CA GLU A 143 4.22 18.26 -14.78
C GLU A 143 2.97 17.55 -14.29
N VAL A 144 1.92 17.66 -15.10
CA VAL A 144 0.67 16.97 -14.83
C VAL A 144 0.46 16.14 -16.11
N TRP A 145 0.22 14.85 -15.96
CA TRP A 145 0.00 14.00 -17.13
C TRP A 145 -1.49 13.73 -17.21
N CYS A 146 -1.98 13.53 -18.41
CA CYS A 146 -3.40 13.28 -18.59
C CYS A 146 -3.61 12.84 -20.03
N MET A 147 -4.87 12.71 -20.42
CA MET A 147 -5.19 12.36 -21.80
C MET A 147 -5.70 13.66 -22.40
N ALA A 148 -5.70 13.78 -23.71
CA ALA A 148 -6.14 15.02 -24.31
C ALA A 148 -6.79 14.84 -25.68
N GLU A 149 -7.73 15.72 -25.98
CA GLU A 149 -8.41 15.70 -27.27
C GLU A 149 -7.97 16.96 -28.01
N GLU A 150 -7.50 16.77 -29.24
CA GLU A 150 -7.05 17.89 -30.05
C GLU A 150 -7.73 17.81 -31.40
N PHE A 151 -8.64 18.73 -31.68
CA PHE A 151 -9.32 18.70 -32.96
C PHE A 151 -8.42 19.12 -34.11
N THR A 152 -8.53 18.38 -35.20
CA THR A 152 -7.72 18.61 -36.39
C THR A 152 -8.56 19.08 -37.58
N GLY A 153 -9.85 19.35 -37.33
CA GLY A 153 -10.73 19.79 -38.40
C GLY A 153 -12.07 20.25 -37.85
N GLU A 154 -13.02 20.50 -38.74
CA GLU A 154 -14.33 21.00 -38.33
C GLU A 154 -15.40 19.92 -38.06
N GLY A 155 -15.12 18.68 -38.44
CA GLY A 155 -16.08 17.60 -38.22
C GLY A 155 -16.01 17.03 -36.81
N PRO A 156 -17.13 16.53 -36.27
CA PRO A 156 -17.15 15.98 -34.90
C PRO A 156 -16.12 14.87 -34.66
N SER A 157 -15.65 14.25 -35.73
CA SER A 157 -14.66 13.18 -35.61
C SER A 157 -13.28 13.58 -36.09
N ASP A 158 -13.09 14.85 -36.45
CA ASP A 158 -11.77 15.28 -36.90
C ASP A 158 -10.97 15.63 -35.65
N VAL A 159 -10.67 14.61 -34.85
CA VAL A 159 -9.96 14.81 -33.60
C VAL A 159 -8.98 13.68 -33.32
N ARG A 160 -7.88 14.03 -32.64
CA ARG A 160 -6.86 13.06 -32.27
C ARG A 160 -6.72 13.10 -30.75
N ARG A 161 -6.60 11.94 -30.13
CA ARG A 161 -6.44 11.86 -28.68
C ARG A 161 -5.12 11.17 -28.33
N PHE A 162 -4.50 11.60 -27.24
CA PHE A 162 -3.24 11.02 -26.81
C PHE A 162 -2.94 11.39 -25.37
N LEU A 163 -2.00 10.68 -24.76
CA LEU A 163 -1.60 10.97 -23.39
C LEU A 163 -0.60 12.12 -23.48
N ALA A 164 -0.79 13.12 -22.63
CA ALA A 164 0.08 14.30 -22.65
C ALA A 164 0.65 14.68 -21.30
N ALA A 165 1.69 15.51 -21.36
CA ALA A 165 2.35 16.01 -20.16
C ALA A 165 2.31 17.52 -20.27
N VAL A 166 1.75 18.17 -19.25
CA VAL A 166 1.64 19.62 -19.23
C VAL A 166 2.50 20.21 -18.11
N PRO A 167 3.35 21.18 -18.44
CA PRO A 167 4.21 21.79 -17.42
C PRO A 167 3.43 22.59 -16.39
N LEU A 168 3.69 22.34 -15.11
CA LEU A 168 3.02 23.03 -14.04
C LEU A 168 3.40 24.49 -13.90
N ASP A 169 4.53 24.87 -14.48
CA ASP A 169 4.98 26.26 -14.39
C ASP A 169 4.21 27.17 -15.35
N GLY A 170 3.19 26.61 -16.01
CA GLY A 170 2.39 27.38 -16.94
C GLY A 170 3.11 27.84 -18.20
N SER A 171 4.28 27.27 -18.48
CA SER A 171 5.01 27.68 -19.67
C SER A 171 4.37 27.21 -20.98
N ALA A 172 3.33 26.39 -20.89
CA ALA A 172 2.65 25.92 -22.10
C ALA A 172 1.28 26.59 -22.23
N ALA A 173 0.98 27.50 -21.32
CA ALA A 173 -0.31 28.18 -21.34
C ALA A 173 -0.57 28.85 -22.69
N ALA A 174 0.50 29.35 -23.31
CA ALA A 174 0.39 30.02 -24.60
C ALA A 174 1.41 29.45 -25.58
N ASP A 175 1.74 28.18 -25.39
CA ASP A 175 2.71 27.51 -26.23
C ASP A 175 2.35 26.04 -26.35
N ARG A 176 1.72 25.67 -27.46
CA ARG A 176 1.32 24.29 -27.71
C ARG A 176 2.50 23.34 -27.76
N SER A 177 3.63 23.84 -28.26
CA SER A 177 4.81 23.00 -28.38
C SER A 177 5.37 22.62 -27.03
N ALA A 178 5.00 23.36 -25.99
CA ALA A 178 5.49 23.07 -24.64
C ALA A 178 4.75 21.89 -23.99
N VAL A 179 3.77 21.34 -24.70
CA VAL A 179 3.01 20.19 -24.21
C VAL A 179 3.65 18.95 -24.83
N ARG A 180 4.08 18.01 -24.01
CA ARG A 180 4.71 16.80 -24.53
C ARG A 180 3.68 15.71 -24.78
N GLU A 181 3.81 15.04 -25.91
CA GLU A 181 2.91 13.94 -26.26
C GLU A 181 3.57 12.65 -25.79
N LEU A 182 3.11 12.12 -24.66
CA LEU A 182 3.66 10.89 -24.08
C LEU A 182 3.47 9.68 -24.98
N SER A 183 2.26 9.52 -25.53
CA SER A 183 1.96 8.41 -26.42
C SER A 183 1.74 8.97 -27.82
N ASP A 184 1.33 8.12 -28.74
CA ASP A 184 1.04 8.59 -30.09
C ASP A 184 -0.48 8.65 -30.18
N ASP A 185 -0.99 9.08 -31.33
CA ASP A 185 -2.44 9.17 -31.51
C ASP A 185 -2.99 7.97 -32.27
N ALA A 186 -2.33 6.83 -32.14
CA ALA A 186 -2.75 5.61 -32.83
C ALA A 186 -4.20 5.24 -32.53
N HIS A 187 -4.60 5.34 -31.26
CA HIS A 187 -5.96 5.00 -30.88
C HIS A 187 -6.83 6.25 -30.77
N ARG A 188 -8.04 6.20 -31.33
CA ARG A 188 -8.95 7.34 -31.30
C ARG A 188 -9.38 7.68 -29.88
N PHE A 189 -9.59 6.66 -29.07
CA PHE A 189 -10.02 6.84 -27.68
C PHE A 189 -9.01 6.27 -26.68
N VAL A 190 -8.62 7.09 -25.71
CA VAL A 190 -7.69 6.66 -24.67
C VAL A 190 -8.05 7.36 -23.36
N THR A 191 -7.65 6.75 -22.25
CA THR A 191 -7.91 7.32 -20.95
C THR A 191 -6.59 7.89 -20.45
N GLY A 192 -6.59 8.47 -19.26
CA GLY A 192 -5.36 9.03 -18.72
C GLY A 192 -4.41 7.94 -18.27
N PRO A 193 -3.13 8.27 -18.05
CA PRO A 193 -2.15 7.27 -17.62
C PRO A 193 -2.21 6.95 -16.12
N ARG A 194 -1.72 5.78 -15.77
CA ARG A 194 -1.63 5.32 -14.39
C ARG A 194 -0.20 4.84 -14.21
N LEU A 195 0.57 5.54 -13.40
CA LEU A 195 1.97 5.20 -13.16
C LEU A 195 2.19 4.18 -12.05
N SER A 196 3.10 3.24 -12.28
CA SER A 196 3.43 2.22 -11.28
C SER A 196 4.11 2.94 -10.11
N PRO A 197 4.18 2.30 -8.94
CA PRO A 197 4.83 2.97 -7.82
C PRO A 197 6.29 3.33 -8.07
N ASP A 198 7.04 2.46 -8.75
CA ASP A 198 8.45 2.78 -9.01
C ASP A 198 8.59 3.76 -10.16
N GLY A 199 7.44 4.18 -10.70
CA GLY A 199 7.41 5.14 -11.80
C GLY A 199 8.13 4.78 -13.08
N ARG A 200 8.18 3.50 -13.41
CA ARG A 200 8.86 3.06 -14.62
C ARG A 200 7.93 2.44 -15.65
N GLN A 201 6.68 2.25 -15.27
CA GLN A 201 5.73 1.67 -16.20
C GLN A 201 4.36 2.31 -16.09
N ALA A 202 3.76 2.62 -17.24
CA ALA A 202 2.45 3.25 -17.26
C ALA A 202 1.44 2.45 -18.08
N VAL A 203 0.18 2.53 -17.68
CA VAL A 203 -0.88 1.84 -18.41
C VAL A 203 -2.02 2.81 -18.70
N TRP A 204 -2.87 2.44 -19.65
CA TRP A 204 -4.03 3.25 -20.02
C TRP A 204 -4.91 2.42 -20.94
N LEU A 205 -6.20 2.76 -20.98
CA LEU A 205 -7.13 2.04 -21.83
C LEU A 205 -7.22 2.69 -23.20
N ALA A 206 -7.49 1.87 -24.22
CA ALA A 206 -7.58 2.38 -25.58
C ALA A 206 -8.48 1.53 -26.47
N TRP A 207 -9.19 2.18 -27.38
CA TRP A 207 -10.08 1.50 -28.31
C TRP A 207 -10.40 2.42 -29.49
N ASP A 208 -11.12 1.91 -30.49
CA ASP A 208 -11.46 2.70 -31.66
C ASP A 208 -12.84 2.35 -32.19
N HIS A 209 -13.22 3.00 -33.28
CA HIS A 209 -14.49 2.73 -33.91
C HIS A 209 -14.40 1.36 -34.58
N PRO A 210 -15.53 0.65 -34.71
CA PRO A 210 -16.87 1.09 -34.28
C PRO A 210 -17.25 0.43 -32.95
N ARG A 211 -16.29 0.31 -32.04
CA ARG A 211 -16.56 -0.32 -30.77
C ARG A 211 -16.77 0.65 -29.60
N MET A 212 -17.63 0.28 -28.67
CA MET A 212 -17.86 1.07 -27.47
C MET A 212 -16.97 0.39 -26.43
N PRO A 213 -16.39 1.13 -25.48
CA PRO A 213 -15.53 0.46 -24.49
C PRO A 213 -16.13 -0.75 -23.77
N TRP A 214 -17.45 -0.86 -23.70
CA TRP A 214 -18.05 -2.00 -23.02
C TRP A 214 -18.24 -3.17 -23.97
N GLU A 215 -17.69 -3.04 -25.18
CA GLU A 215 -17.71 -4.12 -26.14
C GLU A 215 -16.32 -4.71 -25.95
N GLY A 216 -15.31 -3.85 -26.07
CA GLY A 216 -13.95 -4.29 -25.88
C GLY A 216 -12.93 -3.15 -25.88
N THR A 217 -11.91 -3.25 -25.04
CA THR A 217 -10.85 -2.24 -24.98
C THR A 217 -9.51 -2.95 -24.84
N GLU A 218 -8.41 -2.21 -24.97
CA GLU A 218 -7.09 -2.81 -24.83
C GLU A 218 -6.30 -2.07 -23.77
N LEU A 219 -5.71 -2.80 -22.83
CA LEU A 219 -4.91 -2.14 -21.80
C LEU A 219 -3.53 -1.92 -22.37
N LYS A 220 -3.22 -0.66 -22.69
CA LYS A 220 -1.92 -0.33 -23.25
C LYS A 220 -0.90 -0.10 -22.14
N THR A 221 0.37 -0.33 -22.43
CA THR A 221 1.42 -0.12 -21.46
C THR A 221 2.70 0.35 -22.13
N ALA A 222 3.56 0.96 -21.33
CA ALA A 222 4.85 1.44 -21.83
C ALA A 222 5.82 1.70 -20.69
N ARG A 223 7.11 1.54 -21.00
CA ARG A 223 8.16 1.78 -20.03
C ARG A 223 8.39 3.28 -19.96
N VAL A 224 8.32 3.85 -18.76
CA VAL A 224 8.52 5.28 -18.59
C VAL A 224 10.01 5.57 -18.38
N THR A 225 10.64 6.08 -19.42
CA THR A 225 12.08 6.40 -19.35
C THR A 225 12.34 7.44 -18.27
N GLU A 226 13.62 7.68 -18.04
CA GLU A 226 14.02 8.63 -17.03
C GLU A 226 13.64 10.05 -17.38
N ASP A 227 13.91 10.47 -18.61
CA ASP A 227 13.57 11.84 -18.99
C ASP A 227 12.07 12.04 -19.21
N GLY A 228 11.29 11.02 -18.89
CA GLY A 228 9.84 11.11 -19.01
C GLY A 228 9.16 10.83 -20.33
N ARG A 229 9.65 9.85 -21.08
CA ARG A 229 9.01 9.51 -22.33
C ARG A 229 8.51 8.09 -22.26
N PHE A 230 7.55 7.74 -23.11
CA PHE A 230 7.00 6.40 -23.14
C PHE A 230 7.78 5.61 -24.19
N ALA A 231 8.20 4.39 -23.84
CA ALA A 231 8.95 3.56 -24.77
C ALA A 231 8.38 2.16 -24.81
N ASP A 232 8.46 1.50 -25.96
CA ASP A 232 7.97 0.14 -26.05
C ASP A 232 6.47 0.03 -25.77
N THR A 233 5.69 0.93 -26.33
CA THR A 233 4.25 0.86 -26.10
C THR A 233 3.81 -0.49 -26.65
N ARG A 234 2.84 -1.11 -25.99
CA ARG A 234 2.36 -2.41 -26.42
C ARG A 234 1.07 -2.74 -25.72
N THR A 235 0.29 -3.62 -26.31
CA THR A 235 -0.97 -4.03 -25.72
C THR A 235 -0.63 -5.08 -24.67
N LEU A 236 -1.04 -4.84 -23.43
CA LEU A 236 -0.75 -5.78 -22.36
C LEU A 236 -1.83 -6.86 -22.29
N LEU A 237 -3.02 -6.55 -22.78
CA LEU A 237 -4.14 -7.49 -22.82
C LEU A 237 -5.41 -6.81 -23.31
N GLY A 238 -6.41 -7.59 -23.62
CA GLY A 238 -7.66 -7.04 -24.10
C GLY A 238 -7.85 -7.21 -25.61
N GLY A 239 -9.02 -6.80 -26.07
CA GLY A 239 -9.34 -6.92 -27.48
C GLY A 239 -10.73 -6.38 -27.80
N PRO A 240 -11.21 -6.54 -29.04
CA PRO A 240 -12.53 -6.07 -29.47
C PRO A 240 -13.72 -6.78 -28.83
N GLU A 241 -13.46 -7.72 -27.95
CA GLU A 241 -14.55 -8.44 -27.30
C GLU A 241 -14.36 -8.58 -25.80
N GLU A 242 -13.22 -8.10 -25.32
CA GLU A 242 -12.93 -8.15 -23.90
C GLU A 242 -12.97 -6.71 -23.38
N ALA A 243 -13.94 -6.43 -22.53
CA ALA A 243 -14.10 -5.09 -21.98
C ALA A 243 -13.35 -4.89 -20.68
N ILE A 244 -12.25 -4.14 -20.75
CA ILE A 244 -11.48 -3.83 -19.56
C ILE A 244 -11.97 -2.44 -19.18
N ALA A 245 -12.71 -2.37 -18.08
CA ALA A 245 -13.30 -1.12 -17.61
C ALA A 245 -12.39 -0.20 -16.80
N GLN A 246 -11.39 -0.79 -16.14
CA GLN A 246 -10.47 0.00 -15.32
C GLN A 246 -9.22 -0.79 -15.02
N ALA A 247 -8.12 -0.07 -14.79
CA ALA A 247 -6.84 -0.70 -14.49
C ALA A 247 -6.11 0.15 -13.48
N GLU A 248 -5.57 -0.49 -12.44
CA GLU A 248 -4.87 0.22 -11.39
C GLU A 248 -3.59 -0.49 -10.93
N TRP A 249 -2.68 0.29 -10.37
CA TRP A 249 -1.43 -0.25 -9.84
C TRP A 249 -1.62 -0.40 -8.34
N ALA A 250 -1.35 -1.58 -7.80
CA ALA A 250 -1.46 -1.78 -6.35
C ALA A 250 -0.13 -1.31 -5.76
N PRO A 251 -0.16 -0.70 -4.58
CA PRO A 251 1.08 -0.22 -3.96
C PRO A 251 2.28 -1.17 -3.93
N ASP A 252 2.04 -2.47 -4.11
CA ASP A 252 3.16 -3.40 -4.10
C ASP A 252 3.77 -3.57 -5.49
N GLY A 253 3.20 -2.87 -6.47
CA GLY A 253 3.72 -2.95 -7.83
C GLY A 253 2.95 -3.85 -8.78
N SER A 254 1.97 -4.58 -8.26
CA SER A 254 1.18 -5.48 -9.08
C SER A 254 0.14 -4.70 -9.86
N LEU A 255 -0.41 -5.30 -10.90
CA LEU A 255 -1.42 -4.61 -11.71
C LEU A 255 -2.76 -5.31 -11.55
N ILE A 256 -3.79 -4.55 -11.17
CA ILE A 256 -5.14 -5.07 -11.00
C ILE A 256 -6.03 -4.48 -12.08
N VAL A 257 -6.88 -5.30 -12.69
CA VAL A 257 -7.75 -4.79 -13.72
C VAL A 257 -9.11 -5.44 -13.63
N ALA A 258 -10.12 -4.71 -14.10
CA ALA A 258 -11.48 -5.21 -14.10
C ALA A 258 -11.81 -5.56 -15.55
N THR A 259 -12.03 -6.85 -15.80
CA THR A 259 -12.36 -7.32 -17.15
C THR A 259 -13.59 -8.22 -17.10
N ASP A 260 -14.37 -8.22 -18.17
CA ASP A 260 -15.58 -9.03 -18.23
C ASP A 260 -15.39 -10.35 -18.99
N ARG A 261 -14.14 -10.79 -19.12
CA ARG A 261 -13.85 -12.04 -19.84
C ARG A 261 -14.65 -13.25 -19.34
N THR A 262 -15.03 -13.25 -18.07
CA THR A 262 -15.80 -14.37 -17.55
C THR A 262 -17.30 -14.19 -17.77
N GLY A 263 -17.69 -13.04 -18.30
CA GLY A 263 -19.10 -12.78 -18.53
C GLY A 263 -19.59 -11.70 -17.59
N TRP A 264 -18.76 -11.39 -16.59
CA TRP A 264 -19.02 -10.36 -15.59
C TRP A 264 -17.72 -9.60 -15.37
N TRP A 265 -17.82 -8.34 -14.95
CA TRP A 265 -16.62 -7.57 -14.68
C TRP A 265 -16.11 -8.06 -13.34
N ASN A 266 -14.97 -8.75 -13.37
CA ASN A 266 -14.34 -9.29 -12.18
C ASN A 266 -12.90 -8.80 -12.10
N LEU A 267 -12.38 -8.64 -10.89
CA LEU A 267 -11.02 -8.17 -10.70
C LEU A 267 -9.99 -9.27 -10.94
N HIS A 268 -8.94 -8.92 -11.68
CA HIS A 268 -7.87 -9.84 -12.03
C HIS A 268 -6.48 -9.25 -11.79
N ARG A 269 -5.58 -10.05 -11.24
CA ARG A 269 -4.22 -9.59 -11.05
C ARG A 269 -3.57 -9.80 -12.42
N VAL A 270 -2.74 -8.87 -12.85
CA VAL A 270 -2.10 -8.98 -14.14
C VAL A 270 -0.59 -8.85 -14.07
N ASP A 271 0.10 -9.78 -14.72
CA ASP A 271 1.56 -9.72 -14.73
C ASP A 271 1.98 -8.57 -15.65
N PRO A 272 2.61 -7.53 -15.07
CA PRO A 272 3.08 -6.34 -15.78
C PRO A 272 3.93 -6.59 -17.02
N ALA A 273 4.30 -7.85 -17.26
CA ALA A 273 5.13 -8.16 -18.42
C ALA A 273 4.45 -9.12 -19.40
N THR A 274 4.01 -10.26 -18.88
CA THR A 274 3.35 -11.28 -19.71
C THR A 274 1.90 -10.98 -20.06
N GLY A 275 1.20 -10.29 -19.15
CA GLY A 275 -0.19 -9.97 -19.39
C GLY A 275 -1.09 -11.01 -18.76
N ALA A 276 -0.48 -12.09 -18.28
CA ALA A 276 -1.19 -13.18 -17.63
C ALA A 276 -2.10 -12.63 -16.53
N ALA A 277 -3.39 -12.92 -16.66
CA ALA A 277 -4.37 -12.47 -15.70
C ALA A 277 -4.77 -13.58 -14.73
N THR A 278 -5.04 -13.21 -13.49
CA THR A 278 -5.43 -14.16 -12.46
C THR A 278 -6.64 -13.63 -11.71
N GLN A 279 -7.68 -14.45 -11.58
CA GLN A 279 -8.87 -14.03 -10.86
C GLN A 279 -8.58 -13.73 -9.40
N LEU A 280 -9.31 -12.78 -8.83
CA LEU A 280 -9.13 -12.42 -7.43
C LEU A 280 -10.41 -12.71 -6.66
N CYS A 281 -11.55 -12.63 -7.34
CA CYS A 281 -12.83 -12.89 -6.71
C CYS A 281 -13.85 -13.22 -7.79
N ARG A 282 -13.96 -14.48 -8.15
CA ARG A 282 -14.91 -14.88 -9.17
C ARG A 282 -16.32 -14.80 -8.63
N ARG A 283 -17.18 -14.07 -9.33
CA ARG A 283 -18.56 -13.90 -8.90
C ARG A 283 -19.45 -13.45 -10.03
N GLU A 284 -20.75 -13.74 -9.90
CA GLU A 284 -21.71 -13.34 -10.91
C GLU A 284 -22.26 -12.00 -10.44
N GLU A 285 -21.35 -11.05 -10.26
CA GLU A 285 -21.69 -9.69 -9.83
C GLU A 285 -20.77 -8.79 -10.64
N GLU A 286 -21.14 -7.53 -10.82
CA GLU A 286 -20.30 -6.60 -11.58
C GLU A 286 -19.37 -5.87 -10.63
N PHE A 287 -18.10 -5.77 -11.00
CA PHE A 287 -17.11 -5.06 -10.19
C PHE A 287 -16.62 -3.84 -10.95
N ALA A 288 -17.35 -3.49 -12.01
CA ALA A 288 -17.04 -2.35 -12.85
C ALA A 288 -18.29 -2.04 -13.65
N GLY A 289 -18.17 -1.17 -14.65
CA GLY A 289 -19.33 -0.83 -15.45
C GLY A 289 -19.03 -0.20 -16.80
N PRO A 290 -20.04 0.41 -17.45
CA PRO A 290 -19.81 1.04 -18.74
C PRO A 290 -18.94 2.28 -18.55
N LEU A 291 -17.78 2.28 -19.21
CA LEU A 291 -16.85 3.39 -19.10
C LEU A 291 -17.24 4.54 -20.00
N TRP A 292 -18.15 5.40 -19.55
CA TRP A 292 -18.57 6.54 -20.35
C TRP A 292 -17.57 7.70 -20.37
N THR A 293 -16.79 7.85 -19.31
CA THR A 293 -15.80 8.94 -19.24
C THR A 293 -14.47 8.49 -18.66
N PRO A 294 -13.37 8.96 -19.22
CA PRO A 294 -12.05 8.57 -18.72
C PRO A 294 -11.91 8.93 -17.24
N GLY A 295 -11.51 7.97 -16.41
CA GLY A 295 -11.32 8.26 -15.00
C GLY A 295 -12.26 7.61 -14.01
N MET A 296 -13.25 6.86 -14.48
CA MET A 296 -14.18 6.21 -13.58
C MET A 296 -13.48 5.15 -12.75
N ARG A 297 -13.86 5.03 -11.49
CA ARG A 297 -13.25 4.04 -10.62
C ARG A 297 -14.31 3.24 -9.89
N TRP A 298 -14.17 1.92 -9.92
CA TRP A 298 -15.09 1.01 -9.23
C TRP A 298 -14.35 0.34 -8.07
N PHE A 299 -13.06 0.08 -8.27
CA PHE A 299 -12.24 -0.55 -7.22
C PHE A 299 -11.04 0.32 -6.97
N ALA A 300 -10.43 0.16 -5.80
CA ALA A 300 -9.27 0.95 -5.41
C ALA A 300 -8.42 0.19 -4.41
N PRO A 301 -7.14 -0.04 -4.75
CA PRO A 301 -6.20 -0.77 -3.88
C PRO A 301 -5.78 0.05 -2.67
N LEU A 302 -5.75 -0.57 -1.49
CA LEU A 302 -5.32 0.12 -0.28
C LEU A 302 -3.84 -0.21 -0.02
N ALA A 303 -3.14 0.70 0.63
CA ALA A 303 -1.73 0.50 0.93
C ALA A 303 -1.48 -0.72 1.81
N ASN A 304 -2.52 -1.26 2.42
CA ASN A 304 -2.33 -2.42 3.28
C ASN A 304 -2.69 -3.72 2.58
N GLY A 305 -2.60 -3.74 1.25
CA GLY A 305 -2.88 -4.94 0.51
C GLY A 305 -4.34 -5.24 0.19
N LEU A 306 -5.26 -4.61 0.92
CA LEU A 306 -6.67 -4.84 0.68
C LEU A 306 -7.14 -4.05 -0.54
N ILE A 307 -8.34 -4.38 -1.02
CA ILE A 307 -8.89 -3.72 -2.20
C ILE A 307 -10.36 -3.34 -2.00
N ALA A 308 -10.63 -2.03 -2.06
CA ALA A 308 -11.99 -1.53 -1.90
C ALA A 308 -12.73 -1.72 -3.23
N VAL A 309 -13.96 -2.21 -3.17
CA VAL A 309 -14.71 -2.45 -4.40
C VAL A 309 -16.20 -2.20 -4.33
N VAL A 310 -16.70 -1.52 -5.35
CA VAL A 310 -18.12 -1.23 -5.49
C VAL A 310 -18.56 -2.40 -6.37
N HIS A 311 -19.40 -3.29 -5.83
CA HIS A 311 -19.80 -4.46 -6.58
C HIS A 311 -21.24 -4.90 -6.33
N GLY A 312 -21.68 -5.88 -7.10
CA GLY A 312 -23.02 -6.39 -6.95
C GLY A 312 -23.68 -6.72 -8.26
N LYS A 313 -24.76 -7.49 -8.19
CA LYS A 313 -25.56 -7.88 -9.35
C LYS A 313 -26.77 -6.97 -9.16
N GLY A 314 -26.96 -6.04 -10.09
CA GLY A 314 -28.04 -5.09 -9.94
C GLY A 314 -27.45 -3.98 -9.08
N ALA A 315 -27.98 -3.78 -7.88
CA ALA A 315 -27.44 -2.73 -7.02
C ALA A 315 -25.95 -2.98 -6.78
N ALA A 316 -25.21 -1.90 -6.56
CA ALA A 316 -23.78 -1.98 -6.28
C ALA A 316 -23.46 -1.36 -4.92
N VAL A 317 -22.66 -2.05 -4.12
CA VAL A 317 -22.29 -1.55 -2.80
C VAL A 317 -20.79 -1.67 -2.60
N LEU A 318 -20.24 -0.78 -1.77
CA LEU A 318 -18.82 -0.79 -1.49
C LEU A 318 -18.49 -1.85 -0.44
N GLY A 319 -17.47 -2.64 -0.72
CA GLY A 319 -17.05 -3.68 0.20
C GLY A 319 -15.53 -3.82 0.13
N ILE A 320 -14.93 -4.33 1.20
CA ILE A 320 -13.49 -4.51 1.19
C ILE A 320 -13.18 -5.93 0.80
N LEU A 321 -12.22 -6.08 -0.10
CA LEU A 321 -11.81 -7.39 -0.57
C LEU A 321 -10.39 -7.70 -0.14
N ASP A 322 -10.18 -8.94 0.30
CA ASP A 322 -8.87 -9.39 0.71
C ASP A 322 -8.46 -10.41 -0.35
N PRO A 323 -7.63 -9.98 -1.32
CA PRO A 323 -7.16 -10.85 -2.41
C PRO A 323 -6.52 -12.16 -1.93
N GLU A 324 -6.15 -12.22 -0.65
CA GLU A 324 -5.53 -13.41 -0.08
C GLU A 324 -6.57 -14.46 0.31
N SER A 325 -7.47 -14.09 1.21
CA SER A 325 -8.49 -15.03 1.67
C SER A 325 -9.68 -15.04 0.74
N GLY A 326 -9.66 -14.17 -0.27
CA GLY A 326 -10.75 -14.10 -1.22
C GLY A 326 -12.07 -13.62 -0.63
N GLU A 327 -12.09 -13.35 0.68
CA GLU A 327 -13.31 -12.89 1.34
C GLU A 327 -13.59 -11.41 1.08
N LEU A 328 -14.86 -11.09 0.99
CA LEU A 328 -15.29 -9.72 0.71
C LEU A 328 -16.33 -9.30 1.74
N VAL A 329 -16.07 -8.21 2.45
CA VAL A 329 -17.02 -7.73 3.46
C VAL A 329 -17.60 -6.38 3.10
N ASP A 330 -18.89 -6.33 2.84
CA ASP A 330 -19.53 -5.07 2.46
C ASP A 330 -19.73 -4.07 3.59
N ALA A 331 -19.93 -2.83 3.22
CA ALA A 331 -20.18 -1.77 4.18
C ALA A 331 -21.61 -1.98 4.65
N ALA A 332 -21.90 -1.65 5.91
CA ALA A 332 -23.26 -1.80 6.40
C ALA A 332 -23.92 -0.44 6.17
N GLY A 333 -24.39 0.21 7.24
CA GLY A 333 -24.99 1.51 7.08
C GLY A 333 -26.26 1.45 6.26
N PRO A 334 -26.98 2.56 6.11
CA PRO A 334 -28.23 2.61 5.34
C PRO A 334 -28.10 2.65 3.82
N TRP A 335 -26.91 2.93 3.32
CA TRP A 335 -26.70 3.04 1.87
C TRP A 335 -26.87 1.72 1.14
N THR A 336 -27.64 1.75 0.06
CA THR A 336 -27.89 0.56 -0.73
C THR A 336 -27.31 0.66 -2.14
N GLU A 337 -26.86 1.84 -2.52
CA GLU A 337 -26.29 2.06 -3.85
C GLU A 337 -25.11 2.99 -3.82
N TRP A 338 -23.98 2.53 -4.35
CA TRP A 338 -22.76 3.33 -4.39
C TRP A 338 -22.40 3.71 -5.83
N ALA A 339 -22.03 4.98 -6.03
CA ALA A 339 -21.67 5.45 -7.35
C ALA A 339 -20.30 4.94 -7.76
N ALA A 340 -19.99 5.10 -9.04
CA ALA A 340 -18.72 4.65 -9.59
C ALA A 340 -17.58 5.65 -9.39
N THR A 341 -17.33 6.01 -8.14
CA THR A 341 -16.24 6.93 -7.81
C THR A 341 -15.65 6.38 -6.52
N LEU A 342 -14.33 6.36 -6.42
CA LEU A 342 -13.70 5.81 -5.24
C LEU A 342 -12.31 6.34 -5.01
N THR A 343 -11.89 6.37 -3.76
CA THR A 343 -10.56 6.84 -3.42
C THR A 343 -10.21 6.20 -2.08
N VAL A 344 -8.93 6.19 -1.74
CA VAL A 344 -8.51 5.62 -0.46
C VAL A 344 -7.46 6.49 0.22
N SER A 345 -7.37 6.35 1.54
CA SER A 345 -6.43 7.10 2.35
C SER A 345 -6.21 6.26 3.59
N GLY A 346 -4.96 5.90 3.85
CA GLY A 346 -4.70 5.08 5.01
C GLY A 346 -5.47 3.77 4.92
N THR A 347 -6.17 3.44 5.99
CA THR A 347 -6.96 2.22 6.04
C THR A 347 -8.40 2.51 5.63
N ARG A 348 -8.62 3.70 5.08
CA ARG A 348 -9.97 4.11 4.70
C ARG A 348 -10.26 4.12 3.20
N ALA A 349 -11.52 3.85 2.87
CA ALA A 349 -12.00 3.87 1.50
C ALA A 349 -13.17 4.86 1.46
N VAL A 350 -13.13 5.79 0.51
CA VAL A 350 -14.19 6.78 0.42
C VAL A 350 -14.97 6.69 -0.88
N GLY A 351 -16.29 6.72 -0.77
CA GLY A 351 -17.13 6.65 -1.96
C GLY A 351 -18.36 7.54 -1.84
N VAL A 352 -19.26 7.42 -2.81
CA VAL A 352 -20.48 8.21 -2.78
C VAL A 352 -21.67 7.26 -2.85
N ALA A 353 -22.51 7.28 -1.82
CA ALA A 353 -23.66 6.39 -1.77
C ALA A 353 -24.95 7.08 -1.33
N ALA A 354 -26.07 6.42 -1.57
CA ALA A 354 -27.38 6.94 -1.21
C ALA A 354 -28.30 5.77 -0.87
N SER A 355 -29.49 6.08 -0.37
CA SER A 355 -30.47 5.05 -0.01
C SER A 355 -31.85 5.52 -0.49
N PRO A 356 -32.88 4.66 -0.35
CA PRO A 356 -34.20 5.10 -0.81
C PRO A 356 -34.67 6.31 0.00
N ARG A 357 -34.14 6.46 1.21
CA ARG A 357 -34.51 7.54 2.11
C ARG A 357 -33.57 8.73 2.16
N THR A 358 -32.32 8.55 1.75
CA THR A 358 -31.36 9.65 1.80
C THR A 358 -30.61 9.87 0.49
N ALA A 359 -30.32 11.14 0.21
CA ALA A 359 -29.61 11.53 -1.01
C ALA A 359 -28.14 11.12 -0.95
N TYR A 360 -27.50 11.06 -2.11
CA TYR A 360 -26.10 10.67 -2.17
C TYR A 360 -25.22 11.47 -1.22
N GLU A 361 -24.40 10.78 -0.43
CA GLU A 361 -23.49 11.40 0.51
C GLU A 361 -22.08 10.88 0.28
N VAL A 362 -21.10 11.50 0.92
CA VAL A 362 -19.72 11.05 0.81
C VAL A 362 -19.52 10.16 2.03
N VAL A 363 -19.41 8.86 1.79
CA VAL A 363 -19.27 7.86 2.85
C VAL A 363 -17.89 7.23 2.96
N GLU A 364 -17.43 7.05 4.19
CA GLU A 364 -16.11 6.47 4.46
C GLU A 364 -16.20 5.10 5.12
N LEU A 365 -15.50 4.13 4.54
CA LEU A 365 -15.48 2.79 5.11
C LEU A 365 -14.06 2.45 5.58
N ASP A 366 -13.89 2.33 6.88
CA ASP A 366 -12.57 2.01 7.45
C ASP A 366 -12.36 0.51 7.51
N THR A 367 -11.26 0.03 6.93
CA THR A 367 -10.99 -1.40 6.90
C THR A 367 -10.66 -2.02 8.25
N VAL A 368 -10.07 -1.27 9.17
CA VAL A 368 -9.73 -1.87 10.46
C VAL A 368 -10.94 -2.09 11.36
N THR A 369 -11.89 -1.16 11.37
CA THR A 369 -13.07 -1.33 12.21
C THR A 369 -14.28 -1.85 11.44
N GLY A 370 -14.31 -1.60 10.14
CA GLY A 370 -15.44 -2.04 9.32
C GLY A 370 -16.60 -1.05 9.41
N ARG A 371 -16.35 0.07 10.08
CA ARG A 371 -17.35 1.10 10.26
C ARG A 371 -17.46 1.98 9.04
N ALA A 372 -18.69 2.33 8.69
CA ALA A 372 -18.96 3.20 7.55
C ALA A 372 -19.71 4.40 8.11
N ARG A 373 -19.25 5.60 7.77
CA ARG A 373 -19.86 6.82 8.27
C ARG A 373 -19.87 7.94 7.22
N THR A 374 -20.86 8.82 7.31
CA THR A 374 -20.96 9.94 6.40
C THR A 374 -19.87 10.92 6.81
N ILE A 375 -19.10 11.41 5.85
CA ILE A 375 -18.05 12.37 6.17
C ILE A 375 -18.20 13.64 5.34
N GLY A 376 -19.05 13.57 4.33
CA GLY A 376 -19.26 14.72 3.47
C GLY A 376 -20.65 14.77 2.87
N ALA A 377 -21.10 15.98 2.55
CA ALA A 377 -22.42 16.20 1.96
C ALA A 377 -23.56 15.49 2.71
N ARG A 378 -23.47 15.48 4.04
CA ARG A 378 -24.48 14.83 4.87
C ARG A 378 -25.90 15.24 4.51
N HIS A 379 -26.74 14.24 4.24
CA HIS A 379 -28.12 14.50 3.86
C HIS A 379 -29.04 14.92 4.99
N THR A 380 -29.92 15.87 4.70
CA THR A 380 -30.91 16.34 5.65
C THR A 380 -32.20 16.48 4.87
N ASP A 381 -33.30 15.98 5.43
CA ASP A 381 -34.60 16.01 4.78
C ASP A 381 -35.18 17.40 4.54
N PRO A 382 -35.43 17.75 3.26
CA PRO A 382 -35.99 19.05 2.86
C PRO A 382 -37.46 19.11 3.25
N VAL A 383 -38.02 17.92 3.44
CA VAL A 383 -39.43 17.77 3.83
C VAL A 383 -39.52 16.49 4.65
N ASP A 384 -40.69 16.24 5.24
CA ASP A 384 -40.84 15.01 6.03
C ASP A 384 -40.58 13.83 5.10
N PRO A 385 -39.74 12.87 5.54
CA PRO A 385 -39.42 11.69 4.74
C PRO A 385 -40.65 10.86 4.40
N ALA A 386 -41.76 11.17 5.06
CA ALA A 386 -43.00 10.45 4.78
C ALA A 386 -43.48 10.76 3.36
N TYR A 387 -42.92 11.79 2.73
CA TYR A 387 -43.34 12.11 1.37
C TYR A 387 -42.52 11.36 0.32
N TYR A 388 -41.48 10.67 0.78
CA TYR A 388 -40.66 9.89 -0.12
C TYR A 388 -41.36 8.56 -0.35
N PRO A 389 -41.43 8.11 -1.61
CA PRO A 389 -42.08 6.84 -1.92
C PRO A 389 -41.21 5.66 -1.44
N GLU A 390 -41.84 4.50 -1.27
CA GLU A 390 -41.12 3.30 -0.84
C GLU A 390 -40.92 2.42 -2.06
N PRO A 391 -39.70 2.41 -2.62
CA PRO A 391 -39.40 1.60 -3.81
C PRO A 391 -39.64 0.11 -3.62
N GLN A 392 -39.98 -0.54 -4.73
CA GLN A 392 -40.20 -1.98 -4.76
C GLN A 392 -39.34 -2.57 -5.88
N ILE A 393 -38.17 -3.09 -5.52
CA ILE A 393 -37.27 -3.70 -6.49
C ILE A 393 -38.01 -4.95 -7.00
N ARG A 394 -38.57 -4.85 -8.20
CA ARG A 394 -39.31 -5.99 -8.75
C ARG A 394 -38.73 -6.54 -10.03
N THR A 395 -39.28 -7.67 -10.44
CA THR A 395 -38.88 -8.35 -11.65
C THR A 395 -40.16 -8.84 -12.29
N PHE A 396 -40.35 -8.53 -13.56
CA PHE A 396 -41.55 -8.98 -14.26
C PHE A 396 -41.14 -10.06 -15.25
N THR A 397 -42.11 -10.89 -15.65
CA THR A 397 -41.83 -11.95 -16.61
C THR A 397 -42.52 -11.63 -17.93
N ALA A 398 -41.71 -11.54 -18.99
CA ALA A 398 -42.24 -11.24 -20.33
C ALA A 398 -42.77 -12.53 -20.94
N PRO A 399 -43.39 -12.45 -22.13
CA PRO A 399 -43.93 -13.65 -22.79
C PRO A 399 -43.00 -14.86 -22.86
N ASP A 400 -41.73 -14.64 -23.18
CA ASP A 400 -40.77 -15.74 -23.28
C ASP A 400 -40.18 -16.16 -21.94
N GLY A 401 -40.60 -15.52 -20.86
CA GLY A 401 -40.07 -15.89 -19.56
C GLY A 401 -38.80 -15.18 -19.14
N ARG A 402 -38.32 -14.24 -19.94
CA ARG A 402 -37.13 -13.49 -19.58
C ARG A 402 -37.56 -12.51 -18.51
N GLU A 403 -36.69 -12.26 -17.53
CA GLU A 403 -37.05 -11.34 -16.47
C GLU A 403 -36.66 -9.89 -16.79
N ILE A 404 -37.55 -8.96 -16.44
CA ILE A 404 -37.31 -7.55 -16.67
C ILE A 404 -37.18 -6.90 -15.30
N HIS A 405 -36.03 -6.29 -15.04
CA HIS A 405 -35.79 -5.64 -13.75
C HIS A 405 -36.37 -4.24 -13.73
N ALA A 406 -37.11 -3.93 -12.67
CA ALA A 406 -37.71 -2.61 -12.56
C ALA A 406 -37.83 -2.14 -11.10
N HIS A 407 -38.03 -0.84 -10.95
CA HIS A 407 -38.21 -0.22 -9.64
C HIS A 407 -39.61 0.37 -9.68
N ILE A 408 -40.46 -0.05 -8.76
CA ILE A 408 -41.83 0.45 -8.73
C ILE A 408 -42.06 1.37 -7.54
N TYR A 409 -42.41 2.61 -7.84
CA TYR A 409 -42.68 3.62 -6.82
C TYR A 409 -44.17 3.97 -6.84
N PRO A 410 -44.96 3.34 -5.96
CA PRO A 410 -46.40 3.61 -5.92
C PRO A 410 -46.69 4.97 -5.31
N PRO A 411 -47.85 5.57 -5.65
CA PRO A 411 -48.17 6.88 -5.09
C PRO A 411 -48.08 6.77 -3.57
N HIS A 412 -47.62 7.82 -2.91
CA HIS A 412 -47.44 7.77 -1.46
C HIS A 412 -47.51 9.17 -0.87
N SER A 413 -48.18 9.28 0.26
CA SER A 413 -48.35 10.56 0.94
C SER A 413 -48.98 10.38 2.31
N PRO A 414 -48.42 11.03 3.33
CA PRO A 414 -48.99 10.90 4.67
C PRO A 414 -50.32 11.62 4.79
N ASP A 415 -50.65 12.47 3.81
CA ASP A 415 -51.89 13.23 3.85
C ASP A 415 -53.02 12.81 2.92
N PHE A 416 -52.75 11.93 1.96
CA PHE A 416 -53.82 11.53 1.06
C PHE A 416 -53.86 10.07 0.68
N THR A 417 -55.02 9.67 0.16
CA THR A 417 -55.26 8.32 -0.34
C THR A 417 -56.19 8.55 -1.52
N GLY A 418 -56.08 7.71 -2.55
CA GLY A 418 -56.93 7.90 -3.71
C GLY A 418 -58.38 7.47 -3.54
N PRO A 419 -59.25 7.80 -4.49
CA PRO A 419 -60.67 7.41 -4.40
C PRO A 419 -60.83 5.88 -4.44
N ALA A 420 -61.64 5.37 -3.52
CA ALA A 420 -61.88 3.93 -3.42
C ALA A 420 -61.87 3.22 -4.77
N ASP A 421 -62.76 3.62 -5.67
CA ASP A 421 -62.83 2.99 -6.98
C ASP A 421 -62.08 3.75 -8.07
N GLU A 422 -60.78 3.93 -7.86
CA GLU A 422 -59.94 4.63 -8.82
C GLU A 422 -58.54 4.07 -8.75
N LEU A 423 -57.83 4.11 -9.86
CA LEU A 423 -56.45 3.64 -9.89
C LEU A 423 -55.53 4.79 -10.26
N PRO A 424 -54.36 4.84 -9.64
CA PRO A 424 -53.40 5.90 -9.91
C PRO A 424 -52.76 5.80 -11.31
N PRO A 425 -52.45 6.94 -11.93
CA PRO A 425 -51.82 6.89 -13.25
C PRO A 425 -50.37 6.55 -12.98
N TYR A 426 -49.66 6.03 -13.97
CA TYR A 426 -48.26 5.72 -13.73
C TYR A 426 -47.40 6.35 -14.81
N VAL A 427 -46.19 6.72 -14.43
CA VAL A 427 -45.24 7.29 -15.36
C VAL A 427 -44.15 6.24 -15.50
N VAL A 428 -44.01 5.71 -16.71
CA VAL A 428 -42.99 4.71 -16.96
C VAL A 428 -41.78 5.45 -17.52
N MET A 429 -40.66 5.35 -16.81
CA MET A 429 -39.43 6.03 -17.20
C MET A 429 -38.39 5.09 -17.75
N ALA A 430 -37.69 5.54 -18.79
CA ALA A 430 -36.65 4.76 -19.43
C ALA A 430 -35.35 5.55 -19.37
N HIS A 431 -34.39 5.04 -18.59
CA HIS A 431 -33.12 5.73 -18.43
C HIS A 431 -32.35 5.93 -19.73
N GLY A 432 -31.35 6.80 -19.67
CA GLY A 432 -30.53 7.08 -20.83
C GLY A 432 -29.45 6.04 -21.00
N GLY A 433 -28.60 6.20 -22.00
CA GLY A 433 -27.55 5.25 -22.24
C GLY A 433 -27.55 4.80 -23.69
N PRO A 434 -28.18 3.67 -24.03
CA PRO A 434 -28.90 2.80 -23.08
C PRO A 434 -28.02 1.90 -22.23
N THR A 435 -26.76 1.71 -22.63
CA THR A 435 -25.89 0.84 -21.85
C THR A 435 -25.57 1.50 -20.52
N SER A 436 -26.55 1.45 -19.63
CA SER A 436 -26.45 2.08 -18.32
C SER A 436 -27.41 1.35 -17.36
N ARG A 437 -27.74 2.01 -16.25
CA ARG A 437 -28.64 1.44 -15.24
C ARG A 437 -29.05 2.48 -14.21
N VAL A 438 -30.30 2.43 -13.76
CA VAL A 438 -30.74 3.37 -12.74
C VAL A 438 -30.79 2.71 -11.39
N PRO A 439 -30.22 3.35 -10.36
CA PRO A 439 -30.21 2.81 -9.00
C PRO A 439 -31.52 3.13 -8.30
N ALA A 440 -31.88 2.37 -7.28
CA ALA A 440 -33.12 2.61 -6.55
C ALA A 440 -32.80 3.41 -5.29
N VAL A 441 -32.76 4.73 -5.44
CA VAL A 441 -32.45 5.59 -4.31
C VAL A 441 -33.41 6.77 -4.27
N LEU A 442 -33.27 7.62 -3.26
CA LEU A 442 -34.11 8.80 -3.13
C LEU A 442 -33.85 9.73 -4.32
N ASP A 443 -34.92 10.09 -5.04
CA ASP A 443 -34.82 10.96 -6.20
C ASP A 443 -36.06 11.86 -6.19
N LEU A 444 -35.89 13.12 -5.79
CA LEU A 444 -37.02 14.04 -5.72
C LEU A 444 -37.75 14.18 -7.06
N ASP A 445 -37.06 13.88 -8.16
CA ASP A 445 -37.72 13.94 -9.45
C ASP A 445 -38.86 12.94 -9.45
N VAL A 446 -38.63 11.77 -8.86
CA VAL A 446 -39.65 10.74 -8.77
C VAL A 446 -40.67 11.11 -7.70
N ALA A 447 -40.17 11.42 -6.49
CA ALA A 447 -41.03 11.80 -5.37
C ALA A 447 -41.97 12.92 -5.79
N TYR A 448 -41.48 13.76 -6.69
CA TYR A 448 -42.26 14.89 -7.21
C TYR A 448 -43.63 14.39 -7.66
N PHE A 449 -43.67 13.24 -8.33
CA PHE A 449 -44.92 12.68 -8.81
C PHE A 449 -45.59 11.79 -7.77
N THR A 450 -44.83 10.88 -7.18
CA THR A 450 -45.41 9.97 -6.21
C THR A 450 -46.11 10.70 -5.06
N SER A 451 -45.52 11.79 -4.58
CA SER A 451 -46.12 12.53 -3.48
C SER A 451 -47.41 13.25 -3.91
N ARG A 452 -47.63 13.37 -5.22
CA ARG A 452 -48.82 14.02 -5.73
C ARG A 452 -49.90 13.00 -6.09
N GLY A 453 -49.56 11.72 -6.00
CA GLY A 453 -50.53 10.69 -6.31
C GLY A 453 -50.33 10.00 -7.65
N ILE A 454 -49.19 10.20 -8.29
CA ILE A 454 -48.91 9.55 -9.57
C ILE A 454 -47.76 8.57 -9.42
N GLY A 455 -48.04 7.29 -9.69
CA GLY A 455 -47.03 6.25 -9.58
C GLY A 455 -45.92 6.39 -10.62
N VAL A 456 -44.76 5.83 -10.30
CA VAL A 456 -43.62 5.87 -11.20
C VAL A 456 -43.01 4.48 -11.29
N ALA A 457 -42.62 4.09 -12.50
CA ALA A 457 -42.01 2.80 -12.74
C ALA A 457 -40.74 3.00 -13.53
N ASP A 458 -39.60 2.82 -12.88
CA ASP A 458 -38.30 2.97 -13.51
C ASP A 458 -37.83 1.60 -14.00
N VAL A 459 -37.83 1.42 -15.30
CA VAL A 459 -37.43 0.15 -15.91
C VAL A 459 -35.98 0.06 -16.36
N ASN A 460 -35.30 -0.99 -15.92
CA ASN A 460 -33.93 -1.26 -16.34
C ASN A 460 -34.09 -2.34 -17.39
N TYR A 461 -34.56 -1.91 -18.57
CA TYR A 461 -34.81 -2.82 -19.67
C TYR A 461 -33.57 -3.59 -20.15
N GLY A 462 -33.79 -4.50 -21.09
CA GLY A 462 -32.70 -5.28 -21.62
C GLY A 462 -31.65 -4.36 -22.20
N GLY A 463 -30.40 -4.64 -21.88
CA GLY A 463 -29.30 -3.82 -22.36
C GLY A 463 -28.71 -3.02 -21.23
N SER A 464 -29.41 -3.02 -20.09
CA SER A 464 -28.94 -2.29 -18.91
C SER A 464 -27.71 -3.00 -18.35
N THR A 465 -26.86 -2.24 -17.66
CA THR A 465 -25.66 -2.78 -17.07
C THR A 465 -25.94 -3.38 -15.69
N GLY A 466 -24.91 -3.90 -15.04
CA GLY A 466 -25.11 -4.47 -13.71
C GLY A 466 -25.59 -5.91 -13.67
N TYR A 467 -25.85 -6.49 -14.84
CA TYR A 467 -26.32 -7.87 -14.90
C TYR A 467 -25.51 -8.81 -15.78
N GLY A 468 -24.27 -8.43 -16.09
CA GLY A 468 -23.45 -9.28 -16.92
C GLY A 468 -23.44 -8.89 -18.40
N ARG A 469 -22.39 -9.30 -19.10
CA ARG A 469 -22.23 -8.99 -20.50
C ARG A 469 -23.41 -9.45 -21.36
N ALA A 470 -23.87 -10.68 -21.13
CA ALA A 470 -24.97 -11.23 -21.90
C ALA A 470 -26.22 -10.36 -21.84
N TYR A 471 -26.60 -9.95 -20.64
CA TYR A 471 -27.79 -9.11 -20.48
C TYR A 471 -27.57 -7.76 -21.17
N ARG A 472 -26.33 -7.27 -21.12
CA ARG A 472 -25.99 -6.00 -21.74
C ARG A 472 -26.08 -6.16 -23.27
N GLU A 473 -25.73 -7.34 -23.75
CA GLU A 473 -25.73 -7.68 -25.17
C GLU A 473 -27.13 -7.82 -25.78
N ARG A 474 -28.12 -8.09 -24.95
CA ARG A 474 -29.48 -8.25 -25.45
C ARG A 474 -29.96 -7.09 -26.30
N LEU A 475 -29.39 -5.93 -26.06
CA LEU A 475 -29.77 -4.75 -26.81
C LEU A 475 -29.02 -4.63 -28.13
N ARG A 476 -27.97 -5.43 -28.30
CA ARG A 476 -27.20 -5.38 -29.54
C ARG A 476 -28.09 -5.63 -30.75
N GLY A 477 -28.19 -4.63 -31.63
CA GLY A 477 -29.01 -4.74 -32.82
C GLY A 477 -30.50 -4.69 -32.54
N ARG A 478 -30.87 -4.64 -31.26
CA ARG A 478 -32.29 -4.62 -30.91
C ARG A 478 -32.81 -3.30 -30.34
N TRP A 479 -32.09 -2.20 -30.55
CA TRP A 479 -32.53 -0.90 -30.05
C TRP A 479 -33.82 -0.50 -30.74
N GLY A 480 -34.73 0.11 -29.99
CA GLY A 480 -36.00 0.52 -30.55
C GLY A 480 -37.04 -0.59 -30.41
N VAL A 481 -36.59 -1.80 -30.09
CA VAL A 481 -37.47 -2.94 -29.93
C VAL A 481 -37.45 -3.44 -28.48
N VAL A 482 -36.32 -3.98 -28.04
CA VAL A 482 -36.16 -4.48 -26.67
C VAL A 482 -36.46 -3.42 -25.59
N ASP A 483 -35.80 -2.28 -25.67
CA ASP A 483 -36.02 -1.21 -24.71
C ASP A 483 -37.50 -0.81 -24.71
N VAL A 484 -38.09 -0.73 -25.89
CA VAL A 484 -39.49 -0.35 -25.96
C VAL A 484 -40.42 -1.41 -25.42
N GLU A 485 -40.24 -2.65 -25.84
CA GLU A 485 -41.08 -3.73 -25.36
C GLU A 485 -41.03 -3.92 -23.85
N ASP A 486 -39.83 -4.07 -23.30
CA ASP A 486 -39.70 -4.25 -21.86
C ASP A 486 -40.42 -3.17 -21.07
N CYS A 487 -40.27 -1.91 -21.49
CA CYS A 487 -40.94 -0.84 -20.79
C CYS A 487 -42.45 -1.01 -20.88
N ALA A 488 -42.95 -1.38 -22.06
CA ALA A 488 -44.38 -1.59 -22.23
C ALA A 488 -44.81 -2.82 -21.45
N ALA A 489 -43.92 -3.80 -21.36
CA ALA A 489 -44.20 -5.03 -20.65
C ALA A 489 -44.56 -4.70 -19.20
N VAL A 490 -43.69 -3.94 -18.54
CA VAL A 490 -43.92 -3.56 -17.16
C VAL A 490 -45.18 -2.71 -17.03
N ALA A 491 -45.33 -1.72 -17.90
CA ALA A 491 -46.50 -0.87 -17.85
C ALA A 491 -47.81 -1.68 -17.84
N THR A 492 -48.01 -2.49 -18.87
CA THR A 492 -49.22 -3.29 -18.95
C THR A 492 -49.33 -4.25 -17.76
N ALA A 493 -48.21 -4.81 -17.33
CA ALA A 493 -48.21 -5.73 -16.19
C ALA A 493 -48.82 -5.00 -15.00
N LEU A 494 -48.40 -3.77 -14.76
CA LEU A 494 -48.92 -3.00 -13.65
C LEU A 494 -50.42 -2.77 -13.84
N ALA A 495 -50.83 -2.44 -15.05
CA ALA A 495 -52.24 -2.20 -15.33
C ALA A 495 -53.06 -3.46 -15.11
N GLU A 496 -52.52 -4.60 -15.50
CA GLU A 496 -53.22 -5.87 -15.34
C GLU A 496 -53.35 -6.25 -13.87
N GLU A 497 -52.24 -6.22 -13.14
CA GLU A 497 -52.22 -6.56 -11.72
C GLU A 497 -53.16 -5.69 -10.91
N GLY A 498 -53.67 -4.63 -11.52
CA GLY A 498 -54.56 -3.73 -10.83
C GLY A 498 -53.82 -2.75 -9.92
N THR A 499 -52.57 -2.46 -10.27
CA THR A 499 -51.73 -1.53 -9.52
C THR A 499 -51.89 -0.14 -10.12
N ALA A 500 -51.97 -0.08 -11.45
CA ALA A 500 -52.08 1.19 -12.15
C ALA A 500 -53.30 1.26 -13.07
N ASP A 501 -53.64 2.48 -13.48
CA ASP A 501 -54.77 2.73 -14.37
C ASP A 501 -54.32 2.50 -15.81
N ARG A 502 -54.83 1.44 -16.44
CA ARG A 502 -54.46 1.12 -17.82
C ARG A 502 -54.61 2.30 -18.77
N ALA A 503 -55.57 3.17 -18.49
CA ALA A 503 -55.83 4.31 -19.33
C ALA A 503 -54.99 5.55 -19.04
N ARG A 504 -54.29 5.56 -17.91
CA ARG A 504 -53.50 6.72 -17.58
C ARG A 504 -52.02 6.38 -17.36
N LEU A 505 -51.42 5.80 -18.41
CA LEU A 505 -50.02 5.42 -18.38
C LEU A 505 -49.21 6.38 -19.25
N ALA A 506 -48.11 6.90 -18.70
CA ALA A 506 -47.26 7.81 -19.44
C ALA A 506 -45.87 7.21 -19.58
N VAL A 507 -45.15 7.64 -20.61
CA VAL A 507 -43.79 7.17 -20.87
C VAL A 507 -42.89 8.39 -21.01
N ARG A 508 -41.65 8.28 -20.55
CA ARG A 508 -40.72 9.39 -20.64
C ARG A 508 -39.28 8.98 -20.41
N GLY A 509 -38.37 9.78 -20.93
CA GLY A 509 -36.95 9.51 -20.80
C GLY A 509 -36.14 10.55 -21.54
N GLY A 510 -34.86 10.69 -21.18
CA GLY A 510 -34.00 11.65 -21.83
C GLY A 510 -32.94 10.89 -22.62
N ALA A 511 -32.39 11.53 -23.65
CA ALA A 511 -31.39 10.88 -24.48
C ALA A 511 -31.90 9.53 -25.00
N ALA A 512 -31.20 8.44 -24.68
CA ALA A 512 -31.65 7.13 -25.13
C ALA A 512 -33.04 6.93 -24.55
N GLY A 513 -33.24 7.41 -23.33
CA GLY A 513 -34.55 7.31 -22.71
C GLY A 513 -35.58 8.09 -23.50
N GLY A 514 -35.11 9.11 -24.21
CA GLY A 514 -36.00 9.92 -25.02
C GLY A 514 -36.41 9.16 -26.27
N TRP A 515 -35.43 8.52 -26.90
CA TRP A 515 -35.66 7.73 -28.09
C TRP A 515 -36.67 6.63 -27.76
N THR A 516 -36.52 6.04 -26.58
CA THR A 516 -37.43 4.97 -26.14
C THR A 516 -38.85 5.48 -25.94
N ALA A 517 -38.97 6.66 -25.33
CA ALA A 517 -40.27 7.27 -25.08
C ALA A 517 -40.93 7.57 -26.42
N ALA A 518 -40.20 8.29 -27.27
CA ALA A 518 -40.71 8.64 -28.59
C ALA A 518 -41.09 7.34 -29.32
N SER A 519 -40.13 6.43 -29.43
CA SER A 519 -40.39 5.15 -30.09
C SER A 519 -41.64 4.50 -29.52
N SER A 520 -41.90 4.72 -28.24
CA SER A 520 -43.07 4.13 -27.61
C SER A 520 -44.35 4.78 -28.08
N LEU A 521 -44.29 6.08 -28.32
CA LEU A 521 -45.48 6.77 -28.77
C LEU A 521 -45.76 6.47 -30.23
N VAL A 522 -44.73 6.07 -30.95
CA VAL A 522 -44.84 5.77 -32.37
C VAL A 522 -45.20 4.33 -32.73
N SER A 523 -44.44 3.37 -32.20
CA SER A 523 -44.68 1.97 -32.53
C SER A 523 -45.49 1.19 -31.51
N THR A 524 -46.29 1.89 -30.71
CA THR A 524 -47.13 1.23 -29.71
C THR A 524 -48.22 2.17 -29.26
N ASP A 525 -49.33 1.62 -28.78
CA ASP A 525 -50.43 2.45 -28.31
C ASP A 525 -50.78 2.18 -26.86
N VAL A 526 -49.74 1.93 -26.07
CA VAL A 526 -49.86 1.65 -24.67
C VAL A 526 -50.05 2.90 -23.82
N TYR A 527 -49.37 3.98 -24.20
CA TYR A 527 -49.42 5.19 -23.41
C TYR A 527 -50.41 6.28 -23.81
N ALA A 528 -50.87 7.04 -22.82
CA ALA A 528 -51.81 8.13 -23.01
C ALA A 528 -51.07 9.40 -23.41
N CYS A 529 -49.76 9.41 -23.14
CA CYS A 529 -48.93 10.56 -23.48
C CYS A 529 -47.48 10.26 -23.09
N GLY A 530 -46.60 11.19 -23.40
CA GLY A 530 -45.20 10.98 -23.06
C GLY A 530 -44.35 12.24 -23.05
N THR A 531 -43.23 12.17 -22.34
CA THR A 531 -42.30 13.30 -22.26
C THR A 531 -40.97 12.84 -22.84
N VAL A 532 -40.52 13.56 -23.87
CA VAL A 532 -39.27 13.25 -24.55
C VAL A 532 -38.22 14.35 -24.37
N LEU A 533 -37.09 14.01 -23.75
CA LEU A 533 -36.02 14.99 -23.53
C LEU A 533 -34.79 14.70 -24.39
N TYR A 534 -34.27 15.74 -25.05
CA TYR A 534 -33.09 15.64 -25.92
C TYR A 534 -32.88 14.20 -26.38
N PRO A 535 -33.80 13.70 -27.21
CA PRO A 535 -33.77 12.34 -27.75
C PRO A 535 -33.01 12.18 -29.05
N VAL A 536 -33.08 10.96 -29.56
CA VAL A 536 -32.49 10.59 -30.83
C VAL A 536 -33.76 10.21 -31.60
N LEU A 537 -34.05 10.93 -32.67
CA LEU A 537 -35.25 10.65 -33.46
C LEU A 537 -34.91 10.45 -34.92
N ASP A 538 -33.76 10.99 -35.33
CA ASP A 538 -33.30 10.92 -36.72
C ASP A 538 -31.99 10.12 -36.77
N LEU A 539 -32.09 8.83 -37.08
CA LEU A 539 -30.93 7.95 -37.17
C LEU A 539 -30.03 8.32 -38.35
N LEU A 540 -30.61 8.38 -39.53
CA LEU A 540 -29.85 8.74 -40.72
C LEU A 540 -29.06 10.01 -40.43
N GLY A 541 -29.75 11.02 -39.91
CA GLY A 541 -29.08 12.26 -39.60
C GLY A 541 -27.97 12.08 -38.59
N TRP A 542 -28.27 11.31 -37.54
CA TRP A 542 -27.31 11.05 -36.46
C TRP A 542 -26.06 10.31 -36.93
N ALA A 543 -26.23 9.36 -37.85
CA ALA A 543 -25.11 8.58 -38.37
C ALA A 543 -24.29 9.39 -39.35
N ASP A 544 -24.92 10.41 -39.93
CA ASP A 544 -24.26 11.25 -40.91
C ASP A 544 -23.66 12.48 -40.22
N GLY A 545 -22.63 12.25 -39.42
CA GLY A 545 -21.96 13.33 -38.70
C GLY A 545 -22.89 14.12 -37.79
N GLY A 546 -23.95 13.48 -37.31
CA GLY A 546 -24.92 14.16 -36.45
C GLY A 546 -24.82 13.98 -34.94
N THR A 547 -23.65 13.61 -34.44
CA THR A 547 -23.44 13.45 -33.00
C THR A 547 -21.95 13.50 -32.70
N HIS A 548 -21.59 13.65 -31.42
CA HIS A 548 -20.17 13.72 -31.06
C HIS A 548 -19.43 12.44 -31.43
N ASP A 549 -18.11 12.55 -31.53
CA ASP A 549 -17.28 11.40 -31.91
C ASP A 549 -17.45 10.11 -31.10
N PHE A 550 -17.46 10.24 -29.77
CA PHE A 550 -17.59 9.08 -28.89
C PHE A 550 -18.76 8.14 -29.21
N GLU A 551 -19.83 8.66 -29.79
CA GLU A 551 -20.96 7.80 -30.11
C GLU A 551 -21.29 7.83 -31.61
N SER A 552 -20.35 8.32 -32.40
CA SER A 552 -20.53 8.41 -33.85
C SER A 552 -20.74 7.05 -34.52
N ARG A 553 -20.50 5.97 -33.78
CA ARG A 553 -20.69 4.63 -34.33
C ARG A 553 -21.40 3.74 -33.31
N TYR A 554 -22.00 4.34 -32.29
CA TYR A 554 -22.72 3.59 -31.26
C TYR A 554 -23.89 2.84 -31.91
N LEU A 555 -24.40 3.38 -33.02
CA LEU A 555 -25.51 2.73 -33.72
C LEU A 555 -25.09 1.38 -34.30
N ASP A 556 -23.79 1.19 -34.53
CA ASP A 556 -23.34 -0.09 -35.05
C ASP A 556 -23.70 -1.19 -34.06
N PHE A 557 -23.72 -0.84 -32.78
CA PHE A 557 -24.06 -1.78 -31.72
C PHE A 557 -25.57 -1.86 -31.51
N LEU A 558 -26.20 -0.68 -31.44
CA LEU A 558 -27.63 -0.58 -31.19
C LEU A 558 -28.58 -1.11 -32.27
N ILE A 559 -28.28 -0.86 -33.54
CA ILE A 559 -29.17 -1.32 -34.61
C ILE A 559 -28.48 -2.11 -35.72
N GLY A 560 -27.16 -2.21 -35.67
CA GLY A 560 -26.42 -2.93 -36.70
C GLY A 560 -25.70 -1.95 -37.60
N SER A 561 -24.63 -2.40 -38.26
CA SER A 561 -23.88 -1.52 -39.13
C SER A 561 -24.76 -0.98 -40.25
N PHE A 562 -24.40 0.18 -40.79
CA PHE A 562 -25.15 0.77 -41.87
C PHE A 562 -24.90 -0.02 -43.14
N GLU A 563 -23.76 -0.71 -43.18
CA GLU A 563 -23.39 -1.53 -44.32
C GLU A 563 -24.23 -2.78 -44.40
N GLU A 564 -24.52 -3.37 -43.24
CA GLU A 564 -25.30 -4.60 -43.18
C GLU A 564 -26.79 -4.39 -43.07
N PHE A 565 -27.22 -3.34 -42.38
CA PHE A 565 -28.65 -3.08 -42.22
C PHE A 565 -29.04 -1.63 -42.51
N PRO A 566 -28.76 -1.14 -43.72
CA PRO A 566 -29.14 0.25 -44.02
C PRO A 566 -30.63 0.51 -43.88
N GLU A 567 -31.46 -0.52 -44.02
CA GLU A 567 -32.91 -0.31 -43.91
C GLU A 567 -33.34 0.03 -42.48
N ARG A 568 -32.64 -0.53 -41.49
CA ARG A 568 -32.99 -0.27 -40.09
C ARG A 568 -32.84 1.19 -39.68
N TYR A 569 -31.95 1.92 -40.36
CA TYR A 569 -31.72 3.31 -40.04
C TYR A 569 -32.92 4.19 -40.40
N ARG A 570 -33.78 3.67 -41.27
CA ARG A 570 -34.97 4.43 -41.64
C ARG A 570 -36.17 3.86 -40.89
N ASP A 571 -36.26 2.54 -40.85
CA ASP A 571 -37.36 1.89 -40.16
C ASP A 571 -37.43 2.24 -38.68
N ARG A 572 -36.41 1.83 -37.93
CA ARG A 572 -36.34 2.07 -36.48
C ARG A 572 -36.45 3.52 -36.02
N ALA A 573 -36.15 4.47 -36.90
CA ALA A 573 -36.20 5.89 -36.53
C ALA A 573 -37.61 6.43 -36.29
N PRO A 574 -37.79 7.11 -35.15
CA PRO A 574 -39.07 7.71 -34.76
C PRO A 574 -39.55 8.76 -35.77
N LEU A 575 -38.59 9.52 -36.31
CA LEU A 575 -38.90 10.55 -37.29
C LEU A 575 -39.67 9.94 -38.46
N THR A 576 -39.26 8.74 -38.86
CA THR A 576 -39.91 8.08 -39.98
C THR A 576 -41.41 7.89 -39.79
N ARG A 577 -41.84 7.57 -38.58
CA ARG A 577 -43.26 7.35 -38.34
C ARG A 577 -43.87 8.35 -37.37
N ALA A 578 -43.43 9.60 -37.46
CA ALA A 578 -43.93 10.65 -36.59
C ALA A 578 -45.45 10.73 -36.66
N ASP A 579 -45.98 10.62 -37.88
CA ASP A 579 -47.43 10.67 -38.09
C ASP A 579 -48.20 9.61 -37.30
N ARG A 580 -47.49 8.58 -36.82
CA ARG A 580 -48.13 7.51 -36.07
C ARG A 580 -48.34 7.83 -34.59
N VAL A 581 -47.96 9.03 -34.17
CA VAL A 581 -48.14 9.43 -32.77
C VAL A 581 -49.56 9.95 -32.59
N ARG A 582 -50.36 9.20 -31.85
CA ARG A 582 -51.75 9.57 -31.63
C ARG A 582 -52.07 10.27 -30.32
N VAL A 583 -51.12 10.29 -29.39
CA VAL A 583 -51.35 10.92 -28.08
C VAL A 583 -50.52 12.19 -27.90
N PRO A 584 -50.91 13.04 -26.95
CA PRO A 584 -50.15 14.29 -26.72
C PRO A 584 -48.77 14.00 -26.13
N PHE A 585 -47.84 14.92 -26.36
CA PHE A 585 -46.48 14.76 -25.83
C PHE A 585 -45.80 16.10 -25.60
N LEU A 586 -44.70 16.06 -24.83
CA LEU A 586 -43.91 17.24 -24.51
C LEU A 586 -42.46 17.00 -24.89
N LEU A 587 -41.89 17.93 -25.66
CA LEU A 587 -40.50 17.82 -26.09
C LEU A 587 -39.62 18.87 -25.40
N LEU A 588 -38.60 18.40 -24.69
CA LEU A 588 -37.68 19.28 -23.99
C LEU A 588 -36.31 19.15 -24.68
N GLN A 589 -35.59 20.25 -24.82
CA GLN A 589 -34.30 20.22 -25.51
C GLN A 589 -33.35 21.39 -25.19
N GLY A 590 -32.07 21.08 -25.01
CA GLY A 590 -31.08 22.11 -24.76
C GLY A 590 -30.53 22.52 -26.11
N LEU A 591 -30.43 23.81 -26.38
CA LEU A 591 -29.95 24.28 -27.68
C LEU A 591 -28.46 24.09 -27.97
N GLU A 592 -27.66 23.88 -26.93
CA GLU A 592 -26.22 23.71 -27.10
C GLU A 592 -25.81 22.23 -27.01
N ASP A 593 -26.78 21.33 -27.19
CA ASP A 593 -26.51 19.90 -27.09
C ASP A 593 -25.71 19.31 -28.24
N PRO A 594 -24.47 18.89 -27.97
CA PRO A 594 -23.57 18.30 -28.96
C PRO A 594 -23.79 16.78 -29.15
N VAL A 595 -24.51 16.17 -28.22
CA VAL A 595 -24.80 14.73 -28.28
C VAL A 595 -26.06 14.49 -29.11
N CYS A 596 -27.09 15.26 -28.81
CA CYS A 596 -28.35 15.17 -29.53
C CYS A 596 -28.69 16.59 -29.95
N PRO A 597 -28.22 17.01 -31.13
CA PRO A 597 -28.46 18.35 -31.65
C PRO A 597 -29.93 18.69 -31.73
N PRO A 598 -30.28 19.92 -31.38
CA PRO A 598 -31.68 20.35 -31.41
C PRO A 598 -32.35 20.14 -32.77
N GLU A 599 -31.54 19.98 -33.80
CA GLU A 599 -32.04 19.74 -35.16
C GLU A 599 -33.00 18.54 -35.11
N GLN A 600 -32.61 17.53 -34.34
CA GLN A 600 -33.40 16.31 -34.15
C GLN A 600 -34.87 16.63 -33.92
N CYS A 601 -35.13 17.55 -32.98
CA CYS A 601 -36.48 17.96 -32.65
C CYS A 601 -37.18 18.68 -33.80
N ASP A 602 -36.51 19.66 -34.38
CA ASP A 602 -37.10 20.42 -35.48
C ASP A 602 -37.67 19.52 -36.57
N ARG A 603 -36.86 18.57 -37.03
CA ARG A 603 -37.31 17.67 -38.08
C ARG A 603 -38.51 16.84 -37.65
N PHE A 604 -38.56 16.49 -36.36
CA PHE A 604 -39.67 15.70 -35.84
C PHE A 604 -40.94 16.55 -35.78
N LEU A 605 -40.80 17.75 -35.23
CA LEU A 605 -41.93 18.67 -35.10
C LEU A 605 -42.51 19.00 -36.47
N GLU A 606 -41.66 19.01 -37.48
CA GLU A 606 -42.08 19.30 -38.83
C GLU A 606 -42.87 18.13 -39.40
N ALA A 607 -42.49 16.92 -39.02
CA ALA A 607 -43.16 15.73 -39.50
C ALA A 607 -44.49 15.45 -38.83
N VAL A 608 -44.76 16.11 -37.71
CA VAL A 608 -46.02 15.89 -37.00
C VAL A 608 -47.00 17.01 -37.23
N ALA A 609 -46.47 18.20 -37.50
CA ALA A 609 -47.31 19.37 -37.74
C ALA A 609 -48.48 19.03 -38.65
N GLY A 610 -49.67 19.47 -38.27
CA GLY A 610 -50.84 19.21 -39.08
C GLY A 610 -51.51 17.86 -38.89
N CYS A 611 -50.98 17.05 -37.98
CA CYS A 611 -51.59 15.74 -37.74
C CYS A 611 -52.61 15.82 -36.59
N GLY A 612 -52.87 17.04 -36.12
CA GLY A 612 -53.82 17.27 -35.07
C GLY A 612 -53.57 16.68 -33.68
N VAL A 613 -52.30 16.49 -33.35
CA VAL A 613 -51.95 15.93 -32.05
C VAL A 613 -51.49 17.04 -31.12
N PRO A 614 -52.14 17.18 -29.96
CA PRO A 614 -51.74 18.24 -29.03
C PRO A 614 -50.32 17.99 -28.51
N HIS A 615 -49.45 18.99 -28.65
CA HIS A 615 -48.08 18.84 -28.19
C HIS A 615 -47.44 20.19 -27.88
N ALA A 616 -46.28 20.14 -27.24
CA ALA A 616 -45.54 21.35 -26.86
C ALA A 616 -44.05 21.07 -27.01
N TYR A 617 -43.27 22.15 -27.12
CA TYR A 617 -41.82 22.05 -27.27
C TYR A 617 -41.17 23.20 -26.54
N LEU A 618 -40.18 22.90 -25.72
CA LEU A 618 -39.45 23.91 -24.97
C LEU A 618 -37.96 23.74 -25.16
N SER A 619 -37.32 24.69 -25.84
CA SER A 619 -35.89 24.60 -26.03
C SER A 619 -35.28 25.60 -25.04
N PHE A 620 -34.03 25.38 -24.67
CA PHE A 620 -33.37 26.27 -23.72
C PHE A 620 -31.98 26.58 -24.20
N GLU A 621 -31.62 27.85 -24.25
CA GLU A 621 -30.27 28.17 -24.67
C GLU A 621 -29.43 28.18 -23.41
N GLY A 622 -28.15 27.86 -23.54
CA GLY A 622 -27.29 27.83 -22.38
C GLY A 622 -27.32 26.46 -21.74
N GLU A 623 -27.98 25.52 -22.42
CA GLU A 623 -28.07 24.16 -21.91
C GLU A 623 -27.58 23.18 -22.97
N GLY A 624 -26.66 22.30 -22.57
CA GLY A 624 -26.15 21.32 -23.50
C GLY A 624 -26.97 20.05 -23.36
N HIS A 625 -26.28 18.91 -23.35
CA HIS A 625 -26.96 17.63 -23.21
C HIS A 625 -27.29 17.48 -21.74
N GLY A 626 -28.58 17.55 -21.41
CA GLY A 626 -28.97 17.45 -20.01
C GLY A 626 -29.03 18.86 -19.44
N PHE A 627 -30.02 19.15 -18.60
CA PHE A 627 -30.17 20.48 -18.03
C PHE A 627 -29.48 20.67 -16.69
N ARG A 628 -28.59 21.64 -16.60
CA ARG A 628 -27.87 21.88 -15.35
C ARG A 628 -28.29 23.12 -14.57
N ARG A 629 -28.87 24.10 -15.26
CA ARG A 629 -29.33 25.35 -14.63
C ARG A 629 -30.61 25.13 -13.85
N LYS A 630 -30.66 25.70 -12.64
CA LYS A 630 -31.84 25.57 -11.80
C LYS A 630 -33.13 26.00 -12.51
N GLU A 631 -33.13 27.21 -13.07
CA GLU A 631 -34.32 27.73 -13.77
C GLU A 631 -34.82 26.76 -14.84
N THR A 632 -33.89 26.16 -15.57
CA THR A 632 -34.24 25.25 -16.64
C THR A 632 -35.01 24.05 -16.11
N MET A 633 -34.48 23.45 -15.06
CA MET A 633 -35.11 22.28 -14.48
C MET A 633 -36.52 22.59 -13.99
N VAL A 634 -36.71 23.76 -13.40
CA VAL A 634 -38.03 24.14 -12.92
C VAL A 634 -39.07 24.17 -14.05
N ARG A 635 -38.75 24.85 -15.16
CA ARG A 635 -39.69 24.90 -16.28
C ARG A 635 -39.91 23.51 -16.83
N ALA A 636 -38.81 22.77 -16.98
CA ALA A 636 -38.87 21.42 -17.51
C ALA A 636 -39.77 20.53 -16.69
N LEU A 637 -39.57 20.52 -15.37
CA LEU A 637 -40.36 19.67 -14.50
C LEU A 637 -41.83 20.07 -14.48
N GLU A 638 -42.11 21.32 -14.14
CA GLU A 638 -43.49 21.78 -14.08
C GLU A 638 -44.22 21.59 -15.42
N ALA A 639 -43.49 21.69 -16.52
CA ALA A 639 -44.09 21.50 -17.83
C ALA A 639 -44.54 20.05 -17.98
N GLU A 640 -43.69 19.13 -17.53
CA GLU A 640 -43.99 17.71 -17.60
C GLU A 640 -45.21 17.37 -16.75
N LEU A 641 -45.32 17.98 -15.57
CA LEU A 641 -46.44 17.71 -14.69
C LEU A 641 -47.74 18.26 -15.28
N SER A 642 -47.65 19.39 -15.96
CA SER A 642 -48.82 20.00 -16.58
C SER A 642 -49.38 19.05 -17.62
N LEU A 643 -48.50 18.54 -18.48
CA LEU A 643 -48.89 17.60 -19.52
C LEU A 643 -49.67 16.45 -18.89
N TYR A 644 -49.07 15.84 -17.86
CA TYR A 644 -49.73 14.73 -17.18
C TYR A 644 -51.05 15.19 -16.57
N ALA A 645 -51.03 16.36 -15.94
CA ALA A 645 -52.25 16.89 -15.31
C ALA A 645 -53.39 17.05 -16.32
N GLN A 646 -53.07 17.60 -17.48
CA GLN A 646 -54.09 17.81 -18.48
C GLN A 646 -54.56 16.53 -19.14
N VAL A 647 -53.64 15.61 -19.41
CA VAL A 647 -54.01 14.36 -20.06
C VAL A 647 -54.67 13.36 -19.12
N PHE A 648 -54.31 13.40 -17.84
CA PHE A 648 -54.90 12.48 -16.87
C PHE A 648 -56.16 13.03 -16.24
N GLY A 649 -56.55 14.23 -16.64
CA GLY A 649 -57.76 14.83 -16.10
C GLY A 649 -57.67 15.20 -14.63
N VAL A 650 -56.51 15.69 -14.20
CA VAL A 650 -56.31 16.10 -12.82
C VAL A 650 -55.97 17.58 -12.84
N GLU A 651 -56.06 18.23 -11.69
CA GLU A 651 -55.76 19.65 -11.64
C GLU A 651 -54.66 19.98 -10.65
N VAL A 652 -53.41 19.86 -11.10
CA VAL A 652 -52.28 20.17 -10.25
C VAL A 652 -52.33 21.65 -9.93
N ALA A 653 -51.82 22.02 -8.76
CA ALA A 653 -51.86 23.41 -8.32
C ALA A 653 -50.65 24.29 -8.69
N GLY A 654 -49.56 24.11 -7.95
CA GLY A 654 -48.35 24.90 -8.13
C GLY A 654 -47.70 25.08 -9.49
N VAL A 655 -48.28 24.54 -10.54
CA VAL A 655 -47.68 24.70 -11.87
C VAL A 655 -48.60 25.40 -12.87
N PRO A 656 -48.01 26.19 -13.78
CA PRO A 656 -48.80 26.91 -14.79
C PRO A 656 -49.29 25.88 -15.81
N LEU A 657 -50.22 26.28 -16.66
CA LEU A 657 -50.74 25.35 -17.65
C LEU A 657 -49.95 25.38 -18.94
N LEU A 658 -49.36 24.25 -19.31
CA LEU A 658 -48.57 24.13 -20.53
C LEU A 658 -49.47 24.15 -21.76
N LYS A 659 -49.19 25.05 -22.70
CA LYS A 659 -49.99 25.16 -23.92
C LYS A 659 -49.66 24.11 -24.95
N LEU A 660 -50.61 23.22 -25.20
CA LEU A 660 -50.44 22.15 -26.17
C LEU A 660 -51.08 22.59 -27.50
N GLY A 661 -50.33 22.41 -28.59
CA GLY A 661 -50.83 22.79 -29.91
C GLY A 661 -50.68 21.68 -30.95
N GLU A 662 -51.42 21.77 -32.04
CA GLU A 662 -51.39 20.75 -33.10
C GLU A 662 -50.68 21.17 -34.38
N VAL B 2 -14.75 -3.10 22.74
CA VAL B 2 -13.83 -2.18 21.99
C VAL B 2 -14.34 -0.75 22.05
N SER B 3 -13.51 0.16 22.55
CA SER B 3 -13.91 1.56 22.65
C SER B 3 -12.97 2.45 21.86
N THR B 4 -13.38 3.70 21.67
CA THR B 4 -12.56 4.64 20.92
C THR B 4 -11.73 5.46 21.89
N ALA B 5 -10.50 5.76 21.49
CA ALA B 5 -9.61 6.53 22.33
C ALA B 5 -8.46 7.10 21.51
N PRO B 6 -7.91 8.23 21.95
CA PRO B 6 -6.79 8.91 21.28
C PRO B 6 -5.63 7.97 20.98
N TYR B 7 -5.04 8.11 19.80
CA TYR B 7 -3.92 7.27 19.43
C TYR B 7 -2.77 7.51 20.40
N GLY B 8 -2.26 6.42 20.97
CA GLY B 8 -1.16 6.53 21.92
C GLY B 8 -1.64 6.45 23.36
N ALA B 9 -2.94 6.61 23.57
CA ALA B 9 -3.49 6.57 24.91
C ALA B 9 -4.17 5.26 25.28
N TRP B 10 -4.17 4.29 24.38
CA TRP B 10 -4.81 3.02 24.68
C TRP B 10 -4.14 2.28 25.83
N GLN B 11 -4.95 1.64 26.67
CA GLN B 11 -4.42 0.88 27.77
C GLN B 11 -3.88 -0.44 27.23
N SER B 12 -2.65 -0.79 27.61
CA SER B 12 -2.03 -2.02 27.16
C SER B 12 -1.46 -2.89 28.29
N PRO B 13 -1.67 -4.20 28.20
CA PRO B 13 -1.17 -5.12 29.24
C PRO B 13 0.33 -5.33 29.09
N ILE B 14 0.91 -4.81 28.01
CA ILE B 14 2.34 -4.97 27.78
C ILE B 14 3.10 -3.78 28.34
N ASP B 15 3.67 -3.94 29.53
CA ASP B 15 4.44 -2.86 30.14
C ASP B 15 5.93 -3.05 29.88
N ALA B 16 6.73 -2.03 30.17
CA ALA B 16 8.16 -2.10 29.94
C ALA B 16 8.78 -3.33 30.60
N ALA B 17 8.39 -3.60 31.85
CA ALA B 17 8.90 -4.74 32.58
C ALA B 17 8.77 -6.03 31.76
N LEU B 18 7.59 -6.28 31.20
CA LEU B 18 7.38 -7.47 30.41
C LEU B 18 8.28 -7.44 29.18
N VAL B 19 8.34 -6.28 28.52
CA VAL B 19 9.17 -6.14 27.33
C VAL B 19 10.60 -6.58 27.66
N ALA B 20 11.15 -6.03 28.74
CA ALA B 20 12.50 -6.38 29.16
C ALA B 20 12.63 -7.86 29.49
N SER B 21 11.68 -8.38 30.27
CA SER B 21 11.69 -9.77 30.66
C SER B 21 11.81 -10.73 29.49
N ARG B 22 11.15 -10.40 28.39
CA ARG B 22 11.14 -11.26 27.21
C ARG B 22 12.15 -10.86 26.13
N SER B 23 13.06 -9.96 26.45
CA SER B 23 14.06 -9.50 25.49
C SER B 23 15.06 -10.58 25.09
N GLY B 24 15.66 -10.41 23.92
CA GLY B 24 16.65 -11.37 23.46
C GLY B 24 16.03 -12.64 22.94
N ARG B 25 16.89 -13.57 22.54
CA ARG B 25 16.44 -14.86 22.02
C ARG B 25 17.52 -15.89 22.26
N PRO B 26 17.23 -17.17 21.97
CA PRO B 26 18.24 -18.21 22.17
C PRO B 26 19.28 -17.94 21.09
N ALA B 27 20.55 -18.25 21.38
CA ALA B 27 21.60 -18.02 20.40
C ALA B 27 22.74 -19.01 20.50
N CYS B 28 23.56 -19.05 19.47
CA CYS B 28 24.71 -19.93 19.43
C CYS B 28 24.32 -21.34 19.85
N VAL B 29 23.28 -21.87 19.22
CA VAL B 29 22.80 -23.21 19.54
C VAL B 29 23.83 -24.23 19.04
N GLY B 30 23.87 -25.38 19.70
CA GLY B 30 24.83 -26.39 19.32
C GLY B 30 24.46 -27.76 19.85
N ALA B 31 24.78 -28.78 19.07
CA ALA B 31 24.49 -30.14 19.49
C ALA B 31 25.69 -30.73 20.22
N VAL B 32 25.38 -31.45 21.30
CA VAL B 32 26.38 -32.10 22.14
C VAL B 32 25.80 -33.47 22.41
N GLY B 33 26.21 -34.46 21.62
CA GLY B 33 25.65 -35.79 21.80
C GLY B 33 24.15 -35.73 21.59
N ASP B 34 23.39 -36.42 22.44
CA ASP B 34 21.93 -36.40 22.32
C ASP B 34 21.36 -35.18 23.03
N GLU B 35 22.19 -34.15 23.15
CA GLU B 35 21.77 -32.91 23.81
C GLU B 35 21.87 -31.72 22.87
N VAL B 36 21.13 -30.65 23.22
CA VAL B 36 21.11 -29.41 22.46
C VAL B 36 21.28 -28.26 23.46
N TRP B 37 22.36 -27.51 23.31
CA TRP B 37 22.63 -26.37 24.19
C TRP B 37 22.52 -25.09 23.38
N TRP B 38 22.36 -23.97 24.08
CA TRP B 38 22.27 -22.66 23.44
C TRP B 38 22.46 -21.58 24.51
N VAL B 39 22.78 -20.36 24.09
CA VAL B 39 22.96 -19.27 25.03
C VAL B 39 21.65 -18.49 25.13
N ALA B 40 21.24 -18.17 26.35
CA ALA B 40 20.02 -17.41 26.56
C ALA B 40 20.29 -16.24 27.48
N PRO B 41 19.56 -15.12 27.28
CA PRO B 41 19.77 -13.96 28.14
C PRO B 41 18.98 -14.07 29.44
N ARG B 42 19.51 -13.48 30.49
CA ARG B 42 18.85 -13.48 31.81
C ARG B 42 18.84 -12.02 32.27
N PRO B 43 17.97 -11.20 31.66
CA PRO B 43 17.83 -9.78 31.97
C PRO B 43 17.74 -9.41 33.47
N ALA B 44 16.94 -10.15 34.23
CA ALA B 44 16.77 -9.87 35.65
C ALA B 44 17.94 -10.31 36.53
N GLU B 45 18.89 -11.02 35.93
CA GLU B 45 20.06 -11.49 36.67
C GLU B 45 21.27 -10.69 36.26
N ALA B 46 21.20 -9.38 36.50
CA ALA B 46 22.26 -8.44 36.17
C ALA B 46 22.66 -8.48 34.70
N GLY B 47 21.72 -8.90 33.85
CA GLY B 47 21.98 -8.95 32.43
C GLY B 47 23.03 -9.92 31.93
N ARG B 48 23.23 -11.01 32.64
CA ARG B 48 24.21 -12.00 32.24
C ARG B 48 23.58 -12.91 31.19
N ALA B 49 24.42 -13.66 30.49
CA ALA B 49 23.94 -14.61 29.49
C ALA B 49 24.26 -15.97 30.12
N THR B 50 23.37 -16.93 29.95
CA THR B 50 23.59 -18.25 30.51
C THR B 50 23.56 -19.29 29.41
N LEU B 51 23.92 -20.51 29.77
CA LEU B 51 23.90 -21.62 28.84
C LEU B 51 22.72 -22.51 29.21
N VAL B 52 21.84 -22.78 28.26
CA VAL B 52 20.71 -23.63 28.54
C VAL B 52 21.01 -25.02 27.97
N ARG B 53 20.69 -26.05 28.77
CA ARG B 53 20.95 -27.43 28.39
C ARG B 53 19.64 -28.18 28.17
N ARG B 54 19.45 -28.67 26.96
CA ARG B 54 18.22 -29.40 26.66
C ARG B 54 18.55 -30.88 26.47
N ARG B 55 18.05 -31.69 27.40
CA ARG B 55 18.28 -33.13 27.40
C ARG B 55 17.38 -33.85 26.40
N ALA B 56 17.83 -35.03 25.97
CA ALA B 56 17.08 -35.85 25.02
C ALA B 56 15.67 -36.14 25.51
N ASP B 57 15.51 -36.27 26.82
CA ASP B 57 14.19 -36.55 27.39
C ASP B 57 13.36 -35.28 27.49
N GLY B 58 13.88 -34.18 26.94
CA GLY B 58 13.15 -32.93 26.99
C GLY B 58 13.42 -32.06 28.20
N ALA B 59 14.30 -32.52 29.10
CA ALA B 59 14.63 -31.71 30.28
C ALA B 59 15.31 -30.46 29.75
N GLU B 60 14.89 -29.29 30.22
CA GLU B 60 15.45 -28.05 29.72
C GLU B 60 15.64 -27.00 30.80
N GLU B 61 16.87 -26.52 30.97
CA GLU B 61 17.13 -25.48 31.95
C GLU B 61 18.56 -24.93 31.92
N SER B 62 18.76 -23.84 32.66
CA SER B 62 20.06 -23.19 32.75
C SER B 62 21.07 -24.11 33.42
N ALA B 63 22.27 -24.20 32.86
CA ALA B 63 23.30 -25.07 33.41
C ALA B 63 24.30 -24.30 34.29
N LEU B 64 24.38 -22.99 34.10
CA LEU B 64 25.31 -22.17 34.86
C LEU B 64 24.52 -21.12 35.62
N PRO B 65 24.72 -21.04 36.94
CA PRO B 65 24.00 -20.06 37.75
C PRO B 65 24.72 -18.72 37.75
N ALA B 66 24.05 -17.67 38.20
CA ALA B 66 24.69 -16.36 38.27
C ALA B 66 25.78 -16.48 39.32
N PRO B 67 26.84 -15.64 39.23
CA PRO B 67 27.06 -14.59 38.23
C PRO B 67 27.90 -14.99 37.02
N TRP B 68 27.82 -16.26 36.62
CA TRP B 68 28.57 -16.68 35.44
C TRP B 68 27.89 -15.99 34.26
N ASN B 69 28.69 -15.42 33.37
CA ASN B 69 28.19 -14.66 32.23
C ASN B 69 28.76 -15.16 30.90
N VAL B 70 28.00 -15.97 30.17
CA VAL B 70 28.45 -16.52 28.89
C VAL B 70 28.47 -15.50 27.76
N ARG B 71 29.57 -14.75 27.65
CA ARG B 71 29.73 -13.73 26.63
C ARG B 71 31.18 -13.25 26.68
N ASN B 72 31.71 -12.80 25.55
CA ASN B 72 33.07 -12.30 25.50
C ASN B 72 33.13 -10.95 24.77
N ARG B 73 34.32 -10.37 24.66
CA ARG B 73 34.46 -9.08 23.99
C ARG B 73 35.29 -9.09 22.72
N VAL B 74 35.33 -10.22 22.03
CA VAL B 74 36.08 -10.29 20.78
C VAL B 74 35.27 -9.46 19.77
N PHE B 75 35.95 -8.52 19.11
CA PHE B 75 35.31 -7.62 18.14
C PHE B 75 34.35 -6.73 18.92
N GLU B 76 34.42 -6.83 20.25
CA GLU B 76 33.56 -6.08 21.14
C GLU B 76 32.10 -6.44 20.91
N TYR B 77 31.86 -7.53 20.19
CA TYR B 77 30.49 -7.96 19.93
C TYR B 77 30.26 -9.38 20.40
N SER B 78 31.34 -10.07 20.75
CA SER B 78 31.28 -11.44 21.26
C SER B 78 31.16 -12.54 20.22
N GLY B 79 32.25 -13.27 19.99
CA GLY B 79 32.26 -14.38 19.04
C GLY B 79 31.64 -15.58 19.72
N PHE B 80 31.41 -16.66 18.98
CA PHE B 80 30.80 -17.85 19.57
C PHE B 80 31.48 -18.13 20.90
N PRO B 81 30.74 -17.96 22.01
CA PRO B 81 31.21 -18.15 23.38
C PRO B 81 31.35 -19.53 24.00
N TRP B 82 31.07 -20.60 23.26
CA TRP B 82 31.17 -21.91 23.87
C TRP B 82 31.33 -23.11 22.93
N ALA B 83 31.71 -24.24 23.51
CA ALA B 83 31.89 -25.47 22.77
C ALA B 83 31.73 -26.61 23.75
N GLY B 84 31.21 -27.73 23.28
CA GLY B 84 31.02 -28.89 24.13
C GLY B 84 31.06 -30.18 23.34
N VAL B 85 31.35 -31.29 24.03
CA VAL B 85 31.41 -32.60 23.40
C VAL B 85 30.94 -33.60 24.43
N PRO B 86 30.24 -34.64 23.97
CA PRO B 86 29.75 -35.67 24.89
C PRO B 86 30.86 -36.60 25.36
N ARG B 87 30.59 -37.32 26.44
CA ARG B 87 31.56 -38.27 27.00
C ARG B 87 30.80 -39.54 27.40
N PRO B 88 31.46 -40.70 27.26
CA PRO B 88 30.86 -41.98 27.61
C PRO B 88 30.12 -41.96 28.95
N ALA B 89 30.84 -41.57 30.00
CA ALA B 89 30.27 -41.48 31.34
C ALA B 89 30.75 -40.22 32.05
N GLY B 90 29.99 -39.79 33.04
CA GLY B 90 30.37 -38.60 33.79
C GLY B 90 29.92 -37.33 33.09
N GLY B 91 29.00 -37.47 32.14
CA GLY B 91 28.48 -36.32 31.44
C GLY B 91 29.42 -35.65 30.42
N PRO B 92 28.93 -34.61 29.73
CA PRO B 92 29.69 -33.87 28.72
C PRO B 92 30.73 -32.88 29.25
N LEU B 93 31.65 -32.49 28.37
CA LEU B 93 32.70 -31.55 28.70
C LEU B 93 32.47 -30.25 27.95
N LEU B 94 32.39 -29.14 28.69
CA LEU B 94 32.18 -27.85 28.04
C LEU B 94 33.20 -26.81 28.46
N VAL B 95 33.36 -25.82 27.59
CA VAL B 95 34.24 -24.70 27.85
C VAL B 95 33.42 -23.49 27.41
N PHE B 96 33.65 -22.35 28.05
CA PHE B 96 32.90 -21.16 27.68
C PHE B 96 33.64 -19.95 28.20
N THR B 97 33.42 -18.81 27.55
CA THR B 97 34.08 -17.58 27.97
C THR B 97 33.18 -16.87 28.97
N HIS B 98 33.78 -16.42 30.06
CA HIS B 98 33.07 -15.70 31.11
C HIS B 98 33.35 -14.21 30.95
N PHE B 99 32.29 -13.45 30.72
CA PHE B 99 32.41 -12.00 30.50
C PHE B 99 33.18 -11.21 31.56
N GLY B 100 32.94 -11.54 32.83
CA GLY B 100 33.60 -10.84 33.92
C GLY B 100 35.10 -10.69 33.83
N ASP B 101 35.80 -11.77 33.52
CA ASP B 101 37.25 -11.71 33.41
C ASP B 101 37.76 -12.04 32.02
N GLN B 102 36.83 -12.33 31.11
CA GLN B 102 37.18 -12.66 29.73
C GLN B 102 38.00 -13.93 29.60
N ARG B 103 38.00 -14.75 30.64
CA ARG B 103 38.76 -15.99 30.63
C ARG B 103 37.91 -17.15 30.07
N LEU B 104 38.60 -18.16 29.56
CA LEU B 104 37.92 -19.33 29.01
C LEU B 104 37.87 -20.37 30.12
N TYR B 105 36.68 -20.81 30.46
CA TYR B 105 36.51 -21.79 31.52
C TYR B 105 36.05 -23.15 31.00
N ALA B 106 36.33 -24.18 31.77
CA ALA B 106 35.92 -25.55 31.45
C ALA B 106 35.03 -26.04 32.59
N PHE B 107 34.04 -26.86 32.29
CA PHE B 107 33.19 -27.39 33.34
C PHE B 107 32.38 -28.59 32.87
N GLU B 108 32.08 -29.48 33.81
CA GLU B 108 31.31 -30.68 33.54
C GLU B 108 30.07 -30.62 34.43
N PRO B 109 28.89 -30.37 33.84
CA PRO B 109 27.64 -30.29 34.62
C PRO B 109 27.27 -31.55 35.39
N ASP B 110 27.70 -32.70 34.90
CA ASP B 110 27.39 -33.97 35.55
C ASP B 110 28.44 -34.49 36.53
N ALA B 111 29.59 -33.83 36.59
CA ALA B 111 30.64 -34.26 37.51
C ALA B 111 30.15 -34.19 38.94
N PRO B 112 30.70 -35.05 39.82
CA PRO B 112 30.29 -35.05 41.23
C PRO B 112 30.65 -33.70 41.86
N GLY B 113 29.64 -32.99 42.34
CA GLY B 113 29.86 -31.68 42.92
C GLY B 113 29.35 -30.63 41.96
N GLY B 114 28.63 -31.11 40.94
CA GLY B 114 28.04 -30.25 39.94
C GLY B 114 28.98 -29.41 39.09
N ALA B 115 28.38 -28.54 38.27
CA ALA B 115 29.13 -27.66 37.40
C ALA B 115 29.93 -26.67 38.24
N VAL B 116 31.25 -26.76 38.15
CA VAL B 116 32.14 -25.89 38.89
C VAL B 116 33.24 -25.46 37.93
N PRO B 117 32.99 -24.38 37.17
CA PRO B 117 33.90 -23.82 36.17
C PRO B 117 35.33 -23.62 36.65
N ARG B 118 36.29 -24.07 35.84
CA ARG B 118 37.71 -23.90 36.17
C ARG B 118 38.40 -23.21 35.01
N PRO B 119 39.18 -22.17 35.31
CA PRO B 119 39.90 -21.39 34.31
C PRO B 119 41.00 -22.13 33.54
N LEU B 120 41.09 -21.82 32.24
CA LEU B 120 42.07 -22.42 31.35
C LEU B 120 43.03 -21.38 30.80
N THR B 121 42.64 -20.12 30.83
CA THR B 121 43.46 -19.04 30.27
C THR B 121 43.96 -18.02 31.28
N PRO B 122 45.11 -17.41 30.99
CA PRO B 122 45.72 -16.40 31.87
C PRO B 122 45.15 -15.02 31.58
N VAL B 123 45.50 -14.04 32.40
CA VAL B 123 45.03 -12.69 32.20
C VAL B 123 46.20 -11.73 32.02
N SER B 124 45.90 -10.53 31.52
CA SER B 124 46.94 -9.53 31.31
C SER B 124 46.46 -8.15 31.71
N ALA B 125 47.38 -7.32 32.17
CA ALA B 125 47.06 -5.97 32.58
C ALA B 125 47.41 -4.98 31.47
N VAL B 126 47.61 -5.52 30.27
CA VAL B 126 47.95 -4.70 29.12
C VAL B 126 46.71 -4.44 28.27
N GLY B 127 46.36 -3.16 28.13
CA GLY B 127 45.20 -2.80 27.34
C GLY B 127 43.97 -3.63 27.66
N GLY B 128 43.29 -4.11 26.61
CA GLY B 128 42.10 -4.92 26.80
C GLY B 128 42.42 -6.31 27.31
N GLY B 129 43.71 -6.64 27.37
CA GLY B 129 44.12 -7.94 27.85
C GLY B 129 43.97 -9.08 26.85
N LEU B 130 43.44 -10.20 27.34
CA LEU B 130 43.22 -11.39 26.52
C LEU B 130 41.75 -11.74 26.39
N ARG B 131 41.32 -11.97 25.16
CA ARG B 131 39.95 -12.35 24.84
C ARG B 131 40.00 -13.62 23.99
N TRP B 132 39.00 -14.48 24.13
CA TRP B 132 38.99 -15.72 23.36
C TRP B 132 37.60 -15.99 22.78
N ALA B 133 37.54 -16.66 21.64
CA ALA B 133 36.25 -16.95 21.03
C ALA B 133 36.28 -18.01 19.94
N ASP B 134 35.10 -18.53 19.60
CA ASP B 134 34.96 -19.52 18.56
C ASP B 134 35.87 -20.71 18.86
N PRO B 135 35.52 -21.49 19.88
CA PRO B 135 36.33 -22.65 20.25
C PRO B 135 35.90 -23.96 19.60
N VAL B 136 36.82 -24.91 19.60
CA VAL B 136 36.55 -26.24 19.07
C VAL B 136 37.27 -27.17 20.04
N LEU B 137 36.52 -28.06 20.68
CA LEU B 137 37.09 -28.99 21.66
C LEU B 137 37.75 -30.21 21.04
N LEU B 138 39.05 -30.37 21.30
CA LEU B 138 39.77 -31.51 20.78
C LEU B 138 40.29 -32.33 21.95
N PRO B 139 39.37 -32.98 22.68
CA PRO B 139 39.70 -33.81 23.85
C PRO B 139 40.79 -34.86 23.63
N GLU B 140 40.82 -35.47 22.45
CA GLU B 140 41.81 -36.50 22.15
C GLU B 140 43.23 -35.95 22.26
N ARG B 141 43.40 -34.66 22.03
CA ARG B 141 44.73 -34.06 22.14
C ARG B 141 44.84 -33.15 23.36
N GLY B 142 43.82 -33.21 24.21
CA GLY B 142 43.80 -32.42 25.42
C GLY B 142 43.84 -30.92 25.25
N GLU B 143 43.23 -30.41 24.18
CA GLU B 143 43.24 -28.99 23.94
C GLU B 143 41.90 -28.49 23.42
N VAL B 144 41.81 -27.17 23.30
CA VAL B 144 40.64 -26.51 22.75
C VAL B 144 41.25 -25.44 21.87
N TRP B 145 40.96 -25.49 20.57
CA TRP B 145 41.50 -24.51 19.64
C TRP B 145 40.46 -23.43 19.44
N CYS B 146 40.92 -22.21 19.21
CA CYS B 146 40.03 -21.05 19.01
C CYS B 146 40.85 -19.89 18.48
N MET B 147 40.21 -18.74 18.33
CA MET B 147 40.95 -17.56 17.88
C MET B 147 41.11 -16.75 19.16
N ALA B 148 42.06 -15.82 19.18
CA ALA B 148 42.30 -15.04 20.38
C ALA B 148 42.69 -13.60 20.12
N GLU B 149 42.42 -12.74 21.10
CA GLU B 149 42.77 -11.33 21.03
C GLU B 149 43.74 -11.07 22.17
N GLU B 150 44.85 -10.40 21.87
CA GLU B 150 45.86 -10.08 22.87
C GLU B 150 46.33 -8.65 22.67
N PHE B 151 46.00 -7.77 23.62
CA PHE B 151 46.42 -6.39 23.52
C PHE B 151 47.88 -6.23 23.82
N THR B 152 48.56 -5.46 22.99
CA THR B 152 49.99 -5.24 23.14
C THR B 152 50.23 -3.81 23.61
N GLY B 153 49.16 -3.05 23.78
CA GLY B 153 49.29 -1.68 24.23
C GLY B 153 48.01 -1.10 24.79
N GLU B 154 48.01 0.18 25.10
CA GLU B 154 46.85 0.83 25.67
C GLU B 154 45.81 1.33 24.68
N GLY B 155 46.18 1.42 23.40
CA GLY B 155 45.24 1.89 22.40
C GLY B 155 44.25 0.81 21.96
N PRO B 156 43.08 1.22 21.45
CA PRO B 156 42.06 0.27 21.00
C PRO B 156 42.51 -0.64 19.86
N SER B 157 43.51 -0.21 19.10
CA SER B 157 44.00 -1.01 18.00
C SER B 157 45.34 -1.70 18.28
N ASP B 158 45.90 -1.47 19.46
CA ASP B 158 47.16 -2.10 19.81
C ASP B 158 46.85 -3.52 20.24
N VAL B 159 46.40 -4.33 19.30
CA VAL B 159 46.06 -5.72 19.59
C VAL B 159 46.49 -6.62 18.45
N ARG B 160 46.68 -7.90 18.78
CA ARG B 160 47.07 -8.90 17.78
C ARG B 160 46.10 -10.06 17.97
N ARG B 161 45.66 -10.65 16.87
CA ARG B 161 44.74 -11.77 16.95
C ARG B 161 45.39 -12.94 16.24
N PHE B 162 45.02 -14.16 16.63
CA PHE B 162 45.62 -15.33 16.03
C PHE B 162 44.88 -16.57 16.53
N LEU B 163 45.14 -17.69 15.88
CA LEU B 163 44.52 -18.95 16.27
C LEU B 163 45.38 -19.55 17.39
N ALA B 164 44.71 -20.14 18.37
CA ALA B 164 45.44 -20.70 19.49
C ALA B 164 44.92 -22.03 20.04
N ALA B 165 45.82 -22.76 20.66
CA ALA B 165 45.51 -24.03 21.28
C ALA B 165 45.69 -23.83 22.77
N VAL B 166 44.64 -24.13 23.53
CA VAL B 166 44.66 -23.98 24.97
C VAL B 166 44.49 -25.34 25.66
N PRO B 167 45.42 -25.69 26.57
CA PRO B 167 45.38 -26.96 27.30
C PRO B 167 44.14 -27.07 28.17
N LEU B 168 43.44 -28.18 28.06
CA LEU B 168 42.24 -28.42 28.86
C LEU B 168 42.56 -28.77 30.31
N ASP B 169 43.83 -29.05 30.60
CA ASP B 169 44.23 -29.41 31.96
C ASP B 169 44.39 -28.18 32.86
N GLY B 170 44.25 -26.99 32.27
CA GLY B 170 44.37 -25.76 33.04
C GLY B 170 45.79 -25.27 33.29
N SER B 171 46.78 -25.98 32.76
CA SER B 171 48.16 -25.58 32.96
C SER B 171 48.48 -24.18 32.44
N ALA B 172 47.60 -23.63 31.60
CA ALA B 172 47.84 -22.30 31.06
C ALA B 172 47.05 -21.25 31.84
N ALA B 173 46.25 -21.69 32.81
CA ALA B 173 45.46 -20.78 33.61
C ALA B 173 46.29 -19.65 34.22
N ALA B 174 47.55 -19.93 34.51
CA ALA B 174 48.43 -18.93 35.10
C ALA B 174 49.76 -18.83 34.36
N ASP B 175 49.80 -19.38 33.14
CA ASP B 175 51.01 -19.36 32.31
C ASP B 175 50.68 -19.06 30.85
N ARG B 176 51.04 -17.86 30.41
CA ARG B 176 50.77 -17.47 29.04
C ARG B 176 51.51 -18.33 28.02
N SER B 177 52.76 -18.67 28.33
CA SER B 177 53.56 -19.49 27.41
C SER B 177 52.95 -20.87 27.19
N ALA B 178 52.02 -21.27 28.04
CA ALA B 178 51.38 -22.57 27.91
C ALA B 178 50.29 -22.55 26.83
N VAL B 179 50.07 -21.40 26.21
CA VAL B 179 49.08 -21.32 25.15
C VAL B 179 49.86 -21.37 23.85
N ARG B 180 49.56 -22.33 23.00
CA ARG B 180 50.28 -22.46 21.76
C ARG B 180 49.64 -21.66 20.64
N GLU B 181 50.46 -20.95 19.88
CA GLU B 181 49.97 -20.15 18.77
C GLU B 181 50.02 -20.98 17.50
N LEU B 182 48.83 -21.34 17.00
CA LEU B 182 48.71 -22.14 15.78
C LEU B 182 49.07 -21.34 14.54
N SER B 183 48.45 -20.18 14.39
CA SER B 183 48.71 -19.32 13.25
C SER B 183 49.53 -18.15 13.76
N ASP B 184 50.00 -17.31 12.84
CA ASP B 184 50.75 -16.14 13.23
C ASP B 184 49.74 -15.01 13.37
N ASP B 185 50.23 -13.81 13.63
CA ASP B 185 49.36 -12.65 13.78
C ASP B 185 49.45 -11.72 12.58
N ALA B 186 49.59 -12.29 11.39
CA ALA B 186 49.71 -11.50 10.17
C ALA B 186 48.45 -10.70 9.86
N HIS B 187 47.29 -11.34 10.02
CA HIS B 187 46.01 -10.68 9.77
C HIS B 187 45.40 -10.16 11.08
N ARG B 188 44.95 -8.92 11.06
CA ARG B 188 44.38 -8.29 12.23
C ARG B 188 43.08 -8.93 12.72
N PHE B 189 42.29 -9.45 11.78
CA PHE B 189 41.02 -10.09 12.14
C PHE B 189 40.98 -11.49 11.59
N VAL B 190 40.61 -12.46 12.43
CA VAL B 190 40.54 -13.85 12.03
C VAL B 190 39.45 -14.54 12.83
N THR B 191 38.98 -15.69 12.35
CA THR B 191 37.96 -16.41 13.09
C THR B 191 38.57 -17.70 13.62
N GLY B 192 37.75 -18.53 14.25
CA GLY B 192 38.26 -19.77 14.79
C GLY B 192 38.51 -20.80 13.70
N PRO B 193 39.44 -21.74 13.93
CA PRO B 193 39.76 -22.78 12.96
C PRO B 193 38.67 -23.82 12.81
N ARG B 194 38.72 -24.54 11.70
CA ARG B 194 37.78 -25.59 11.40
C ARG B 194 38.58 -26.73 10.81
N LEU B 195 38.59 -27.86 11.52
CA LEU B 195 39.33 -29.06 11.10
C LEU B 195 38.60 -29.91 10.08
N SER B 196 39.34 -30.45 9.13
CA SER B 196 38.78 -31.33 8.13
C SER B 196 38.57 -32.69 8.81
N PRO B 197 37.72 -33.55 8.23
CA PRO B 197 37.46 -34.87 8.82
C PRO B 197 38.69 -35.75 9.11
N ASP B 198 39.74 -35.62 8.31
CA ASP B 198 40.95 -36.41 8.53
C ASP B 198 41.94 -35.66 9.42
N GLY B 199 41.55 -34.47 9.85
CA GLY B 199 42.40 -33.67 10.73
C GLY B 199 43.71 -33.20 10.14
N ARG B 200 43.85 -33.28 8.82
CA ARG B 200 45.09 -32.86 8.18
C ARG B 200 45.02 -31.46 7.59
N GLN B 201 43.87 -30.82 7.68
CA GLN B 201 43.74 -29.49 7.14
C GLN B 201 42.78 -28.63 7.94
N ALA B 202 43.12 -27.35 8.04
CA ALA B 202 42.29 -26.41 8.75
C ALA B 202 42.09 -25.19 7.87
N VAL B 203 40.99 -24.48 8.13
CA VAL B 203 40.70 -23.25 7.40
C VAL B 203 40.08 -22.26 8.37
N TRP B 204 40.19 -20.98 8.03
CA TRP B 204 39.62 -19.93 8.85
C TRP B 204 39.56 -18.65 8.02
N LEU B 205 38.76 -17.70 8.47
CA LEU B 205 38.61 -16.44 7.74
C LEU B 205 39.53 -15.38 8.30
N ALA B 206 39.99 -14.49 7.42
CA ALA B 206 40.89 -13.43 7.83
C ALA B 206 40.67 -12.19 7.00
N TRP B 207 41.11 -11.04 7.53
CA TRP B 207 40.97 -9.76 6.83
C TRP B 207 41.63 -8.67 7.66
N ASP B 208 41.88 -7.52 7.06
CA ASP B 208 42.52 -6.42 7.76
C ASP B 208 41.87 -5.09 7.44
N HIS B 209 42.50 -4.02 7.91
CA HIS B 209 42.00 -2.68 7.67
C HIS B 209 42.33 -2.29 6.24
N PRO B 210 41.54 -1.38 5.66
CA PRO B 210 40.39 -0.78 6.34
C PRO B 210 39.11 -1.40 5.80
N ARG B 211 39.12 -2.73 5.69
CA ARG B 211 37.98 -3.46 5.18
C ARG B 211 37.13 -4.08 6.28
N MET B 212 35.86 -4.29 5.97
CA MET B 212 34.94 -4.95 6.89
C MET B 212 34.79 -6.30 6.21
N PRO B 213 34.47 -7.35 6.97
CA PRO B 213 34.32 -8.67 6.36
C PRO B 213 33.34 -8.77 5.19
N TRP B 214 32.29 -7.95 5.20
CA TRP B 214 31.31 -7.99 4.12
C TRP B 214 31.77 -7.28 2.86
N GLU B 215 32.96 -6.68 2.91
CA GLU B 215 33.52 -6.03 1.73
C GLU B 215 34.33 -7.13 1.04
N GLY B 216 35.21 -7.76 1.83
CA GLY B 216 36.03 -8.84 1.32
C GLY B 216 36.75 -9.55 2.45
N THR B 217 36.99 -10.84 2.29
CA THR B 217 37.70 -11.62 3.30
C THR B 217 38.54 -12.64 2.57
N GLU B 218 39.46 -13.27 3.28
CA GLU B 218 40.30 -14.30 2.70
C GLU B 218 40.05 -15.60 3.44
N LEU B 219 39.96 -16.70 2.69
CA LEU B 219 39.76 -17.99 3.32
C LEU B 219 41.16 -18.57 3.45
N LYS B 220 41.64 -18.65 4.68
CA LYS B 220 42.98 -19.16 4.94
C LYS B 220 42.96 -20.67 5.19
N THR B 221 44.06 -21.33 4.87
CA THR B 221 44.16 -22.76 5.10
C THR B 221 45.59 -23.15 5.40
N ALA B 222 45.76 -24.28 6.08
CA ALA B 222 47.08 -24.76 6.41
C ALA B 222 47.03 -26.24 6.65
N ARG B 223 48.18 -26.89 6.49
CA ARG B 223 48.28 -28.32 6.71
C ARG B 223 48.43 -28.50 8.21
N VAL B 224 47.67 -29.42 8.77
CA VAL B 224 47.72 -29.69 10.19
C VAL B 224 48.69 -30.84 10.39
N THR B 225 49.88 -30.51 10.90
CA THR B 225 50.91 -31.50 11.12
C THR B 225 50.53 -32.49 12.21
N GLU B 226 51.29 -33.57 12.28
CA GLU B 226 51.07 -34.61 13.25
C GLU B 226 51.27 -34.06 14.67
N ASP B 227 52.31 -33.24 14.86
CA ASP B 227 52.55 -32.68 16.17
C ASP B 227 51.69 -31.44 16.40
N GLY B 228 50.57 -31.39 15.69
CA GLY B 228 49.61 -30.31 15.84
C GLY B 228 49.97 -28.88 15.46
N ARG B 229 50.80 -28.71 14.45
CA ARG B 229 51.15 -27.36 14.02
C ARG B 229 50.47 -27.01 12.71
N PHE B 230 50.43 -25.72 12.41
CA PHE B 230 49.83 -25.24 11.16
C PHE B 230 51.00 -24.97 10.23
N ALA B 231 51.10 -25.75 9.16
CA ALA B 231 52.19 -25.57 8.21
C ALA B 231 51.70 -25.13 6.85
N ASP B 232 52.55 -24.36 6.16
CA ASP B 232 52.25 -23.87 4.82
C ASP B 232 50.93 -23.10 4.72
N THR B 233 50.74 -22.13 5.61
CA THR B 233 49.53 -21.32 5.60
C THR B 233 49.48 -20.52 4.30
N ARG B 234 48.29 -20.47 3.70
CA ARG B 234 48.11 -19.75 2.45
C ARG B 234 46.66 -19.31 2.29
N THR B 235 46.43 -18.46 1.28
CA THR B 235 45.10 -17.97 0.97
C THR B 235 44.46 -18.95 -0.02
N LEU B 236 43.49 -19.72 0.44
CA LEU B 236 42.84 -20.69 -0.43
C LEU B 236 42.03 -19.99 -1.49
N LEU B 237 41.36 -18.91 -1.09
CA LEU B 237 40.55 -18.12 -2.01
C LEU B 237 39.99 -16.86 -1.32
N GLY B 238 39.45 -15.94 -2.11
CA GLY B 238 38.91 -14.72 -1.55
C GLY B 238 39.83 -13.54 -1.82
N GLY B 239 39.35 -12.34 -1.50
CA GLY B 239 40.13 -11.14 -1.74
C GLY B 239 39.44 -9.92 -1.15
N PRO B 240 39.98 -8.71 -1.36
CA PRO B 240 39.40 -7.47 -0.84
C PRO B 240 38.01 -7.14 -1.35
N GLU B 241 37.57 -7.82 -2.40
CA GLU B 241 36.26 -7.54 -2.95
C GLU B 241 35.34 -8.74 -2.94
N GLU B 242 35.85 -9.89 -2.54
CA GLU B 242 35.01 -11.07 -2.46
C GLU B 242 34.76 -11.32 -0.98
N ALA B 243 33.49 -11.35 -0.59
CA ALA B 243 33.13 -11.55 0.80
C ALA B 243 32.75 -12.97 1.12
N ILE B 244 33.65 -13.69 1.80
CA ILE B 244 33.37 -15.06 2.20
C ILE B 244 32.95 -14.94 3.66
N ALA B 245 31.69 -15.28 3.92
CA ALA B 245 31.16 -15.18 5.27
C ALA B 245 31.29 -16.44 6.09
N GLN B 246 31.22 -17.59 5.44
CA GLN B 246 31.33 -18.86 6.16
C GLN B 246 32.16 -19.87 5.37
N ALA B 247 32.66 -20.88 6.07
CA ALA B 247 33.46 -21.92 5.45
C ALA B 247 33.35 -23.15 6.35
N GLU B 248 33.01 -24.28 5.75
CA GLU B 248 32.84 -25.52 6.51
C GLU B 248 33.36 -26.72 5.73
N TRP B 249 33.63 -27.81 6.44
CA TRP B 249 34.08 -29.02 5.79
C TRP B 249 32.88 -29.94 5.60
N ALA B 250 32.79 -30.54 4.42
CA ALA B 250 31.71 -31.47 4.12
C ALA B 250 32.21 -32.84 4.57
N PRO B 251 31.29 -33.75 4.96
CA PRO B 251 31.63 -35.11 5.42
C PRO B 251 32.65 -35.74 4.51
N ASP B 252 32.52 -35.45 3.23
CA ASP B 252 33.40 -36.00 2.20
C ASP B 252 34.74 -35.28 2.09
N GLY B 253 35.15 -34.58 3.15
CA GLY B 253 36.43 -33.90 3.10
C GLY B 253 36.57 -32.71 2.16
N SER B 254 35.48 -32.29 1.52
CA SER B 254 35.58 -31.13 0.63
C SER B 254 35.12 -29.88 1.38
N LEU B 255 35.39 -28.71 0.78
CA LEU B 255 35.02 -27.44 1.41
C LEU B 255 33.77 -26.76 0.85
N ILE B 256 32.86 -26.39 1.74
CA ILE B 256 31.64 -25.68 1.37
C ILE B 256 31.84 -24.26 1.85
N VAL B 257 31.75 -23.28 0.95
CA VAL B 257 31.95 -21.92 1.39
C VAL B 257 30.91 -20.96 0.84
N ALA B 258 30.50 -20.00 1.68
CA ALA B 258 29.52 -19.00 1.29
C ALA B 258 30.23 -17.74 0.83
N THR B 259 30.29 -17.55 -0.49
CA THR B 259 30.94 -16.38 -1.07
C THR B 259 29.90 -15.55 -1.83
N ASP B 260 30.17 -14.25 -1.97
CA ASP B 260 29.23 -13.35 -2.66
C ASP B 260 29.74 -12.92 -4.04
N ARG B 261 30.57 -13.74 -4.66
CA ARG B 261 31.12 -13.43 -5.98
C ARG B 261 30.04 -13.19 -7.03
N THR B 262 29.01 -14.02 -7.03
CA THR B 262 27.93 -13.88 -8.00
C THR B 262 27.01 -12.71 -7.72
N GLY B 263 27.30 -11.93 -6.68
CA GLY B 263 26.47 -10.79 -6.34
C GLY B 263 25.58 -11.10 -5.15
N TRP B 264 25.49 -12.38 -4.80
CA TRP B 264 24.71 -12.84 -3.65
C TRP B 264 25.54 -13.86 -2.88
N TRP B 265 25.18 -14.11 -1.63
CA TRP B 265 25.90 -15.10 -0.85
C TRP B 265 25.32 -16.46 -1.19
N ASN B 266 26.03 -17.21 -2.05
CA ASN B 266 25.59 -18.54 -2.43
C ASN B 266 26.66 -19.55 -2.02
N LEU B 267 26.24 -20.79 -1.80
CA LEU B 267 27.15 -21.84 -1.38
C LEU B 267 27.92 -22.46 -2.54
N HIS B 268 29.23 -22.57 -2.38
CA HIS B 268 30.09 -23.15 -3.42
C HIS B 268 30.94 -24.28 -2.85
N ARG B 269 31.19 -25.31 -3.67
CA ARG B 269 32.05 -26.39 -3.24
C ARG B 269 33.43 -25.89 -3.59
N VAL B 270 34.40 -26.12 -2.72
CA VAL B 270 35.76 -25.65 -2.98
C VAL B 270 36.82 -26.74 -2.80
N ASP B 271 37.70 -26.84 -3.80
CA ASP B 271 38.78 -27.80 -3.81
C ASP B 271 39.76 -27.35 -2.73
N PRO B 272 39.90 -28.14 -1.65
CA PRO B 272 40.80 -27.79 -0.54
C PRO B 272 42.28 -27.72 -0.89
N ALA B 273 42.58 -27.86 -2.18
CA ALA B 273 43.96 -27.81 -2.67
C ALA B 273 44.15 -26.68 -3.67
N THR B 274 43.37 -26.70 -4.74
CA THR B 274 43.46 -25.68 -5.78
C THR B 274 42.71 -24.42 -5.41
N GLY B 275 41.53 -24.59 -4.83
CA GLY B 275 40.74 -23.44 -4.45
C GLY B 275 39.64 -23.20 -5.46
N ALA B 276 39.64 -23.99 -6.53
CA ALA B 276 38.62 -23.86 -7.57
C ALA B 276 37.25 -24.02 -6.91
N ALA B 277 36.34 -23.11 -7.24
CA ALA B 277 34.99 -23.13 -6.67
C ALA B 277 33.93 -23.64 -7.64
N THR B 278 32.82 -24.12 -7.08
CA THR B 278 31.71 -24.64 -7.86
C THR B 278 30.39 -24.22 -7.22
N GLN B 279 29.45 -23.74 -8.03
CA GLN B 279 28.15 -23.32 -7.50
C GLN B 279 27.33 -24.53 -7.10
N LEU B 280 26.70 -24.47 -5.93
CA LEU B 280 25.88 -25.58 -5.45
C LEU B 280 24.39 -25.27 -5.56
N CYS B 281 24.06 -23.98 -5.60
CA CYS B 281 22.66 -23.56 -5.71
C CYS B 281 22.58 -22.09 -6.02
N ARG B 282 22.86 -21.74 -7.28
CA ARG B 282 22.81 -20.35 -7.73
C ARG B 282 21.42 -19.78 -7.58
N ARG B 283 21.29 -18.68 -6.85
CA ARG B 283 20.01 -18.02 -6.64
C ARG B 283 20.18 -16.57 -6.26
N GLU B 284 19.09 -15.81 -6.38
CA GLU B 284 19.12 -14.40 -6.00
C GLU B 284 18.62 -14.22 -4.58
N GLU B 285 19.18 -15.03 -3.68
CA GLU B 285 18.85 -14.96 -2.26
C GLU B 285 20.18 -15.01 -1.52
N GLU B 286 20.15 -14.72 -0.22
CA GLU B 286 21.38 -14.74 0.57
C GLU B 286 21.48 -16.04 1.36
N PHE B 287 22.64 -16.68 1.32
CA PHE B 287 22.85 -17.92 2.06
C PHE B 287 23.82 -17.68 3.22
N ALA B 288 24.13 -16.42 3.44
CA ALA B 288 25.01 -15.98 4.51
C ALA B 288 24.68 -14.53 4.80
N GLY B 289 25.45 -13.89 5.68
CA GLY B 289 25.17 -12.50 5.99
C GLY B 289 26.40 -11.73 6.40
N PRO B 290 26.22 -10.60 7.10
CA PRO B 290 27.37 -9.80 7.54
C PRO B 290 28.02 -10.49 8.75
N LEU B 291 29.29 -10.84 8.61
CA LEU B 291 30.02 -11.53 9.66
C LEU B 291 30.48 -10.55 10.72
N TRP B 292 29.62 -10.29 11.69
CA TRP B 292 29.94 -9.36 12.76
C TRP B 292 30.79 -9.98 13.87
N THR B 293 30.68 -11.29 14.03
CA THR B 293 31.43 -12.00 15.06
C THR B 293 31.85 -13.40 14.61
N PRO B 294 33.05 -13.83 15.00
CA PRO B 294 33.55 -15.15 14.62
C PRO B 294 32.62 -16.25 15.13
N GLY B 295 32.28 -17.19 14.26
CA GLY B 295 31.44 -18.29 14.66
C GLY B 295 30.02 -18.35 14.12
N MET B 296 29.59 -17.31 13.41
CA MET B 296 28.24 -17.30 12.86
C MET B 296 28.04 -18.37 11.81
N ARG B 297 26.91 -19.07 11.88
CA ARG B 297 26.64 -20.13 10.91
C ARG B 297 25.30 -19.97 10.21
N TRP B 298 25.33 -19.88 8.88
CA TRP B 298 24.11 -19.75 8.09
C TRP B 298 23.76 -21.09 7.46
N PHE B 299 24.75 -21.97 7.32
CA PHE B 299 24.52 -23.30 6.75
C PHE B 299 25.33 -24.32 7.54
N ALA B 300 24.91 -25.58 7.47
CA ALA B 300 25.59 -26.64 8.19
C ALA B 300 25.42 -27.98 7.48
N PRO B 301 26.53 -28.64 7.12
CA PRO B 301 26.40 -29.92 6.44
C PRO B 301 25.96 -31.04 7.37
N LEU B 302 25.29 -32.04 6.82
CA LEU B 302 24.86 -33.19 7.59
C LEU B 302 25.75 -34.36 7.19
N ALA B 303 25.88 -35.34 8.07
CA ALA B 303 26.70 -36.50 7.78
C ALA B 303 26.28 -37.16 6.46
N ASN B 304 24.97 -37.23 6.23
CA ASN B 304 24.44 -37.88 5.02
C ASN B 304 24.76 -37.21 3.69
N GLY B 305 25.39 -36.04 3.71
CA GLY B 305 25.71 -35.39 2.45
C GLY B 305 24.83 -34.19 2.13
N LEU B 306 23.74 -34.04 2.89
CA LEU B 306 22.82 -32.91 2.71
C LEU B 306 23.37 -31.66 3.39
N ILE B 307 22.81 -30.51 3.05
CA ILE B 307 23.24 -29.25 3.63
C ILE B 307 22.07 -28.45 4.15
N ALA B 308 22.07 -28.15 5.44
CA ALA B 308 21.01 -27.36 6.04
C ALA B 308 21.36 -25.91 5.75
N VAL B 309 20.43 -25.16 5.18
CA VAL B 309 20.70 -23.77 4.84
C VAL B 309 19.61 -22.79 5.22
N VAL B 310 20.03 -21.65 5.76
CA VAL B 310 19.11 -20.58 6.12
C VAL B 310 19.34 -19.60 4.98
N HIS B 311 18.34 -19.53 4.11
CA HIS B 311 18.45 -18.69 2.92
C HIS B 311 17.22 -17.80 2.71
N GLY B 312 17.30 -16.96 1.68
CA GLY B 312 16.20 -16.09 1.33
C GLY B 312 16.57 -14.65 0.99
N LYS B 313 15.70 -14.01 0.21
CA LYS B 313 15.88 -12.61 -0.15
C LYS B 313 15.01 -11.93 0.90
N GLY B 314 15.61 -11.07 1.73
CA GLY B 314 14.86 -10.43 2.79
C GLY B 314 14.70 -11.47 3.87
N ALA B 315 13.47 -11.87 4.17
CA ALA B 315 13.25 -12.88 5.21
C ALA B 315 14.05 -14.14 4.86
N ALA B 316 14.58 -14.81 5.86
CA ALA B 316 15.38 -16.01 5.64
C ALA B 316 14.83 -17.21 6.40
N VAL B 317 14.75 -18.36 5.73
CA VAL B 317 14.24 -19.55 6.39
C VAL B 317 15.15 -20.76 6.18
N LEU B 318 15.00 -21.75 7.06
CA LEU B 318 15.81 -22.97 6.97
C LEU B 318 15.28 -23.95 5.96
N GLY B 319 16.17 -24.47 5.14
CA GLY B 319 15.79 -25.44 4.13
C GLY B 319 16.90 -26.47 3.97
N ILE B 320 16.56 -27.62 3.41
CA ILE B 320 17.56 -28.66 3.21
C ILE B 320 18.01 -28.66 1.75
N LEU B 321 19.30 -28.45 1.54
CA LEU B 321 19.85 -28.43 0.20
C LEU B 321 20.58 -29.72 -0.12
N ASP B 322 20.28 -30.28 -1.28
CA ASP B 322 20.92 -31.51 -1.74
C ASP B 322 21.89 -31.12 -2.84
N PRO B 323 23.17 -30.94 -2.51
CA PRO B 323 24.19 -30.55 -3.49
C PRO B 323 24.21 -31.42 -4.74
N GLU B 324 23.50 -32.55 -4.71
CA GLU B 324 23.41 -33.45 -5.85
C GLU B 324 22.33 -32.92 -6.79
N SER B 325 21.07 -33.16 -6.42
CA SER B 325 19.93 -32.73 -7.21
C SER B 325 19.85 -31.22 -7.35
N GLY B 326 20.54 -30.50 -6.48
CA GLY B 326 20.51 -29.05 -6.53
C GLY B 326 19.20 -28.49 -6.03
N GLU B 327 18.29 -29.38 -5.59
CA GLU B 327 17.00 -28.94 -5.07
C GLU B 327 17.16 -28.51 -3.62
N LEU B 328 16.21 -27.70 -3.16
CA LEU B 328 16.24 -27.17 -1.79
C LEU B 328 14.82 -27.18 -1.21
N VAL B 329 14.61 -27.98 -0.17
CA VAL B 329 13.29 -28.08 0.46
C VAL B 329 13.23 -27.38 1.81
N ASP B 330 12.51 -26.26 1.87
CA ASP B 330 12.38 -25.48 3.09
C ASP B 330 11.54 -26.17 4.16
N ALA B 331 11.64 -25.66 5.38
CA ALA B 331 10.88 -26.20 6.51
C ALA B 331 9.44 -25.70 6.46
N ALA B 332 8.51 -26.51 6.95
CA ALA B 332 7.10 -26.13 6.93
C ALA B 332 6.76 -25.09 7.99
N GLY B 333 6.20 -25.54 9.11
CA GLY B 333 5.83 -24.68 10.22
C GLY B 333 5.42 -23.24 10.01
N PRO B 334 5.06 -22.57 11.12
CA PRO B 334 4.63 -21.17 11.12
C PRO B 334 5.77 -20.16 11.10
N TRP B 335 7.00 -20.64 11.29
CA TRP B 335 8.18 -19.78 11.32
C TRP B 335 8.44 -19.05 10.00
N THR B 336 8.84 -17.78 10.07
CA THR B 336 9.10 -17.00 8.87
C THR B 336 10.53 -16.44 8.83
N GLU B 337 11.18 -16.40 9.99
CA GLU B 337 12.55 -15.90 10.09
C GLU B 337 13.39 -16.85 10.92
N TRP B 338 14.59 -17.19 10.44
CA TRP B 338 15.49 -18.09 11.16
C TRP B 338 16.80 -17.35 11.47
N ALA B 339 17.28 -17.48 12.69
CA ALA B 339 18.51 -16.81 13.10
C ALA B 339 19.72 -17.44 12.41
N ALA B 340 20.83 -16.70 12.41
CA ALA B 340 22.06 -17.19 11.78
C ALA B 340 22.84 -18.13 12.70
N THR B 341 22.14 -19.11 13.26
CA THR B 341 22.77 -20.07 14.13
C THR B 341 22.21 -21.47 13.81
N LEU B 342 23.09 -22.40 13.48
CA LEU B 342 22.69 -23.77 13.13
C LEU B 342 23.58 -24.84 13.73
N THR B 343 23.02 -26.03 13.88
CA THR B 343 23.75 -27.18 14.38
C THR B 343 23.02 -28.44 13.89
N VAL B 344 23.78 -29.46 13.54
CA VAL B 344 23.20 -30.71 13.04
C VAL B 344 23.53 -31.88 13.95
N SER B 345 22.64 -32.86 13.97
CA SER B 345 22.84 -34.04 14.80
C SER B 345 22.14 -35.18 14.12
N GLY B 346 22.91 -36.15 13.65
CA GLY B 346 22.30 -37.27 12.97
C GLY B 346 21.74 -36.73 11.67
N THR B 347 20.49 -37.05 11.39
CA THR B 347 19.84 -36.58 10.17
C THR B 347 18.92 -35.42 10.52
N ARG B 348 19.29 -34.66 11.54
CA ARG B 348 18.48 -33.53 11.95
C ARG B 348 19.29 -32.24 12.06
N ALA B 349 18.64 -31.13 11.71
CA ALA B 349 19.25 -29.81 11.77
C ALA B 349 18.41 -28.99 12.74
N VAL B 350 19.09 -28.27 13.63
CA VAL B 350 18.42 -27.45 14.62
C VAL B 350 18.82 -25.98 14.48
N GLY B 351 17.81 -25.12 14.56
CA GLY B 351 18.03 -23.68 14.44
C GLY B 351 17.11 -22.91 15.37
N VAL B 352 17.17 -21.58 15.27
CA VAL B 352 16.35 -20.71 16.11
C VAL B 352 15.46 -19.88 15.20
N ALA B 353 14.15 -20.06 15.32
CA ALA B 353 13.23 -19.34 14.46
C ALA B 353 12.02 -18.77 15.18
N ALA B 354 11.47 -17.70 14.61
CA ALA B 354 10.31 -17.02 15.17
C ALA B 354 9.31 -16.70 14.07
N SER B 355 8.18 -16.13 14.47
CA SER B 355 7.14 -15.73 13.52
C SER B 355 6.59 -14.40 14.01
N PRO B 356 5.76 -13.75 13.20
CA PRO B 356 5.21 -12.47 13.66
C PRO B 356 4.45 -12.61 14.97
N ARG B 357 3.93 -13.81 15.26
CA ARG B 357 3.16 -14.06 16.48
C ARG B 357 3.82 -14.93 17.53
N THR B 358 5.05 -15.36 17.30
CA THR B 358 5.72 -16.19 18.29
C THR B 358 7.19 -15.83 18.45
N ALA B 359 7.69 -15.88 19.69
CA ALA B 359 9.08 -15.57 20.00
C ALA B 359 10.01 -16.59 19.37
N TYR B 360 11.30 -16.27 19.26
CA TYR B 360 12.24 -17.21 18.68
C TYR B 360 12.26 -18.49 19.48
N GLU B 361 12.13 -19.61 18.79
CA GLU B 361 12.14 -20.93 19.43
C GLU B 361 13.28 -21.78 18.86
N VAL B 362 13.65 -22.82 19.58
CA VAL B 362 14.69 -23.72 19.09
C VAL B 362 13.94 -24.77 18.31
N VAL B 363 14.03 -24.72 16.98
CA VAL B 363 13.30 -25.67 16.17
C VAL B 363 14.19 -26.74 15.57
N GLU B 364 13.63 -27.93 15.40
CA GLU B 364 14.34 -29.08 14.86
C GLU B 364 13.71 -29.57 13.55
N LEU B 365 14.52 -29.60 12.50
CA LEU B 365 14.05 -30.05 11.20
C LEU B 365 14.70 -31.41 10.92
N ASP B 366 13.88 -32.44 10.76
CA ASP B 366 14.39 -33.78 10.47
C ASP B 366 14.42 -34.06 8.96
N THR B 367 15.61 -34.09 8.40
CA THR B 367 15.80 -34.30 6.97
C THR B 367 15.17 -35.54 6.34
N VAL B 368 14.72 -36.51 7.13
CA VAL B 368 14.11 -37.69 6.53
C VAL B 368 12.60 -37.53 6.39
N THR B 369 11.98 -36.90 7.39
CA THR B 369 10.53 -36.71 7.34
C THR B 369 10.15 -35.31 6.85
N GLY B 370 11.08 -34.37 6.93
CA GLY B 370 10.80 -33.01 6.48
C GLY B 370 9.92 -32.29 7.48
N ARG B 371 9.80 -32.89 8.66
CA ARG B 371 9.00 -32.33 9.74
C ARG B 371 9.83 -31.41 10.63
N ALA B 372 9.27 -30.28 10.99
CA ALA B 372 9.94 -29.32 11.85
C ALA B 372 9.11 -29.22 13.12
N ARG B 373 9.77 -29.15 14.27
CA ARG B 373 9.06 -29.07 15.55
C ARG B 373 9.91 -28.39 16.62
N THR B 374 9.25 -27.59 17.44
CA THR B 374 9.91 -26.89 18.51
C THR B 374 10.47 -27.88 19.52
N ILE B 375 11.76 -27.78 19.84
CA ILE B 375 12.35 -28.68 20.83
C ILE B 375 12.93 -27.90 22.00
N GLY B 376 12.87 -26.58 21.93
CA GLY B 376 13.41 -25.78 23.01
C GLY B 376 12.92 -24.35 23.03
N ALA B 377 12.91 -23.76 24.23
CA ALA B 377 12.47 -22.38 24.42
C ALA B 377 11.10 -22.20 23.78
N ARG B 378 10.24 -23.19 23.95
CA ARG B 378 8.90 -23.13 23.37
C ARG B 378 8.23 -21.81 23.72
N HIS B 379 7.56 -21.23 22.73
CA HIS B 379 6.86 -19.96 22.90
C HIS B 379 5.60 -20.03 23.78
N THR B 380 5.38 -18.97 24.55
CA THR B 380 4.22 -18.89 25.41
C THR B 380 3.78 -17.42 25.40
N ASP B 381 2.48 -17.19 25.38
CA ASP B 381 1.95 -15.84 25.37
C ASP B 381 1.84 -15.19 26.74
N PRO B 382 2.63 -14.13 27.00
CA PRO B 382 2.57 -13.45 28.28
C PRO B 382 1.25 -12.67 28.42
N VAL B 383 0.64 -12.35 27.28
CA VAL B 383 -0.63 -11.64 27.23
C VAL B 383 -1.38 -12.24 26.06
N ASP B 384 -2.57 -11.73 25.78
CA ASP B 384 -3.34 -12.26 24.66
C ASP B 384 -2.59 -11.87 23.39
N PRO B 385 -2.29 -12.86 22.54
CA PRO B 385 -1.56 -12.56 21.30
C PRO B 385 -2.28 -11.52 20.44
N ALA B 386 -3.54 -11.28 20.74
CA ALA B 386 -4.32 -10.31 20.02
C ALA B 386 -3.68 -8.93 20.19
N TYR B 387 -2.83 -8.80 21.20
CA TYR B 387 -2.16 -7.54 21.46
C TYR B 387 -0.94 -7.34 20.55
N TYR B 388 -0.49 -8.40 19.88
CA TYR B 388 0.66 -8.27 18.99
C TYR B 388 0.25 -7.64 17.66
N PRO B 389 1.09 -6.76 17.10
CA PRO B 389 0.78 -6.11 15.83
C PRO B 389 0.98 -7.10 14.70
N GLU B 390 0.48 -6.78 13.50
CA GLU B 390 0.68 -7.66 12.37
C GLU B 390 1.47 -6.89 11.31
N PRO B 391 2.74 -7.23 11.16
CA PRO B 391 3.63 -6.58 10.20
C PRO B 391 3.19 -6.70 8.76
N GLN B 392 3.38 -5.63 8.01
CA GLN B 392 3.05 -5.61 6.59
C GLN B 392 4.39 -5.41 5.88
N ILE B 393 4.83 -6.46 5.21
CA ILE B 393 6.11 -6.45 4.50
C ILE B 393 5.99 -5.65 3.20
N ARG B 394 6.35 -4.37 3.24
CA ARG B 394 6.21 -3.51 2.08
C ARG B 394 7.53 -2.98 1.52
N THR B 395 7.44 -2.32 0.38
CA THR B 395 8.59 -1.72 -0.28
C THR B 395 8.16 -0.31 -0.68
N PHE B 396 9.09 0.63 -0.66
CA PHE B 396 8.81 2.00 -1.05
C PHE B 396 9.89 2.44 -2.02
N THR B 397 9.71 3.59 -2.63
CA THR B 397 10.70 4.09 -3.58
C THR B 397 11.39 5.37 -3.10
N ALA B 398 12.72 5.32 -3.10
CA ALA B 398 13.53 6.48 -2.71
C ALA B 398 13.30 7.58 -3.73
N PRO B 399 13.75 8.80 -3.43
CA PRO B 399 13.55 9.87 -4.42
C PRO B 399 14.32 9.61 -5.70
N ASP B 400 15.39 8.81 -5.60
CA ASP B 400 16.20 8.48 -6.76
C ASP B 400 15.57 7.37 -7.60
N GLY B 401 14.40 6.91 -7.19
CA GLY B 401 13.71 5.85 -7.92
C GLY B 401 14.03 4.42 -7.53
N ARG B 402 14.96 4.23 -6.61
CA ARG B 402 15.34 2.88 -6.18
C ARG B 402 14.50 2.30 -5.03
N GLU B 403 14.42 0.98 -4.99
CA GLU B 403 13.63 0.24 -4.01
C GLU B 403 14.11 0.21 -2.55
N ILE B 404 13.18 0.48 -1.63
CA ILE B 404 13.46 0.48 -0.19
C ILE B 404 12.53 -0.55 0.46
N HIS B 405 13.06 -1.32 1.40
CA HIS B 405 12.26 -2.33 2.10
C HIS B 405 11.94 -1.87 3.53
N ALA B 406 10.70 -2.06 3.94
CA ALA B 406 10.29 -1.67 5.28
C ALA B 406 9.16 -2.54 5.82
N HIS B 407 9.09 -2.64 7.14
CA HIS B 407 8.07 -3.41 7.80
C HIS B 407 7.13 -2.41 8.45
N ILE B 408 5.86 -2.44 8.07
CA ILE B 408 4.90 -1.51 8.66
C ILE B 408 3.97 -2.20 9.65
N TYR B 409 4.05 -1.76 10.91
CA TYR B 409 3.21 -2.30 11.98
C TYR B 409 2.19 -1.24 12.35
N PRO B 410 0.95 -1.37 11.86
CA PRO B 410 -0.05 -0.36 12.21
C PRO B 410 -0.51 -0.51 13.64
N PRO B 411 -1.03 0.55 14.25
CA PRO B 411 -1.49 0.40 15.64
C PRO B 411 -2.52 -0.71 15.67
N HIS B 412 -2.67 -1.35 16.83
CA HIS B 412 -3.61 -2.44 16.96
C HIS B 412 -3.77 -2.86 18.41
N SER B 413 -5.01 -3.17 18.77
CA SER B 413 -5.37 -3.62 20.10
C SER B 413 -6.78 -4.17 20.00
N PRO B 414 -7.10 -5.18 20.80
CA PRO B 414 -8.44 -5.78 20.76
C PRO B 414 -9.41 -4.96 21.61
N ASP B 415 -8.91 -3.90 22.22
CA ASP B 415 -9.75 -3.06 23.07
C ASP B 415 -9.99 -1.65 22.54
N PHE B 416 -9.12 -1.16 21.67
CA PHE B 416 -9.31 0.20 21.18
C PHE B 416 -9.10 0.39 19.70
N THR B 417 -9.59 1.54 19.24
CA THR B 417 -9.46 1.98 17.87
C THR B 417 -9.39 3.49 18.04
N GLY B 418 -8.78 4.18 17.08
CA GLY B 418 -8.64 5.62 17.20
C GLY B 418 -9.83 6.45 16.78
N PRO B 419 -9.81 7.75 17.11
CA PRO B 419 -10.90 8.66 16.76
C PRO B 419 -11.11 8.64 15.25
N ALA B 420 -12.36 8.79 14.82
CA ALA B 420 -12.68 8.75 13.39
C ALA B 420 -11.89 9.75 12.55
N ASP B 421 -11.84 11.01 12.97
CA ASP B 421 -11.12 12.00 12.18
C ASP B 421 -9.72 12.33 12.68
N GLU B 422 -9.00 11.29 13.08
CA GLU B 422 -7.64 11.43 13.59
C GLU B 422 -6.75 10.37 12.96
N LEU B 423 -5.47 10.67 12.83
CA LEU B 423 -4.51 9.72 12.27
C LEU B 423 -3.51 9.36 13.36
N PRO B 424 -3.04 8.10 13.38
CA PRO B 424 -2.08 7.66 14.40
C PRO B 424 -0.64 8.11 14.20
N PRO B 425 0.07 8.36 15.31
CA PRO B 425 1.47 8.79 15.23
C PRO B 425 2.28 7.55 14.83
N TYR B 426 3.43 7.74 14.19
CA TYR B 426 4.25 6.59 13.81
C TYR B 426 5.68 6.77 14.25
N VAL B 427 6.31 5.68 14.61
CA VAL B 427 7.70 5.73 15.03
C VAL B 427 8.53 5.05 13.95
N VAL B 428 9.30 5.85 13.22
CA VAL B 428 10.15 5.30 12.17
C VAL B 428 11.43 4.81 12.84
N MET B 429 11.70 3.52 12.72
CA MET B 429 12.89 2.91 13.32
C MET B 429 14.02 2.59 12.36
N ALA B 430 15.22 3.02 12.71
CA ALA B 430 16.41 2.76 11.90
C ALA B 430 17.29 1.74 12.63
N HIS B 431 17.43 0.55 12.05
CA HIS B 431 18.22 -0.50 12.68
C HIS B 431 19.69 -0.16 12.76
N GLY B 432 20.41 -0.86 13.64
CA GLY B 432 21.82 -0.64 13.80
C GLY B 432 22.64 -1.29 12.70
N GLY B 433 23.96 -1.19 12.80
CA GLY B 433 24.82 -1.79 11.79
C GLY B 433 25.82 -0.78 11.25
N PRO B 434 25.50 -0.08 10.14
CA PRO B 434 24.25 -0.22 9.39
C PRO B 434 24.15 -1.51 8.58
N THR B 435 25.30 -2.07 8.21
CA THR B 435 25.29 -3.28 7.42
C THR B 435 24.65 -4.44 8.17
N SER B 436 23.33 -4.47 8.15
CA SER B 436 22.55 -5.48 8.84
C SER B 436 21.11 -5.42 8.33
N ARG B 437 20.23 -6.18 8.97
CA ARG B 437 18.81 -6.23 8.58
C ARG B 437 17.91 -6.63 9.74
N VAL B 438 16.71 -6.06 9.79
CA VAL B 438 15.75 -6.39 10.84
C VAL B 438 14.71 -7.34 10.29
N PRO B 439 14.44 -8.43 11.03
CA PRO B 439 13.44 -9.39 10.57
C PRO B 439 12.06 -8.91 10.99
N ALA B 440 11.02 -9.55 10.46
CA ALA B 440 9.66 -9.18 10.83
C ALA B 440 9.09 -10.26 11.75
N VAL B 441 9.51 -10.22 13.01
CA VAL B 441 9.05 -11.20 13.98
C VAL B 441 8.48 -10.56 15.24
N LEU B 442 7.89 -11.37 16.10
CA LEU B 442 7.31 -10.86 17.34
C LEU B 442 8.38 -10.12 18.11
N ASP B 443 8.03 -8.91 18.55
CA ASP B 443 8.98 -8.10 19.29
C ASP B 443 8.17 -7.15 20.17
N LEU B 444 8.11 -7.43 21.47
CA LEU B 444 7.34 -6.60 22.37
C LEU B 444 7.84 -5.15 22.39
N ASP B 445 9.07 -4.92 21.93
CA ASP B 445 9.57 -3.56 21.88
C ASP B 445 8.72 -2.78 20.91
N VAL B 446 8.24 -3.46 19.87
CA VAL B 446 7.38 -2.86 18.86
C VAL B 446 5.94 -2.87 19.38
N ALA B 447 5.50 -4.05 19.84
CA ALA B 447 4.16 -4.20 20.37
C ALA B 447 3.88 -3.17 21.46
N TYR B 448 4.95 -2.78 22.16
CA TYR B 448 4.85 -1.82 23.24
C TYR B 448 4.23 -0.51 22.77
N PHE B 449 4.47 -0.16 21.52
CA PHE B 449 3.93 1.08 20.96
C PHE B 449 2.62 0.85 20.21
N THR B 450 2.60 -0.18 19.36
CA THR B 450 1.42 -0.47 18.55
C THR B 450 0.20 -0.73 19.42
N SER B 451 0.37 -1.47 20.51
CA SER B 451 -0.73 -1.80 21.40
C SER B 451 -1.27 -0.57 22.12
N ARG B 452 -0.49 0.51 22.12
CA ARG B 452 -0.92 1.74 22.77
C ARG B 452 -1.50 2.71 21.74
N GLY B 453 -1.50 2.29 20.48
CA GLY B 453 -2.05 3.13 19.44
C GLY B 453 -1.03 3.88 18.61
N ILE B 454 0.24 3.54 18.75
CA ILE B 454 1.28 4.20 17.98
C ILE B 454 1.81 3.23 16.94
N GLY B 455 1.78 3.65 15.67
CA GLY B 455 2.25 2.80 14.59
C GLY B 455 3.77 2.73 14.57
N VAL B 456 4.31 1.71 13.93
CA VAL B 456 5.77 1.55 13.84
C VAL B 456 6.19 1.20 12.43
N ALA B 457 7.27 1.83 11.96
CA ALA B 457 7.79 1.55 10.63
C ALA B 457 9.27 1.22 10.74
N ASP B 458 9.60 -0.06 10.65
CA ASP B 458 10.97 -0.55 10.73
C ASP B 458 11.58 -0.54 9.32
N VAL B 459 12.49 0.38 9.07
CA VAL B 459 13.07 0.51 7.74
C VAL B 459 14.40 -0.17 7.46
N ASN B 460 14.41 -1.06 6.47
CA ASN B 460 15.66 -1.72 6.07
C ASN B 460 16.22 -0.91 4.90
N TYR B 461 16.68 0.29 5.25
CA TYR B 461 17.23 1.25 4.32
C TYR B 461 18.41 0.75 3.50
N GLY B 462 18.71 1.46 2.42
CA GLY B 462 19.81 1.09 1.56
C GLY B 462 21.06 0.85 2.39
N GLY B 463 21.69 -0.30 2.17
CA GLY B 463 22.88 -0.64 2.91
C GLY B 463 22.61 -1.85 3.76
N SER B 464 21.33 -2.18 3.90
CA SER B 464 20.95 -3.34 4.70
C SER B 464 21.40 -4.61 4.01
N THR B 465 21.40 -5.70 4.76
CA THR B 465 21.80 -6.98 4.19
C THR B 465 20.56 -7.77 3.82
N GLY B 466 20.77 -8.97 3.28
CA GLY B 466 19.66 -9.82 2.88
C GLY B 466 19.09 -9.50 1.52
N TYR B 467 19.72 -8.56 0.80
CA TYR B 467 19.25 -8.18 -0.52
C TYR B 467 20.32 -8.11 -1.62
N GLY B 468 21.47 -8.73 -1.37
CA GLY B 468 22.52 -8.72 -2.37
C GLY B 468 23.56 -7.65 -2.16
N ARG B 469 24.78 -7.92 -2.61
CA ARG B 469 25.86 -6.97 -2.47
C ARG B 469 25.49 -5.59 -2.99
N ALA B 470 24.90 -5.53 -4.17
CA ALA B 470 24.52 -4.25 -4.78
C ALA B 470 23.77 -3.35 -3.80
N TYR B 471 22.73 -3.90 -3.17
CA TYR B 471 21.91 -3.15 -2.22
C TYR B 471 22.74 -2.78 -0.99
N ARG B 472 23.55 -3.74 -0.53
CA ARG B 472 24.42 -3.52 0.62
C ARG B 472 25.40 -2.38 0.34
N GLU B 473 25.92 -2.35 -0.88
CA GLU B 473 26.88 -1.33 -1.31
C GLU B 473 26.28 0.06 -1.48
N ARG B 474 24.97 0.14 -1.65
CA ARG B 474 24.32 1.43 -1.83
C ARG B 474 24.79 2.45 -0.82
N LEU B 475 25.10 1.98 0.38
CA LEU B 475 25.52 2.85 1.46
C LEU B 475 26.99 3.26 1.44
N ARG B 476 27.81 2.55 0.66
CA ARG B 476 29.22 2.89 0.57
C ARG B 476 29.40 4.38 0.27
N GLY B 477 30.05 5.09 1.18
CA GLY B 477 30.29 6.51 0.98
C GLY B 477 29.06 7.37 1.13
N ARG B 478 27.88 6.75 1.27
CA ARG B 478 26.64 7.49 1.38
C ARG B 478 26.00 7.54 2.78
N TRP B 479 26.76 7.14 3.81
CA TRP B 479 26.23 7.17 5.17
C TRP B 479 25.87 8.59 5.57
N GLY B 480 24.70 8.75 6.16
CA GLY B 480 24.26 10.08 6.54
C GLY B 480 23.37 10.65 5.45
N VAL B 481 23.35 9.97 4.31
CA VAL B 481 22.52 10.39 3.19
C VAL B 481 21.48 9.32 2.87
N VAL B 482 21.93 8.20 2.30
CA VAL B 482 21.03 7.11 1.93
C VAL B 482 20.18 6.58 3.08
N ASP B 483 20.79 6.33 4.24
CA ASP B 483 20.04 5.82 5.38
C ASP B 483 19.03 6.88 5.81
N VAL B 484 19.46 8.13 5.84
CA VAL B 484 18.57 9.22 6.22
C VAL B 484 17.43 9.42 5.22
N GLU B 485 17.77 9.47 3.93
CA GLU B 485 16.77 9.66 2.87
C GLU B 485 15.73 8.55 2.83
N ASP B 486 16.20 7.30 2.89
CA ASP B 486 15.30 6.17 2.84
C ASP B 486 14.29 6.14 3.99
N CYS B 487 14.75 6.39 5.21
CA CYS B 487 13.84 6.40 6.35
C CYS B 487 12.83 7.52 6.21
N ALA B 488 13.29 8.66 5.70
CA ALA B 488 12.42 9.82 5.53
C ALA B 488 11.41 9.57 4.40
N ALA B 489 11.84 8.84 3.38
CA ALA B 489 10.96 8.54 2.26
C ALA B 489 9.79 7.71 2.77
N VAL B 490 10.09 6.67 3.53
CA VAL B 490 9.05 5.81 4.07
C VAL B 490 8.15 6.64 4.97
N ALA B 491 8.76 7.50 5.75
CA ALA B 491 8.01 8.34 6.68
C ALA B 491 6.99 9.24 5.97
N THR B 492 7.42 9.97 4.95
CA THR B 492 6.49 10.85 4.26
C THR B 492 5.50 10.05 3.42
N ALA B 493 5.95 8.88 2.94
CA ALA B 493 5.09 8.03 2.15
C ALA B 493 3.87 7.61 2.96
N LEU B 494 4.10 7.27 4.22
CA LEU B 494 3.01 6.86 5.11
C LEU B 494 2.05 8.01 5.37
N ALA B 495 2.61 9.21 5.52
CA ALA B 495 1.80 10.39 5.79
C ALA B 495 1.01 10.77 4.55
N GLU B 496 1.70 10.71 3.41
CA GLU B 496 1.13 11.05 2.12
C GLU B 496 0.03 10.10 1.70
N GLU B 497 0.11 8.84 2.14
CA GLU B 497 -0.91 7.86 1.77
C GLU B 497 -2.07 7.82 2.74
N GLY B 498 -2.00 8.59 3.81
CA GLY B 498 -3.07 8.63 4.79
C GLY B 498 -2.95 7.59 5.89
N THR B 499 -1.78 6.95 6.00
CA THR B 499 -1.55 5.92 7.02
C THR B 499 -1.10 6.52 8.35
N ALA B 500 -0.19 7.48 8.28
CA ALA B 500 0.36 8.13 9.47
C ALA B 500 0.08 9.64 9.52
N ASP B 501 0.10 10.19 10.74
CA ASP B 501 -0.13 11.62 10.97
C ASP B 501 1.13 12.38 10.59
N ARG B 502 1.06 13.10 9.49
CA ARG B 502 2.18 13.87 8.98
C ARG B 502 2.90 14.68 10.07
N ALA B 503 2.14 15.11 11.07
CA ALA B 503 2.69 15.93 12.15
C ALA B 503 3.13 15.20 13.40
N ARG B 504 2.92 13.90 13.45
CA ARG B 504 3.31 13.15 14.62
C ARG B 504 4.17 11.96 14.25
N LEU B 505 5.28 12.24 13.57
CA LEU B 505 6.21 11.19 13.17
C LEU B 505 7.50 11.30 13.96
N ALA B 506 7.92 10.20 14.57
CA ALA B 506 9.16 10.18 15.33
C ALA B 506 10.18 9.27 14.67
N VAL B 507 11.45 9.55 14.90
CA VAL B 507 12.52 8.72 14.35
C VAL B 507 13.35 8.23 15.54
N ARG B 508 13.85 7.00 15.46
CA ARG B 508 14.65 6.47 16.56
C ARG B 508 15.50 5.31 16.10
N GLY B 509 16.61 5.09 16.81
CA GLY B 509 17.51 4.01 16.46
C GLY B 509 18.73 4.05 17.37
N GLY B 510 19.39 2.91 17.53
CA GLY B 510 20.56 2.86 18.38
C GLY B 510 21.81 2.63 17.56
N ALA B 511 22.97 2.99 18.13
CA ALA B 511 24.24 2.84 17.43
C ALA B 511 24.12 3.49 16.05
N ALA B 512 24.29 2.71 14.98
CA ALA B 512 24.18 3.26 13.63
C ALA B 512 22.78 3.87 13.46
N GLY B 513 21.79 3.20 14.06
CA GLY B 513 20.42 3.68 13.98
C GLY B 513 20.30 5.01 14.71
N GLY B 514 21.16 5.20 15.70
CA GLY B 514 21.16 6.44 16.47
C GLY B 514 21.73 7.54 15.61
N TRP B 515 22.79 7.21 14.86
CA TRP B 515 23.41 8.16 13.96
C TRP B 515 22.37 8.62 12.94
N THR B 516 21.61 7.68 12.39
CA THR B 516 20.59 8.03 11.41
C THR B 516 19.53 8.94 12.04
N ALA B 517 19.07 8.56 13.23
CA ALA B 517 18.05 9.34 13.95
C ALA B 517 18.53 10.76 14.17
N ALA B 518 19.71 10.89 14.76
CA ALA B 518 20.27 12.20 15.03
C ALA B 518 20.40 12.96 13.71
N SER B 519 21.05 12.33 12.73
CA SER B 519 21.23 12.95 11.42
C SER B 519 19.87 13.43 10.90
N SER B 520 18.85 12.60 11.05
CA SER B 520 17.51 12.95 10.61
C SER B 520 16.99 14.20 11.30
N LEU B 521 17.28 14.34 12.59
CA LEU B 521 16.83 15.51 13.33
C LEU B 521 17.61 16.76 12.94
N VAL B 522 18.82 16.56 12.44
CA VAL B 522 19.68 17.65 12.03
C VAL B 522 19.51 18.09 10.58
N SER B 523 19.52 17.13 9.65
CA SER B 523 19.41 17.47 8.24
C SER B 523 18.02 17.37 7.57
N THR B 524 16.97 17.18 8.35
CA THR B 524 15.62 17.13 7.76
C THR B 524 14.65 17.81 8.72
N ASP B 525 13.41 17.93 8.31
CA ASP B 525 12.38 18.57 9.11
C ASP B 525 11.14 17.68 9.09
N VAL B 526 11.36 16.38 8.94
CA VAL B 526 10.25 15.45 8.87
C VAL B 526 9.67 15.00 10.21
N TYR B 527 10.54 14.75 11.18
CA TYR B 527 10.08 14.25 12.47
C TYR B 527 9.78 15.28 13.56
N ALA B 528 8.76 14.98 14.35
CA ALA B 528 8.34 15.84 15.43
C ALA B 528 9.25 15.65 16.65
N CYS B 529 10.02 14.57 16.64
CA CYS B 529 10.94 14.28 17.73
C CYS B 529 11.72 13.02 17.43
N GLY B 530 12.69 12.71 18.29
CA GLY B 530 13.49 11.52 18.07
C GLY B 530 14.16 10.94 19.29
N THR B 531 14.45 9.66 19.23
CA THR B 531 15.10 8.96 20.32
C THR B 531 16.42 8.41 19.77
N VAL B 532 17.52 8.85 20.36
CA VAL B 532 18.84 8.44 19.92
C VAL B 532 19.58 7.63 20.98
N LEU B 533 19.86 6.38 20.67
CA LEU B 533 20.57 5.50 21.60
C LEU B 533 22.01 5.23 21.19
N TYR B 534 22.92 5.36 22.16
CA TYR B 534 24.35 5.12 21.96
C TYR B 534 24.77 5.29 20.50
N PRO B 535 24.64 6.52 19.99
CA PRO B 535 24.95 6.94 18.61
C PRO B 535 26.37 7.34 18.29
N VAL B 536 26.59 7.56 17.00
CA VAL B 536 27.86 8.03 16.50
C VAL B 536 27.50 9.45 16.10
N LEU B 537 28.09 10.43 16.78
CA LEU B 537 27.78 11.83 16.49
C LEU B 537 29.01 12.62 16.09
N ASP B 538 30.17 12.24 16.63
CA ASP B 538 31.43 12.92 16.36
C ASP B 538 32.33 12.01 15.52
N LEU B 539 32.35 12.26 14.21
CA LEU B 539 33.15 11.46 13.29
C LEU B 539 34.64 11.71 13.44
N LEU B 540 35.03 12.96 13.61
CA LEU B 540 36.44 13.27 13.80
C LEU B 540 36.98 12.58 15.06
N GLY B 541 36.16 12.51 16.09
CA GLY B 541 36.58 11.85 17.32
C GLY B 541 36.59 10.33 17.18
N TRP B 542 35.64 9.81 16.40
CA TRP B 542 35.51 8.38 16.16
C TRP B 542 36.65 7.87 15.30
N ALA B 543 37.05 8.69 14.34
CA ALA B 543 38.13 8.34 13.42
C ALA B 543 39.48 8.41 14.13
N ASP B 544 39.53 9.21 15.19
CA ASP B 544 40.75 9.39 15.96
C ASP B 544 40.79 8.51 17.21
N GLY B 545 40.89 7.20 16.99
CA GLY B 545 40.93 6.26 18.10
C GLY B 545 39.72 6.32 19.02
N GLY B 546 38.60 6.83 18.51
CA GLY B 546 37.40 6.95 19.31
C GLY B 546 36.45 5.76 19.33
N THR B 547 36.92 4.57 18.94
CA THR B 547 36.08 3.39 18.94
C THR B 547 36.96 2.13 18.94
N HIS B 548 36.34 0.97 19.15
CA HIS B 548 37.08 -0.28 19.17
C HIS B 548 37.72 -0.60 17.82
N ASP B 549 38.69 -1.50 17.85
CA ASP B 549 39.45 -1.88 16.66
C ASP B 549 38.63 -2.32 15.44
N PHE B 550 37.72 -3.27 15.66
CA PHE B 550 36.90 -3.82 14.58
C PHE B 550 36.23 -2.79 13.65
N GLU B 551 35.80 -1.66 14.20
CA GLU B 551 35.14 -0.64 13.38
C GLU B 551 35.91 0.67 13.30
N SER B 552 37.19 0.64 13.71
CA SER B 552 38.01 1.85 13.66
C SER B 552 38.25 2.36 12.25
N ARG B 553 37.81 1.60 11.26
CA ARG B 553 37.97 1.99 9.86
C ARG B 553 36.70 1.80 9.06
N TYR B 554 35.62 1.49 9.77
CA TYR B 554 34.32 1.27 9.14
C TYR B 554 33.92 2.54 8.38
N LEU B 555 34.44 3.69 8.80
CA LEU B 555 34.11 4.95 8.15
C LEU B 555 34.63 5.04 6.71
N ASP B 556 35.69 4.31 6.41
CA ASP B 556 36.20 4.34 5.06
C ASP B 556 35.11 3.88 4.10
N PHE B 557 34.41 2.83 4.50
CA PHE B 557 33.32 2.29 3.69
C PHE B 557 32.10 3.18 3.76
N LEU B 558 31.76 3.60 4.97
CA LEU B 558 30.59 4.44 5.21
C LEU B 558 30.61 5.84 4.60
N ILE B 559 31.70 6.57 4.78
CA ILE B 559 31.74 7.93 4.25
C ILE B 559 32.96 8.22 3.39
N GLY B 560 33.80 7.21 3.18
CA GLY B 560 35.00 7.40 2.38
C GLY B 560 36.20 7.59 3.29
N SER B 561 37.41 7.34 2.79
CA SER B 561 38.62 7.48 3.61
C SER B 561 38.88 8.94 3.98
N PHE B 562 39.64 9.14 5.05
CA PHE B 562 39.96 10.48 5.50
C PHE B 562 40.91 11.18 4.54
N GLU B 563 41.74 10.39 3.89
CA GLU B 563 42.70 10.93 2.95
C GLU B 563 41.98 11.53 1.74
N GLU B 564 40.97 10.83 1.24
CA GLU B 564 40.25 11.29 0.07
C GLU B 564 39.13 12.30 0.35
N PHE B 565 38.37 12.10 1.42
CA PHE B 565 37.29 13.04 1.74
C PHE B 565 37.37 13.49 3.20
N PRO B 566 38.37 14.30 3.53
CA PRO B 566 38.51 14.77 4.91
C PRO B 566 37.35 15.68 5.32
N GLU B 567 36.71 16.29 4.33
CA GLU B 567 35.60 17.20 4.59
C GLU B 567 34.38 16.50 5.15
N ARG B 568 34.01 15.37 4.54
CA ARG B 568 32.84 14.63 4.99
C ARG B 568 32.86 14.34 6.48
N TYR B 569 34.05 14.11 7.02
CA TYR B 569 34.21 13.83 8.44
C TYR B 569 33.71 14.95 9.33
N ARG B 570 33.57 16.14 8.75
CA ARG B 570 33.07 17.27 9.52
C ARG B 570 31.68 17.65 9.08
N ASP B 571 31.39 17.53 7.80
CA ASP B 571 30.06 17.91 7.31
C ASP B 571 28.97 16.89 7.59
N ARG B 572 29.30 15.60 7.50
CA ARG B 572 28.32 14.53 7.75
C ARG B 572 28.00 14.31 9.23
N ALA B 573 28.93 14.69 10.10
CA ALA B 573 28.77 14.51 11.54
C ALA B 573 27.64 15.33 12.14
N PRO B 574 26.72 14.65 12.85
CA PRO B 574 25.59 15.31 13.50
C PRO B 574 26.05 16.40 14.46
N LEU B 575 27.11 16.13 15.21
CA LEU B 575 27.65 17.10 16.16
C LEU B 575 27.92 18.45 15.51
N THR B 576 28.28 18.42 14.23
CA THR B 576 28.59 19.64 13.50
C THR B 576 27.40 20.58 13.34
N ARG B 577 26.21 20.04 13.17
CA ARG B 577 25.03 20.89 13.00
C ARG B 577 24.01 20.65 14.11
N ALA B 578 24.52 20.39 15.31
CA ALA B 578 23.67 20.13 16.46
C ALA B 578 22.68 21.26 16.72
N ASP B 579 23.08 22.47 16.42
CA ASP B 579 22.24 23.65 16.63
C ASP B 579 21.08 23.66 15.65
N ARG B 580 21.08 22.73 14.70
CA ARG B 580 20.00 22.68 13.72
C ARG B 580 18.86 21.77 14.19
N VAL B 581 19.02 21.16 15.35
CA VAL B 581 17.96 20.32 15.88
C VAL B 581 16.89 21.30 16.31
N ARG B 582 15.66 21.10 15.84
CA ARG B 582 14.57 22.01 16.17
C ARG B 582 13.44 21.36 16.97
N VAL B 583 13.44 20.03 17.02
CA VAL B 583 12.40 19.32 17.77
C VAL B 583 12.96 18.61 18.99
N PRO B 584 12.08 18.17 19.90
CA PRO B 584 12.48 17.47 21.13
C PRO B 584 13.15 16.12 20.86
N PHE B 585 14.04 15.71 21.76
CA PHE B 585 14.73 14.44 21.60
C PHE B 585 15.24 13.84 22.92
N LEU B 586 15.39 12.51 22.92
CA LEU B 586 15.88 11.77 24.08
C LEU B 586 17.18 11.04 23.74
N LEU B 587 18.19 11.17 24.60
CA LEU B 587 19.47 10.51 24.39
C LEU B 587 19.70 9.48 25.49
N LEU B 588 19.85 8.22 25.08
CA LEU B 588 20.09 7.11 26.01
C LEU B 588 21.51 6.61 25.75
N GLN B 589 22.26 6.34 26.83
CA GLN B 589 23.64 5.91 26.67
C GLN B 589 24.22 5.01 27.77
N GLY B 590 25.03 4.04 27.36
CA GLY B 590 25.68 3.15 28.30
C GLY B 590 27.03 3.77 28.65
N LEU B 591 27.38 3.78 29.93
CA LEU B 591 28.65 4.38 30.34
C LEU B 591 29.90 3.53 30.09
N GLU B 592 29.73 2.24 29.81
CA GLU B 592 30.89 1.38 29.56
C GLU B 592 30.97 1.02 28.07
N ASP B 593 30.27 1.79 27.24
CA ASP B 593 30.23 1.53 25.81
C ASP B 593 31.55 1.74 25.07
N PRO B 594 32.24 0.65 24.72
CA PRO B 594 33.52 0.70 24.01
C PRO B 594 33.36 0.98 22.51
N VAL B 595 32.17 0.73 21.97
CA VAL B 595 31.91 0.95 20.55
C VAL B 595 31.54 2.40 20.26
N CYS B 596 30.66 2.95 21.10
CA CYS B 596 30.23 4.34 20.97
C CYS B 596 30.40 4.98 22.35
N PRO B 597 31.61 5.51 22.63
CA PRO B 597 31.93 6.16 23.91
C PRO B 597 30.93 7.25 24.30
N PRO B 598 30.55 7.28 25.58
CA PRO B 598 29.60 8.29 26.07
C PRO B 598 30.09 9.71 25.83
N GLU B 599 31.35 9.84 25.47
CA GLU B 599 31.93 11.16 25.17
C GLU B 599 31.14 11.77 24.01
N GLN B 600 30.79 10.93 23.04
CA GLN B 600 30.01 11.35 21.88
C GLN B 600 28.79 12.13 22.35
N CYS B 601 28.07 11.59 23.32
CA CYS B 601 26.87 12.23 23.84
C CYS B 601 27.12 13.52 24.60
N ASP B 602 28.22 13.58 25.32
CA ASP B 602 28.52 14.77 26.10
C ASP B 602 28.80 15.96 25.17
N ARG B 603 29.63 15.75 24.16
CA ARG B 603 29.96 16.83 23.22
C ARG B 603 28.71 17.33 22.51
N PHE B 604 27.81 16.42 22.15
CA PHE B 604 26.59 16.79 21.45
C PHE B 604 25.71 17.66 22.34
N LEU B 605 25.45 17.18 23.55
CA LEU B 605 24.64 17.91 24.51
C LEU B 605 25.19 19.32 24.72
N GLU B 606 26.53 19.42 24.74
CA GLU B 606 27.20 20.70 24.91
C GLU B 606 26.76 21.59 23.77
N ALA B 607 26.98 21.11 22.55
CA ALA B 607 26.65 21.83 21.33
C ALA B 607 25.22 22.33 21.23
N VAL B 608 24.27 21.65 21.86
CA VAL B 608 22.88 22.09 21.78
C VAL B 608 22.46 22.94 22.98
N ALA B 609 23.21 22.84 24.08
CA ALA B 609 22.88 23.62 25.27
C ALA B 609 22.69 25.09 24.90
N GLY B 610 21.57 25.66 25.31
CA GLY B 610 21.30 27.06 25.02
C GLY B 610 20.53 27.32 23.73
N CYS B 611 20.13 26.27 23.01
CA CYS B 611 19.39 26.45 21.77
C CYS B 611 17.87 26.41 21.96
N GLY B 612 17.43 26.25 23.22
CA GLY B 612 16.01 26.22 23.51
C GLY B 612 15.22 25.00 23.05
N VAL B 613 15.88 23.88 22.83
CA VAL B 613 15.20 22.67 22.39
C VAL B 613 15.04 21.69 23.55
N PRO B 614 13.79 21.39 23.93
CA PRO B 614 13.54 20.46 25.04
C PRO B 614 14.24 19.13 24.78
N HIS B 615 14.98 18.62 25.75
CA HIS B 615 15.66 17.34 25.56
C HIS B 615 16.09 16.71 26.88
N ALA B 616 16.26 15.39 26.86
CA ALA B 616 16.67 14.65 28.04
C ALA B 616 17.84 13.74 27.72
N TYR B 617 18.61 13.38 28.73
CA TYR B 617 19.75 12.48 28.56
C TYR B 617 19.81 11.54 29.75
N LEU B 618 19.87 10.25 29.46
CA LEU B 618 19.95 9.26 30.51
C LEU B 618 21.12 8.35 30.22
N SER B 619 22.05 8.26 31.17
CA SER B 619 23.21 7.40 31.00
C SER B 619 23.10 6.30 32.07
N PHE B 620 23.67 5.15 31.77
CA PHE B 620 23.59 4.03 32.71
C PHE B 620 24.93 3.41 33.03
N GLU B 621 25.17 3.17 34.31
CA GLU B 621 26.40 2.54 34.74
C GLU B 621 26.18 1.05 34.61
N GLY B 622 27.21 0.31 34.21
CA GLY B 622 27.07 -1.13 34.10
C GLY B 622 26.51 -1.63 32.79
N GLU B 623 26.36 -0.73 31.82
CA GLU B 623 25.86 -1.09 30.51
C GLU B 623 26.88 -0.67 29.47
N GLY B 624 27.16 -1.57 28.54
CA GLY B 624 28.12 -1.27 27.49
C GLY B 624 27.42 -0.76 26.24
N HIS B 625 27.67 -1.42 25.11
CA HIS B 625 27.05 -1.01 23.87
C HIS B 625 25.79 -1.84 23.75
N GLY B 626 24.66 -1.24 24.14
CA GLY B 626 23.40 -1.95 24.10
C GLY B 626 23.05 -2.31 25.54
N PHE B 627 21.80 -2.08 25.92
CA PHE B 627 21.34 -2.35 27.29
C PHE B 627 20.98 -3.82 27.51
N ARG B 628 21.48 -4.40 28.60
CA ARG B 628 21.22 -5.80 28.91
C ARG B 628 20.50 -6.07 30.22
N ARG B 629 20.61 -5.15 31.17
CA ARG B 629 19.96 -5.32 32.47
C ARG B 629 18.48 -4.94 32.37
N LYS B 630 17.62 -5.74 32.99
CA LYS B 630 16.18 -5.49 32.97
C LYS B 630 15.83 -4.07 33.41
N GLU B 631 16.30 -3.68 34.59
CA GLU B 631 15.99 -2.35 35.12
C GLU B 631 16.35 -1.23 34.16
N THR B 632 17.47 -1.41 33.46
CA THR B 632 17.95 -0.43 32.49
C THR B 632 16.97 -0.28 31.34
N MET B 633 16.55 -1.41 30.80
CA MET B 633 15.62 -1.43 29.68
C MET B 633 14.32 -0.73 30.04
N VAL B 634 13.83 -0.99 31.25
CA VAL B 634 12.59 -0.38 31.69
C VAL B 634 12.65 1.14 31.70
N ARG B 635 13.73 1.71 32.26
CA ARG B 635 13.84 3.16 32.29
C ARG B 635 13.96 3.69 30.88
N ALA B 636 14.68 2.98 30.03
CA ALA B 636 14.87 3.40 28.65
C ALA B 636 13.56 3.44 27.88
N LEU B 637 12.82 2.35 27.90
CA LEU B 637 11.55 2.28 27.20
C LEU B 637 10.55 3.32 27.68
N GLU B 638 10.30 3.35 28.98
CA GLU B 638 9.34 4.29 29.53
C GLU B 638 9.74 5.73 29.23
N ALA B 639 11.03 6.02 29.26
CA ALA B 639 11.51 7.36 28.97
C ALA B 639 11.12 7.71 27.54
N GLU B 640 11.39 6.78 26.62
CA GLU B 640 11.05 6.99 25.22
C GLU B 640 9.54 7.21 25.03
N LEU B 641 8.72 6.35 25.61
CA LEU B 641 7.28 6.49 25.48
C LEU B 641 6.82 7.84 25.99
N SER B 642 7.44 8.32 27.06
CA SER B 642 7.08 9.61 27.65
C SER B 642 7.42 10.77 26.71
N LEU B 643 8.54 10.67 26.02
CA LEU B 643 8.93 11.71 25.08
C LEU B 643 7.83 11.79 24.03
N TYR B 644 7.44 10.62 23.51
CA TYR B 644 6.40 10.55 22.50
C TYR B 644 5.08 11.06 23.04
N ALA B 645 4.74 10.63 24.25
CA ALA B 645 3.50 11.07 24.87
C ALA B 645 3.41 12.60 24.92
N GLN B 646 4.45 13.23 25.47
CA GLN B 646 4.44 14.68 25.57
C GLN B 646 4.39 15.38 24.21
N VAL B 647 5.21 14.93 23.27
CA VAL B 647 5.25 15.56 21.95
C VAL B 647 3.99 15.32 21.12
N PHE B 648 3.44 14.10 21.19
CA PHE B 648 2.24 13.79 20.42
C PHE B 648 0.97 14.20 21.13
N GLY B 649 1.10 14.75 22.33
CA GLY B 649 -0.08 15.19 23.06
C GLY B 649 -0.98 14.09 23.60
N VAL B 650 -0.38 12.99 24.04
CA VAL B 650 -1.16 11.89 24.59
C VAL B 650 -0.77 11.71 26.06
N GLU B 651 -1.55 10.95 26.81
CA GLU B 651 -1.22 10.77 28.21
C GLU B 651 -1.07 9.31 28.57
N VAL B 652 0.05 8.72 28.21
CA VAL B 652 0.32 7.32 28.51
C VAL B 652 0.23 7.05 30.00
N ALA B 653 -0.54 6.03 30.36
CA ALA B 653 -0.69 5.66 31.76
C ALA B 653 0.39 4.65 32.14
N GLY B 654 0.82 4.70 33.39
CA GLY B 654 1.83 3.76 33.86
C GLY B 654 3.29 4.14 33.70
N VAL B 655 3.59 5.22 32.99
CA VAL B 655 5.00 5.60 32.83
C VAL B 655 5.34 6.93 33.50
N PRO B 656 6.50 6.98 34.17
CA PRO B 656 6.90 8.22 34.84
C PRO B 656 7.12 9.30 33.78
N LEU B 657 7.02 10.56 34.18
CA LEU B 657 7.18 11.66 33.25
C LEU B 657 8.61 12.09 32.96
N LEU B 658 9.08 11.80 31.75
CA LEU B 658 10.43 12.18 31.36
C LEU B 658 10.57 13.71 31.40
N LYS B 659 11.49 14.20 32.22
CA LYS B 659 11.68 15.64 32.34
C LYS B 659 12.51 16.21 31.20
N LEU B 660 11.85 17.02 30.37
CA LEU B 660 12.53 17.64 29.23
C LEU B 660 12.99 19.05 29.62
N GLY B 661 14.20 19.39 29.22
CA GLY B 661 14.75 20.71 29.53
C GLY B 661 15.47 21.30 28.34
N GLU B 662 15.54 22.61 28.27
CA GLU B 662 16.19 23.28 27.14
C GLU B 662 17.65 23.65 27.41
N PRO C 1 -26.79 7.42 -26.34
CA PRO C 1 -26.78 8.75 -25.69
C PRO C 1 -27.34 8.72 -24.26
N GLY C 2 -26.79 9.44 -23.40
N PRO D 1 28.43 0.52 14.00
CA PRO D 1 27.98 0.51 15.41
C PRO D 1 26.69 -0.27 15.58
N GLY D 2 26.59 -1.05 16.56
S SO4 E . -12.26 5.82 -38.09
O1 SO4 E . -10.79 5.90 -37.91
O2 SO4 E . -12.91 6.93 -37.37
O3 SO4 E . -12.77 4.54 -37.56
O4 SO4 E . -12.59 5.91 -39.52
S SO4 F . -4.08 -15.25 -19.56
O1 SO4 F . -2.81 -15.80 -19.05
O2 SO4 F . -4.10 -13.78 -19.34
O3 SO4 F . -5.21 -15.87 -18.85
O4 SO4 F . -4.18 -15.51 -21.01
S SO4 G . 16.36 5.45 -19.83
O1 SO4 G . 17.25 5.72 -18.68
O2 SO4 G . 15.03 5.06 -19.32
O3 SO4 G . 16.93 4.34 -20.64
O4 SO4 G . 16.24 6.67 -20.65
S SO4 H . -32.26 -3.40 -10.54
O1 SO4 H . -31.73 -2.51 -9.47
O2 SO4 H . -33.44 -2.78 -11.16
O3 SO4 H . -32.64 -4.69 -9.93
O4 SO4 H . -31.22 -3.59 -11.57
S SO4 I . -33.59 -13.55 -18.07
O1 SO4 I . -32.29 -13.65 -17.38
O2 SO4 I . -33.94 -12.13 -18.24
O3 SO4 I . -34.62 -14.23 -17.26
O4 SO4 I . -33.53 -14.22 -19.38
S SO4 J . -18.86 10.30 -10.51
O1 SO4 J . -17.50 10.81 -10.82
O2 SO4 J . -19.08 10.37 -9.05
O3 SO4 J . -18.97 8.88 -10.95
O4 SO4 J . -19.86 11.11 -11.21
S SO4 K . 28.29 -14.55 -12.39
O1 SO4 K . 29.31 -14.55 -11.32
O2 SO4 K . 27.24 -13.56 -12.09
O3 SO4 K . 27.70 -15.89 -12.49
O4 SO4 K . 28.94 -14.20 -13.66
S SO4 L . 46.86 -1.28 10.29
O1 SO4 L . 48.06 -0.55 10.73
O2 SO4 L . 45.65 -0.52 10.67
O3 SO4 L . 46.83 -2.61 10.92
O4 SO4 L . 46.88 -1.45 8.81
S SO4 M . 54.02 -34.09 9.30
O1 SO4 M . 55.32 -33.45 9.60
O2 SO4 M . 52.93 -33.27 9.85
O3 SO4 M . 53.96 -35.43 9.89
O4 SO4 M . 53.84 -34.19 7.83
S SO4 N . 45.56 2.35 4.74
O1 SO4 N . 46.99 2.29 4.43
O2 SO4 N . 45.17 3.76 4.99
O3 SO4 N . 45.29 1.55 5.95
O4 SO4 N . 44.76 1.82 3.62
#